data_1JHJ
# 
_entry.id   1JHJ 
# 
_audit_conform.dict_name       mmcif_pdbx.dic 
_audit_conform.dict_version    5.392 
_audit_conform.dict_location   http://mmcif.pdb.org/dictionaries/ascii/mmcif_pdbx.dic 
# 
loop_
_database_2.database_id 
_database_2.database_code 
_database_2.pdbx_database_accession 
_database_2.pdbx_DOI 
PDB   1JHJ         pdb_00001jhj 10.2210/pdb1jhj/pdb 
RCSB  RCSB013778   ?            ?                   
WWPDB D_1000013778 ?            ?                   
# 
loop_
_pdbx_audit_revision_history.ordinal 
_pdbx_audit_revision_history.data_content_type 
_pdbx_audit_revision_history.major_revision 
_pdbx_audit_revision_history.minor_revision 
_pdbx_audit_revision_history.revision_date 
1 'Structure model' 1 0 2001-10-24 
2 'Structure model' 1 1 2008-04-27 
3 'Structure model' 1 2 2011-07-13 
4 'Structure model' 1 3 2017-03-29 
5 'Structure model' 1 4 2021-11-10 
6 'Structure model' 1 5 2022-04-13 
7 'Structure model' 1 6 2024-05-29 
# 
_pdbx_audit_revision_details.ordinal             1 
_pdbx_audit_revision_details.revision_ordinal    1 
_pdbx_audit_revision_details.data_content_type   'Structure model' 
_pdbx_audit_revision_details.provider            repository 
_pdbx_audit_revision_details.type                'Initial release' 
_pdbx_audit_revision_details.description         ? 
_pdbx_audit_revision_details.details             ? 
# 
loop_
_pdbx_audit_revision_group.ordinal 
_pdbx_audit_revision_group.revision_ordinal 
_pdbx_audit_revision_group.data_content_type 
_pdbx_audit_revision_group.group 
1 2 'Structure model' 'Version format compliance' 
2 3 'Structure model' 'Version format compliance' 
3 4 'Structure model' 'Refinement description'    
4 5 'Structure model' 'Database references'       
5 5 'Structure model' 'Derived calculations'      
6 6 'Structure model' 'Database references'       
7 7 'Structure model' 'Data collection'           
# 
loop_
_pdbx_audit_revision_category.ordinal 
_pdbx_audit_revision_category.revision_ordinal 
_pdbx_audit_revision_category.data_content_type 
_pdbx_audit_revision_category.category 
1 5 'Structure model' database_2             
2 5 'Structure model' pdbx_struct_conn_angle 
3 5 'Structure model' struct_conn            
4 5 'Structure model' struct_ref_seq_dif     
5 5 'Structure model' struct_site            
6 6 'Structure model' citation               
7 7 'Structure model' chem_comp_atom         
8 7 'Structure model' chem_comp_bond         
# 
loop_
_pdbx_audit_revision_item.ordinal 
_pdbx_audit_revision_item.revision_ordinal 
_pdbx_audit_revision_item.data_content_type 
_pdbx_audit_revision_item.item 
1  5 'Structure model' '_database_2.pdbx_DOI'                        
2  5 'Structure model' '_database_2.pdbx_database_accession'         
3  5 'Structure model' '_pdbx_struct_conn_angle.ptnr1_auth_comp_id'  
4  5 'Structure model' '_pdbx_struct_conn_angle.ptnr1_auth_seq_id'   
5  5 'Structure model' '_pdbx_struct_conn_angle.ptnr1_label_asym_id' 
6  5 'Structure model' '_pdbx_struct_conn_angle.ptnr1_label_atom_id' 
7  5 'Structure model' '_pdbx_struct_conn_angle.ptnr1_label_comp_id' 
8  5 'Structure model' '_pdbx_struct_conn_angle.ptnr1_label_seq_id'  
9  5 'Structure model' '_pdbx_struct_conn_angle.ptnr1_symmetry'      
10 5 'Structure model' '_pdbx_struct_conn_angle.ptnr3_auth_comp_id'  
11 5 'Structure model' '_pdbx_struct_conn_angle.ptnr3_auth_seq_id'   
12 5 'Structure model' '_pdbx_struct_conn_angle.ptnr3_label_asym_id' 
13 5 'Structure model' '_pdbx_struct_conn_angle.ptnr3_label_atom_id' 
14 5 'Structure model' '_pdbx_struct_conn_angle.ptnr3_label_comp_id' 
15 5 'Structure model' '_pdbx_struct_conn_angle.ptnr3_label_seq_id'  
16 5 'Structure model' '_pdbx_struct_conn_angle.ptnr3_symmetry'      
17 5 'Structure model' '_pdbx_struct_conn_angle.value'               
18 5 'Structure model' '_struct_conn.pdbx_dist_value'                
19 5 'Structure model' '_struct_conn.ptnr1_auth_comp_id'             
20 5 'Structure model' '_struct_conn.ptnr1_auth_seq_id'              
21 5 'Structure model' '_struct_conn.ptnr1_label_asym_id'            
22 5 'Structure model' '_struct_conn.ptnr1_label_atom_id'            
23 5 'Structure model' '_struct_conn.ptnr1_label_comp_id'            
24 5 'Structure model' '_struct_conn.ptnr1_label_seq_id'             
25 5 'Structure model' '_struct_conn.ptnr1_symmetry'                 
26 5 'Structure model' '_struct_conn.ptnr2_auth_comp_id'             
27 5 'Structure model' '_struct_conn.ptnr2_auth_seq_id'              
28 5 'Structure model' '_struct_conn.ptnr2_label_asym_id'            
29 5 'Structure model' '_struct_conn.ptnr2_label_atom_id'            
30 5 'Structure model' '_struct_conn.ptnr2_label_comp_id'            
31 5 'Structure model' '_struct_conn.ptnr2_label_seq_id'             
32 5 'Structure model' '_struct_conn.ptnr2_symmetry'                 
33 5 'Structure model' '_struct_ref_seq_dif.details'                 
34 5 'Structure model' '_struct_site.pdbx_auth_asym_id'              
35 5 'Structure model' '_struct_site.pdbx_auth_comp_id'              
36 5 'Structure model' '_struct_site.pdbx_auth_seq_id'               
37 6 'Structure model' '_citation.title'                             
# 
_pdbx_database_status.status_code                     REL 
_pdbx_database_status.entry_id                        1JHJ 
_pdbx_database_status.recvd_initial_deposition_date   2001-06-28 
_pdbx_database_status.deposit_site                    RCSB 
_pdbx_database_status.process_site                    PDBJ 
_pdbx_database_status.SG_entry                        ? 
_pdbx_database_status.status_code_sf                  REL 
_pdbx_database_status.status_code_mr                  ? 
_pdbx_database_status.status_code_cs                  ? 
_pdbx_database_status.methods_development_category    ? 
_pdbx_database_status.pdb_format_compatible           Y 
_pdbx_database_status.status_code_nmr_data            ? 
# 
loop_
_audit_author.name 
_audit_author.pdbx_ordinal 
_audit_author.identifier_ORCID 
'Wendt, K.S.'      1 ? 
'Vodermaier, H.C.' 2 ? 
'Jacob, U.'        3 ? 
'Gieffers, C.'     4 ? 
'Gmachl, M.'       5 ? 
'Peters, J.-M.'    6 ? 
'Huber, R.'        7 ? 
'Sondermann, P.'   8 ? 
# 
_citation.id                        primary 
_citation.title                     'Crystal structure of the APC10/DOC1 subunit of the human anaphase-promoting complex' 
_citation.journal_abbrev            Nat.Struct.Biol. 
_citation.journal_volume            8 
_citation.page_first                784 
_citation.page_last                 788 
_citation.year                      2001 
_citation.journal_id_ASTM           NSBIEW 
_citation.country                   US 
_citation.journal_id_ISSN           1072-8368 
_citation.journal_id_CSD            2024 
_citation.book_publisher            ? 
_citation.pdbx_database_id_PubMed   11524682 
_citation.pdbx_database_id_DOI      10.1038/nsb0901-784 
# 
loop_
_citation_author.citation_id 
_citation_author.name 
_citation_author.ordinal 
_citation_author.identifier_ORCID 
primary 'Wendt, K.S.'      1 ? 
primary 'Vodermaier, H.C.' 2 ? 
primary 'Jacob, U.'        3 ? 
primary 'Gieffers, C.'     4 ? 
primary 'Gmachl, M.'       5 ? 
primary 'Peters, J.M.'     6 ? 
primary 'Huber, R.'        7 ? 
primary 'Sondermann, P.'   8 ? 
# 
loop_
_entity.id 
_entity.type 
_entity.src_method 
_entity.pdbx_description 
_entity.formula_weight 
_entity.pdbx_number_of_molecules 
_entity.pdbx_ec 
_entity.pdbx_mutation 
_entity.pdbx_fragment 
_entity.details 
1 polymer     man APC10             19499.959 1   ? T2A ? ? 
2 non-polymer syn 'NICKEL (II) ION' 58.693    1   ? ?   ? ? 
3 water       nat water             18.015    157 ? ?   ? ? 
# 
_entity_poly.entity_id                      1 
_entity_poly.type                           'polypeptide(L)' 
_entity_poly.nstd_linkage                   no 
_entity_poly.nstd_monomer                   no 
_entity_poly.pdbx_seq_one_letter_code       
;ATPNKTPPGADPKQLERTGTVREIGSQAVWSLSSCKPGFGVDQLRDDNLETYWQSDGSQPHLVNIQFRRKTTVKTLCIYA
DYKSDESYTPSKISVRVGNNFHNLQEIRQLELVEPSGWIHVPLTDNHKKPTRTFMIQIAVLANHQNGRDTHMRQIKIYTP
VEESSIGKFPR
;
_entity_poly.pdbx_seq_one_letter_code_can   
;ATPNKTPPGADPKQLERTGTVREIGSQAVWSLSSCKPGFGVDQLRDDNLETYWQSDGSQPHLVNIQFRRKTTVKTLCIYA
DYKSDESYTPSKISVRVGNNFHNLQEIRQLELVEPSGWIHVPLTDNHKKPTRTFMIQIAVLANHQNGRDTHMRQIKIYTP
VEESSIGKFPR
;
_entity_poly.pdbx_strand_id                 A 
_entity_poly.pdbx_target_identifier         ? 
# 
loop_
_pdbx_entity_nonpoly.entity_id 
_pdbx_entity_nonpoly.name 
_pdbx_entity_nonpoly.comp_id 
2 'NICKEL (II) ION' NI  
3 water             HOH 
# 
loop_
_entity_poly_seq.entity_id 
_entity_poly_seq.num 
_entity_poly_seq.mon_id 
_entity_poly_seq.hetero 
1 1   ALA n 
1 2   THR n 
1 3   PRO n 
1 4   ASN n 
1 5   LYS n 
1 6   THR n 
1 7   PRO n 
1 8   PRO n 
1 9   GLY n 
1 10  ALA n 
1 11  ASP n 
1 12  PRO n 
1 13  LYS n 
1 14  GLN n 
1 15  LEU n 
1 16  GLU n 
1 17  ARG n 
1 18  THR n 
1 19  GLY n 
1 20  THR n 
1 21  VAL n 
1 22  ARG n 
1 23  GLU n 
1 24  ILE n 
1 25  GLY n 
1 26  SER n 
1 27  GLN n 
1 28  ALA n 
1 29  VAL n 
1 30  TRP n 
1 31  SER n 
1 32  LEU n 
1 33  SER n 
1 34  SER n 
1 35  CYS n 
1 36  LYS n 
1 37  PRO n 
1 38  GLY n 
1 39  PHE n 
1 40  GLY n 
1 41  VAL n 
1 42  ASP n 
1 43  GLN n 
1 44  LEU n 
1 45  ARG n 
1 46  ASP n 
1 47  ASP n 
1 48  ASN n 
1 49  LEU n 
1 50  GLU n 
1 51  THR n 
1 52  TYR n 
1 53  TRP n 
1 54  GLN n 
1 55  SER n 
1 56  ASP n 
1 57  GLY n 
1 58  SER n 
1 59  GLN n 
1 60  PRO n 
1 61  HIS n 
1 62  LEU n 
1 63  VAL n 
1 64  ASN n 
1 65  ILE n 
1 66  GLN n 
1 67  PHE n 
1 68  ARG n 
1 69  ARG n 
1 70  LYS n 
1 71  THR n 
1 72  THR n 
1 73  VAL n 
1 74  LYS n 
1 75  THR n 
1 76  LEU n 
1 77  CYS n 
1 78  ILE n 
1 79  TYR n 
1 80  ALA n 
1 81  ASP n 
1 82  TYR n 
1 83  LYS n 
1 84  SER n 
1 85  ASP n 
1 86  GLU n 
1 87  SER n 
1 88  TYR n 
1 89  THR n 
1 90  PRO n 
1 91  SER n 
1 92  LYS n 
1 93  ILE n 
1 94  SER n 
1 95  VAL n 
1 96  ARG n 
1 97  VAL n 
1 98  GLY n 
1 99  ASN n 
1 100 ASN n 
1 101 PHE n 
1 102 HIS n 
1 103 ASN n 
1 104 LEU n 
1 105 GLN n 
1 106 GLU n 
1 107 ILE n 
1 108 ARG n 
1 109 GLN n 
1 110 LEU n 
1 111 GLU n 
1 112 LEU n 
1 113 VAL n 
1 114 GLU n 
1 115 PRO n 
1 116 SER n 
1 117 GLY n 
1 118 TRP n 
1 119 ILE n 
1 120 HIS n 
1 121 VAL n 
1 122 PRO n 
1 123 LEU n 
1 124 THR n 
1 125 ASP n 
1 126 ASN n 
1 127 HIS n 
1 128 LYS n 
1 129 LYS n 
1 130 PRO n 
1 131 THR n 
1 132 ARG n 
1 133 THR n 
1 134 PHE n 
1 135 MET n 
1 136 ILE n 
1 137 GLN n 
1 138 ILE n 
1 139 ALA n 
1 140 VAL n 
1 141 LEU n 
1 142 ALA n 
1 143 ASN n 
1 144 HIS n 
1 145 GLN n 
1 146 ASN n 
1 147 GLY n 
1 148 ARG n 
1 149 ASP n 
1 150 THR n 
1 151 HIS n 
1 152 MET n 
1 153 ARG n 
1 154 GLN n 
1 155 ILE n 
1 156 LYS n 
1 157 ILE n 
1 158 TYR n 
1 159 THR n 
1 160 PRO n 
1 161 VAL n 
1 162 GLU n 
1 163 GLU n 
1 164 SER n 
1 165 SER n 
1 166 ILE n 
1 167 GLY n 
1 168 LYS n 
1 169 PHE n 
1 170 PRO n 
1 171 ARG n 
# 
_entity_src_gen.entity_id                          1 
_entity_src_gen.pdbx_src_id                        1 
_entity_src_gen.pdbx_alt_source_flag               sample 
_entity_src_gen.pdbx_seq_type                      ? 
_entity_src_gen.pdbx_beg_seq_num                   ? 
_entity_src_gen.pdbx_end_seq_num                   ? 
_entity_src_gen.gene_src_common_name               human 
_entity_src_gen.gene_src_genus                     Homo 
_entity_src_gen.pdbx_gene_src_gene                 ? 
_entity_src_gen.gene_src_species                   ? 
_entity_src_gen.gene_src_strain                    ? 
_entity_src_gen.gene_src_tissue                    ? 
_entity_src_gen.gene_src_tissue_fraction           ? 
_entity_src_gen.gene_src_details                   ? 
_entity_src_gen.pdbx_gene_src_fragment             ? 
_entity_src_gen.pdbx_gene_src_scientific_name      'Homo sapiens' 
_entity_src_gen.pdbx_gene_src_ncbi_taxonomy_id     9606 
_entity_src_gen.pdbx_gene_src_variant              ? 
_entity_src_gen.pdbx_gene_src_cell_line            ? 
_entity_src_gen.pdbx_gene_src_atcc                 ? 
_entity_src_gen.pdbx_gene_src_organ                ? 
_entity_src_gen.pdbx_gene_src_organelle            ? 
_entity_src_gen.pdbx_gene_src_cell                 ? 
_entity_src_gen.pdbx_gene_src_cellular_location    ? 
_entity_src_gen.host_org_common_name               ? 
_entity_src_gen.pdbx_host_org_scientific_name      'Escherichia coli' 
_entity_src_gen.pdbx_host_org_ncbi_taxonomy_id     562 
_entity_src_gen.host_org_genus                     Escherichia 
_entity_src_gen.pdbx_host_org_gene                 ? 
_entity_src_gen.pdbx_host_org_organ                ? 
_entity_src_gen.host_org_species                   ? 
_entity_src_gen.pdbx_host_org_tissue               ? 
_entity_src_gen.pdbx_host_org_tissue_fraction      ? 
_entity_src_gen.pdbx_host_org_strain               'B834(DE3)pUBS250' 
_entity_src_gen.pdbx_host_org_variant              ? 
_entity_src_gen.pdbx_host_org_cell_line            ? 
_entity_src_gen.pdbx_host_org_atcc                 ? 
_entity_src_gen.pdbx_host_org_culture_collection   ? 
_entity_src_gen.pdbx_host_org_cell                 ? 
_entity_src_gen.pdbx_host_org_organelle            ? 
_entity_src_gen.pdbx_host_org_cellular_location    ? 
_entity_src_gen.pdbx_host_org_vector_type          plasmid 
_entity_src_gen.pdbx_host_org_vector               ? 
_entity_src_gen.host_org_details                   ? 
_entity_src_gen.expression_system_id               ? 
_entity_src_gen.plasmid_name                       pET11d 
_entity_src_gen.plasmid_details                    ? 
_entity_src_gen.pdbx_description                   ? 
# 
loop_
_chem_comp.id 
_chem_comp.type 
_chem_comp.mon_nstd_flag 
_chem_comp.name 
_chem_comp.pdbx_synonyms 
_chem_comp.formula 
_chem_comp.formula_weight 
ALA 'L-peptide linking' y ALANINE           ? 'C3 H7 N O2'     89.093  
ARG 'L-peptide linking' y ARGININE          ? 'C6 H15 N4 O2 1' 175.209 
ASN 'L-peptide linking' y ASPARAGINE        ? 'C4 H8 N2 O3'    132.118 
ASP 'L-peptide linking' y 'ASPARTIC ACID'   ? 'C4 H7 N O4'     133.103 
CYS 'L-peptide linking' y CYSTEINE          ? 'C3 H7 N O2 S'   121.158 
GLN 'L-peptide linking' y GLUTAMINE         ? 'C5 H10 N2 O3'   146.144 
GLU 'L-peptide linking' y 'GLUTAMIC ACID'   ? 'C5 H9 N O4'     147.129 
GLY 'peptide linking'   y GLYCINE           ? 'C2 H5 N O2'     75.067  
HIS 'L-peptide linking' y HISTIDINE         ? 'C6 H10 N3 O2 1' 156.162 
HOH non-polymer         . WATER             ? 'H2 O'           18.015  
ILE 'L-peptide linking' y ISOLEUCINE        ? 'C6 H13 N O2'    131.173 
LEU 'L-peptide linking' y LEUCINE           ? 'C6 H13 N O2'    131.173 
LYS 'L-peptide linking' y LYSINE            ? 'C6 H15 N2 O2 1' 147.195 
MET 'L-peptide linking' y METHIONINE        ? 'C5 H11 N O2 S'  149.211 
NI  non-polymer         . 'NICKEL (II) ION' ? 'Ni 2'           58.693  
PHE 'L-peptide linking' y PHENYLALANINE     ? 'C9 H11 N O2'    165.189 
PRO 'L-peptide linking' y PROLINE           ? 'C5 H9 N O2'     115.130 
SER 'L-peptide linking' y SERINE            ? 'C3 H7 N O3'     105.093 
THR 'L-peptide linking' y THREONINE         ? 'C4 H9 N O3'     119.119 
TRP 'L-peptide linking' y TRYPTOPHAN        ? 'C11 H12 N2 O2'  204.225 
TYR 'L-peptide linking' y TYROSINE          ? 'C9 H11 N O3'    181.189 
VAL 'L-peptide linking' y VALINE            ? 'C5 H11 N O2'    117.146 
# 
loop_
_pdbx_poly_seq_scheme.asym_id 
_pdbx_poly_seq_scheme.entity_id 
_pdbx_poly_seq_scheme.seq_id 
_pdbx_poly_seq_scheme.mon_id 
_pdbx_poly_seq_scheme.ndb_seq_num 
_pdbx_poly_seq_scheme.pdb_seq_num 
_pdbx_poly_seq_scheme.auth_seq_num 
_pdbx_poly_seq_scheme.pdb_mon_id 
_pdbx_poly_seq_scheme.auth_mon_id 
_pdbx_poly_seq_scheme.pdb_strand_id 
_pdbx_poly_seq_scheme.pdb_ins_code 
_pdbx_poly_seq_scheme.hetero 
A 1 1   ALA 1   2   2   ALA ALA A . n 
A 1 2   THR 2   3   3   THR THR A . n 
A 1 3   PRO 3   4   4   PRO PRO A . n 
A 1 4   ASN 4   5   5   ASN ASN A . n 
A 1 5   LYS 5   6   6   LYS LYS A . n 
A 1 6   THR 6   7   7   THR THR A . n 
A 1 7   PRO 7   8   8   PRO PRO A . n 
A 1 8   PRO 8   9   9   PRO PRO A . n 
A 1 9   GLY 9   10  10  GLY GLY A . n 
A 1 10  ALA 10  11  11  ALA ALA A . n 
A 1 11  ASP 11  12  12  ASP ASP A . n 
A 1 12  PRO 12  13  13  PRO PRO A . n 
A 1 13  LYS 13  14  14  LYS LYS A . n 
A 1 14  GLN 14  15  15  GLN GLN A . n 
A 1 15  LEU 15  16  16  LEU LEU A . n 
A 1 16  GLU 16  17  17  GLU GLU A . n 
A 1 17  ARG 17  18  18  ARG ARG A . n 
A 1 18  THR 18  19  19  THR THR A . n 
A 1 19  GLY 19  20  20  GLY GLY A . n 
A 1 20  THR 20  21  21  THR THR A . n 
A 1 21  VAL 21  22  22  VAL VAL A . n 
A 1 22  ARG 22  23  23  ARG ARG A . n 
A 1 23  GLU 23  24  24  GLU GLU A . n 
A 1 24  ILE 24  25  25  ILE ILE A . n 
A 1 25  GLY 25  26  26  GLY GLY A . n 
A 1 26  SER 26  27  27  SER SER A . n 
A 1 27  GLN 27  28  28  GLN GLN A . n 
A 1 28  ALA 28  29  29  ALA ALA A . n 
A 1 29  VAL 29  30  30  VAL VAL A . n 
A 1 30  TRP 30  31  31  TRP TRP A . n 
A 1 31  SER 31  32  32  SER SER A . n 
A 1 32  LEU 32  33  33  LEU LEU A . n 
A 1 33  SER 33  34  34  SER SER A . n 
A 1 34  SER 34  35  35  SER SER A . n 
A 1 35  CYS 35  36  36  CYS CYS A . n 
A 1 36  LYS 36  37  37  LYS LYS A . n 
A 1 37  PRO 37  38  38  PRO PRO A . n 
A 1 38  GLY 38  39  39  GLY GLY A . n 
A 1 39  PHE 39  40  40  PHE PHE A . n 
A 1 40  GLY 40  41  41  GLY GLY A . n 
A 1 41  VAL 41  42  42  VAL VAL A . n 
A 1 42  ASP 42  43  43  ASP ASP A . n 
A 1 43  GLN 43  44  44  GLN GLN A . n 
A 1 44  LEU 44  45  45  LEU LEU A . n 
A 1 45  ARG 45  46  46  ARG ARG A . n 
A 1 46  ASP 46  47  47  ASP ASP A . n 
A 1 47  ASP 47  48  48  ASP ASP A . n 
A 1 48  ASN 48  49  49  ASN ASN A . n 
A 1 49  LEU 49  50  50  LEU LEU A . n 
A 1 50  GLU 50  51  51  GLU GLU A . n 
A 1 51  THR 51  52  52  THR THR A . n 
A 1 52  TYR 52  53  53  TYR TYR A . n 
A 1 53  TRP 53  54  54  TRP TRP A . n 
A 1 54  GLN 54  55  55  GLN GLN A . n 
A 1 55  SER 55  56  56  SER SER A . n 
A 1 56  ASP 56  57  57  ASP ASP A . n 
A 1 57  GLY 57  58  58  GLY GLY A . n 
A 1 58  SER 58  59  59  SER SER A . n 
A 1 59  GLN 59  60  60  GLN GLU A . n 
A 1 60  PRO 60  61  61  PRO CPR A . n 
A 1 61  HIS 61  62  62  HIS HIS A . n 
A 1 62  LEU 62  63  63  LEU LEU A . n 
A 1 63  VAL 63  64  64  VAL VAL A . n 
A 1 64  ASN 64  65  65  ASN ASN A . n 
A 1 65  ILE 65  66  66  ILE ILE A . n 
A 1 66  GLN 66  67  67  GLN GLN A . n 
A 1 67  PHE 67  68  68  PHE PHE A . n 
A 1 68  ARG 68  69  69  ARG ARG A . n 
A 1 69  ARG 69  70  70  ARG ARG A . n 
A 1 70  LYS 70  71  71  LYS LYS A . n 
A 1 71  THR 71  72  72  THR THR A . n 
A 1 72  THR 72  73  73  THR THR A . n 
A 1 73  VAL 73  74  74  VAL VAL A . n 
A 1 74  LYS 74  75  75  LYS LYS A . n 
A 1 75  THR 75  76  76  THR THR A . n 
A 1 76  LEU 76  77  77  LEU LEU A . n 
A 1 77  CYS 77  78  78  CYS CYS A . n 
A 1 78  ILE 78  79  79  ILE ILE A . n 
A 1 79  TYR 79  80  80  TYR TYR A . n 
A 1 80  ALA 80  81  81  ALA ALA A . n 
A 1 81  ASP 81  82  82  ASP ASP A . n 
A 1 82  TYR 82  83  83  TYR TYR A . n 
A 1 83  LYS 83  84  84  LYS LYS A . n 
A 1 84  SER 84  85  85  SER SER A . n 
A 1 85  ASP 85  86  86  ASP ASP A . n 
A 1 86  GLU 86  87  87  GLU GLU A . n 
A 1 87  SER 87  88  88  SER SER A . n 
A 1 88  TYR 88  89  89  TYR TYR A . n 
A 1 89  THR 89  90  90  THR THR A . n 
A 1 90  PRO 90  91  91  PRO PRO A . n 
A 1 91  SER 91  92  92  SER SER A . n 
A 1 92  LYS 92  93  93  LYS LYS A . n 
A 1 93  ILE 93  94  94  ILE ILE A . n 
A 1 94  SER 94  95  95  SER SER A . n 
A 1 95  VAL 95  96  96  VAL VAL A . n 
A 1 96  ARG 96  97  97  ARG ARG A . n 
A 1 97  VAL 97  98  98  VAL VAL A . n 
A 1 98  GLY 98  99  99  GLY GLY A . n 
A 1 99  ASN 99  100 100 ASN ASN A . n 
A 1 100 ASN 100 101 101 ASN ASN A . n 
A 1 101 PHE 101 102 102 PHE PHE A . n 
A 1 102 HIS 102 103 103 HIS HIS A . n 
A 1 103 ASN 103 104 104 ASN ASN A . n 
A 1 104 LEU 104 105 105 LEU LEU A . n 
A 1 105 GLN 105 106 106 GLN GLN A . n 
A 1 106 GLU 106 107 107 GLU GLU A . n 
A 1 107 ILE 107 108 108 ILE ILE A . n 
A 1 108 ARG 108 109 109 ARG ARG A . n 
A 1 109 GLN 109 110 110 GLN GLN A . n 
A 1 110 LEU 110 111 111 LEU LEU A . n 
A 1 111 GLU 111 112 112 GLU GLU A . n 
A 1 112 LEU 112 113 113 LEU LEU A . n 
A 1 113 VAL 113 114 114 VAL VAL A . n 
A 1 114 GLU 114 115 115 GLU GLU A . n 
A 1 115 PRO 115 116 116 PRO PRO A . n 
A 1 116 SER 116 117 117 SER SER A . n 
A 1 117 GLY 117 118 118 GLY GLY A . n 
A 1 118 TRP 118 119 119 TRP TRP A . n 
A 1 119 ILE 119 120 120 ILE ILE A . n 
A 1 120 HIS 120 121 121 HIS HIS A . n 
A 1 121 VAL 121 122 122 VAL VAL A . n 
A 1 122 PRO 122 123 123 PRO PRO A . n 
A 1 123 LEU 123 124 124 LEU LEU A . n 
A 1 124 THR 124 125 125 THR THR A . n 
A 1 125 ASP 125 126 126 ASP ASP A . n 
A 1 126 ASN 126 127 127 ASN ASN A . n 
A 1 127 HIS 127 128 128 HIS HIS A . n 
A 1 128 LYS 128 129 129 LYS LYS A . n 
A 1 129 LYS 129 130 130 LYS LYS A . n 
A 1 130 PRO 130 131 131 PRO PRO A . n 
A 1 131 THR 131 132 132 THR THR A . n 
A 1 132 ARG 132 133 133 ARG ARG A . n 
A 1 133 THR 133 134 134 THR THR A . n 
A 1 134 PHE 134 135 135 PHE PHE A . n 
A 1 135 MET 135 136 136 MET MET A . n 
A 1 136 ILE 136 137 137 ILE ILE A . n 
A 1 137 GLN 137 138 138 GLN GLN A . n 
A 1 138 ILE 138 139 139 ILE ILE A . n 
A 1 139 ALA 139 140 140 ALA ALA A . n 
A 1 140 VAL 140 141 141 VAL VAL A . n 
A 1 141 LEU 141 142 142 LEU LEU A . n 
A 1 142 ALA 142 143 143 ALA ALA A . n 
A 1 143 ASN 143 144 144 ASN ASN A . n 
A 1 144 HIS 144 145 145 HIS HIS A . n 
A 1 145 GLN 145 146 146 GLN GLN A . n 
A 1 146 ASN 146 147 147 ASN ASN A . n 
A 1 147 GLY 147 148 148 GLY GLY A . n 
A 1 148 ARG 148 149 149 ARG ARG A . n 
A 1 149 ASP 149 150 150 ASP ASP A . n 
A 1 150 THR 150 151 151 THR THR A . n 
A 1 151 HIS 151 152 152 HIS HIS A . n 
A 1 152 MET 152 153 153 MET MET A . n 
A 1 153 ARG 153 154 154 ARG ARG A . n 
A 1 154 GLN 154 155 155 GLN GLN A . n 
A 1 155 ILE 155 156 156 ILE ILE A . n 
A 1 156 LYS 156 157 157 LYS LYS A . n 
A 1 157 ILE 157 158 158 ILE ILE A . n 
A 1 158 TYR 158 159 159 TYR TYR A . n 
A 1 159 THR 159 160 160 THR THR A . n 
A 1 160 PRO 160 161 161 PRO PRO A . n 
A 1 161 VAL 161 162 162 VAL VAL A . n 
A 1 162 GLU 162 163 ?   ?   ?   A . n 
A 1 163 GLU 163 164 ?   ?   ?   A . n 
A 1 164 SER 164 165 ?   ?   ?   A . n 
A 1 165 SER 165 166 ?   ?   ?   A . n 
A 1 166 ILE 166 167 ?   ?   ?   A . n 
A 1 167 GLY 167 168 ?   ?   ?   A . n 
A 1 168 LYS 168 169 ?   ?   ?   A . n 
A 1 169 PHE 169 170 ?   ?   ?   A . n 
A 1 170 PRO 170 171 ?   ?   ?   A . n 
A 1 171 ARG 171 172 ?   ?   ?   A . n 
# 
loop_
_pdbx_nonpoly_scheme.asym_id 
_pdbx_nonpoly_scheme.entity_id 
_pdbx_nonpoly_scheme.mon_id 
_pdbx_nonpoly_scheme.ndb_seq_num 
_pdbx_nonpoly_scheme.pdb_seq_num 
_pdbx_nonpoly_scheme.auth_seq_num 
_pdbx_nonpoly_scheme.pdb_mon_id 
_pdbx_nonpoly_scheme.auth_mon_id 
_pdbx_nonpoly_scheme.pdb_strand_id 
_pdbx_nonpoly_scheme.pdb_ins_code 
B 2 NI  1   320 320 NI  NI  A . 
C 3 HOH 1   321 163 HOH HOH A . 
C 3 HOH 2   322 164 HOH HOH A . 
C 3 HOH 3   323 165 HOH HOH A . 
C 3 HOH 4   324 166 HOH HOH A . 
C 3 HOH 5   325 167 HOH HOH A . 
C 3 HOH 6   326 168 HOH HOH A . 
C 3 HOH 7   327 169 HOH HOH A . 
C 3 HOH 8   328 170 HOH HOH A . 
C 3 HOH 9   329 171 HOH HOH A . 
C 3 HOH 10  330 172 HOH HOH A . 
C 3 HOH 11  331 173 HOH HOH A . 
C 3 HOH 12  332 174 HOH HOH A . 
C 3 HOH 13  333 175 HOH HOH A . 
C 3 HOH 14  334 176 HOH HOH A . 
C 3 HOH 15  335 177 HOH HOH A . 
C 3 HOH 16  336 178 HOH HOH A . 
C 3 HOH 17  337 179 HOH HOH A . 
C 3 HOH 18  338 180 HOH HOH A . 
C 3 HOH 19  339 181 HOH HOH A . 
C 3 HOH 20  340 182 HOH HOH A . 
C 3 HOH 21  341 183 HOH HOH A . 
C 3 HOH 22  342 184 HOH HOH A . 
C 3 HOH 23  343 185 HOH HOH A . 
C 3 HOH 24  344 186 HOH HOH A . 
C 3 HOH 25  345 187 HOH HOH A . 
C 3 HOH 26  346 188 HOH HOH A . 
C 3 HOH 27  347 189 HOH HOH A . 
C 3 HOH 28  348 190 HOH HOH A . 
C 3 HOH 29  349 191 HOH HOH A . 
C 3 HOH 30  350 192 HOH HOH A . 
C 3 HOH 31  351 193 HOH HOH A . 
C 3 HOH 32  352 194 HOH HOH A . 
C 3 HOH 33  353 195 HOH HOH A . 
C 3 HOH 34  354 196 HOH HOH A . 
C 3 HOH 35  355 197 HOH HOH A . 
C 3 HOH 36  356 198 HOH HOH A . 
C 3 HOH 37  357 199 HOH HOH A . 
C 3 HOH 38  358 200 HOH HOH A . 
C 3 HOH 39  359 201 HOH HOH A . 
C 3 HOH 40  360 202 HOH HOH A . 
C 3 HOH 41  361 203 HOH HOH A . 
C 3 HOH 42  362 204 HOH HOH A . 
C 3 HOH 43  363 205 HOH HOH A . 
C 3 HOH 44  364 206 HOH HOH A . 
C 3 HOH 45  365 207 HOH HOH A . 
C 3 HOH 46  366 208 HOH HOH A . 
C 3 HOH 47  367 209 HOH HOH A . 
C 3 HOH 48  368 210 HOH HOH A . 
C 3 HOH 49  369 211 HOH HOH A . 
C 3 HOH 50  370 212 HOH HOH A . 
C 3 HOH 51  371 213 HOH HOH A . 
C 3 HOH 52  372 214 HOH HOH A . 
C 3 HOH 53  373 215 HOH HOH A . 
C 3 HOH 54  374 216 HOH HOH A . 
C 3 HOH 55  375 217 HOH HOH A . 
C 3 HOH 56  376 218 HOH HOH A . 
C 3 HOH 57  377 219 HOH HOH A . 
C 3 HOH 58  378 220 HOH HOH A . 
C 3 HOH 59  379 221 HOH HOH A . 
C 3 HOH 60  380 222 HOH HOH A . 
C 3 HOH 61  381 223 HOH HOH A . 
C 3 HOH 62  382 224 HOH HOH A . 
C 3 HOH 63  383 225 HOH HOH A . 
C 3 HOH 64  384 226 HOH HOH A . 
C 3 HOH 65  385 227 HOH HOH A . 
C 3 HOH 66  386 228 HOH HOH A . 
C 3 HOH 67  387 229 HOH HOH A . 
C 3 HOH 68  388 230 HOH HOH A . 
C 3 HOH 69  389 231 HOH HOH A . 
C 3 HOH 70  390 232 HOH HOH A . 
C 3 HOH 71  391 233 HOH HOH A . 
C 3 HOH 72  392 234 HOH HOH A . 
C 3 HOH 73  393 235 HOH HOH A . 
C 3 HOH 74  394 236 HOH HOH A . 
C 3 HOH 75  395 237 HOH HOH A . 
C 3 HOH 76  396 238 HOH HOH A . 
C 3 HOH 77  397 239 HOH HOH A . 
C 3 HOH 78  398 240 HOH HOH A . 
C 3 HOH 79  399 241 HOH HOH A . 
C 3 HOH 80  400 242 HOH HOH A . 
C 3 HOH 81  401 243 HOH HOH A . 
C 3 HOH 82  402 244 HOH HOH A . 
C 3 HOH 83  403 245 HOH HOH A . 
C 3 HOH 84  404 246 HOH HOH A . 
C 3 HOH 85  405 247 HOH HOH A . 
C 3 HOH 86  406 248 HOH HOH A . 
C 3 HOH 87  407 249 HOH HOH A . 
C 3 HOH 88  408 250 HOH HOH A . 
C 3 HOH 89  409 251 HOH HOH A . 
C 3 HOH 90  410 252 HOH HOH A . 
C 3 HOH 91  411 253 HOH HOH A . 
C 3 HOH 92  412 254 HOH HOH A . 
C 3 HOH 93  413 255 HOH HOH A . 
C 3 HOH 94  414 256 HOH HOH A . 
C 3 HOH 95  415 257 HOH HOH A . 
C 3 HOH 96  416 258 HOH HOH A . 
C 3 HOH 97  417 259 HOH HOH A . 
C 3 HOH 98  418 260 HOH HOH A . 
C 3 HOH 99  419 261 HOH HOH A . 
C 3 HOH 100 420 262 HOH HOH A . 
C 3 HOH 101 421 263 HOH HOH A . 
C 3 HOH 102 422 264 HOH HOH A . 
C 3 HOH 103 423 265 HOH HOH A . 
C 3 HOH 104 424 266 HOH HOH A . 
C 3 HOH 105 425 267 HOH HOH A . 
C 3 HOH 106 426 268 HOH HOH A . 
C 3 HOH 107 427 269 HOH HOH A . 
C 3 HOH 108 428 270 HOH HOH A . 
C 3 HOH 109 429 271 HOH HOH A . 
C 3 HOH 110 430 272 HOH HOH A . 
C 3 HOH 111 431 273 HOH HOH A . 
C 3 HOH 112 432 274 HOH HOH A . 
C 3 HOH 113 433 275 HOH HOH A . 
C 3 HOH 114 434 276 HOH HOH A . 
C 3 HOH 115 435 277 HOH HOH A . 
C 3 HOH 116 436 278 HOH HOH A . 
C 3 HOH 117 437 279 HOH HOH A . 
C 3 HOH 118 438 280 HOH HOH A . 
C 3 HOH 119 439 281 HOH HOH A . 
C 3 HOH 120 440 282 HOH HOH A . 
C 3 HOH 121 441 283 HOH HOH A . 
C 3 HOH 122 442 284 HOH HOH A . 
C 3 HOH 123 443 285 HOH HOH A . 
C 3 HOH 124 444 286 HOH HOH A . 
C 3 HOH 125 445 287 HOH HOH A . 
C 3 HOH 126 446 288 HOH HOH A . 
C 3 HOH 127 447 289 HOH HOH A . 
C 3 HOH 128 448 290 HOH HOH A . 
C 3 HOH 129 449 291 HOH HOH A . 
C 3 HOH 130 450 292 HOH HOH A . 
C 3 HOH 131 451 293 HOH HOH A . 
C 3 HOH 132 452 294 HOH HOH A . 
C 3 HOH 133 453 295 HOH HOH A . 
C 3 HOH 134 454 296 HOH HOH A . 
C 3 HOH 135 455 297 HOH HOH A . 
C 3 HOH 136 456 298 HOH HOH A . 
C 3 HOH 137 457 299 HOH HOH A . 
C 3 HOH 138 458 300 HOH HOH A . 
C 3 HOH 139 459 301 HOH HOH A . 
C 3 HOH 140 460 302 HOH HOH A . 
C 3 HOH 141 461 303 HOH HOH A . 
C 3 HOH 142 462 304 HOH HOH A . 
C 3 HOH 143 463 305 HOH HOH A . 
C 3 HOH 144 464 306 HOH HOH A . 
C 3 HOH 145 465 307 HOH HOH A . 
C 3 HOH 146 466 308 HOH HOH A . 
C 3 HOH 147 467 309 HOH HOH A . 
C 3 HOH 148 468 310 HOH HOH A . 
C 3 HOH 149 469 311 HOH HOH A . 
C 3 HOH 150 470 312 HOH HOH A . 
C 3 HOH 151 471 313 HOH HOH A . 
C 3 HOH 152 472 314 HOH HOH A . 
C 3 HOH 153 473 315 HOH HOH A . 
C 3 HOH 154 474 316 HOH HOH A . 
C 3 HOH 155 475 317 HOH HOH A . 
C 3 HOH 156 476 318 HOH HOH A . 
C 3 HOH 157 477 319 HOH HOH A . 
# 
loop_
_software.name 
_software.classification 
_software.version 
_software.citation_id 
_software.pdbx_ordinal 
MLPHARE   phasing          . ? 1 
CNS       refinement       . ? 2 
DENZO     'data reduction' . ? 3 
SCALEPACK 'data scaling'   . ? 4 
# 
_cell.entry_id           1JHJ 
_cell.length_a           97.664 
_cell.length_b           97.664 
_cell.length_c           67.769 
_cell.angle_alpha        90.00 
_cell.angle_beta         90.00 
_cell.angle_gamma        120.00 
_cell.Z_PDB              12 
_cell.pdbx_unique_axis   ? 
_cell.length_a_esd       ? 
_cell.length_b_esd       ? 
_cell.length_c_esd       ? 
_cell.angle_alpha_esd    ? 
_cell.angle_beta_esd     ? 
_cell.angle_gamma_esd    ? 
# 
_symmetry.entry_id                         1JHJ 
_symmetry.space_group_name_H-M             'P 6 2 2' 
_symmetry.pdbx_full_space_group_name_H-M   ? 
_symmetry.cell_setting                     ? 
_symmetry.Int_Tables_number                177 
_symmetry.space_group_name_Hall            ? 
# 
_exptl.entry_id          1JHJ 
_exptl.method            'X-RAY DIFFRACTION' 
_exptl.crystals_number   2 
# 
_exptl_crystal.id                    1 
_exptl_crystal.density_meas          ? 
_exptl_crystal.density_Matthews      2.39 
_exptl_crystal.density_percent_sol   48.55 
_exptl_crystal.description           ? 
_exptl_crystal.F_000                 ? 
_exptl_crystal.preparation           ? 
# 
_exptl_crystal_grow.crystal_id      1 
_exptl_crystal_grow.method          'VAPOR DIFFUSION, SITTING DROP' 
_exptl_crystal_grow.temp            291 
_exptl_crystal_grow.temp_details    ? 
_exptl_crystal_grow.pH              7.2 
_exptl_crystal_grow.pdbx_details    'ammonium sulfate, pH 7.2, VAPOR DIFFUSION, SITTING DROP, temperature 291K' 
_exptl_crystal_grow.pdbx_pH_range   . 
# 
_diffrn.id                     1 
_diffrn.ambient_temp           100 
_diffrn.ambient_temp_details   ? 
_diffrn.crystal_id             1 
# 
_diffrn_detector.diffrn_id              1 
_diffrn_detector.detector               CCD 
_diffrn_detector.type                   MARRESEARCH 
_diffrn_detector.pdbx_collection_date   2000-09-18 
_diffrn_detector.details                ? 
# 
_diffrn_radiation.diffrn_id                        1 
_diffrn_radiation.wavelength_id                    1 
_diffrn_radiation.monochromator                    ? 
_diffrn_radiation.pdbx_monochromatic_or_laue_m_l   M 
_diffrn_radiation.pdbx_diffrn_protocol             MAD 
_diffrn_radiation.pdbx_scattering_type             x-ray 
# 
loop_
_diffrn_radiation_wavelength.id 
_diffrn_radiation_wavelength.wavelength 
_diffrn_radiation_wavelength.wt 
1 0.9791 1.0 
2 0.9797 1.0 
3 0.9500 1.0 
4 1.4800 1.0 
5 1.600  1.0 
# 
_diffrn_source.diffrn_id                   1 
_diffrn_source.source                      SYNCHROTRON 
_diffrn_source.type                        'MPG/DESY, HAMBURG BEAMLINE BW6' 
_diffrn_source.pdbx_synchrotron_site       'MPG/DESY, HAMBURG' 
_diffrn_source.pdbx_synchrotron_beamline   BW6 
_diffrn_source.pdbx_wavelength             ? 
_diffrn_source.pdbx_wavelength_list        '0.9791, 0.9797, 0.9500, 1.4800, 1.600' 
# 
_reflns.entry_id                     1JHJ 
_reflns.observed_criterion_sigma_I   35.86 
_reflns.observed_criterion_sigma_F   ? 
_reflns.d_resolution_low             50.0 
_reflns.d_resolution_high            1.6 
_reflns.number_obs                   ? 
_reflns.number_all                   ? 
_reflns.percent_possible_obs         99.82 
_reflns.pdbx_Rmerge_I_obs            0.0470000 
_reflns.pdbx_Rsym_value              ? 
_reflns.pdbx_netI_over_sigmaI        35.86 
_reflns.B_iso_Wilson_estimate        ? 
_reflns.pdbx_redundancy              ? 
_reflns.R_free_details               ? 
_reflns.limit_h_max                  ? 
_reflns.limit_h_min                  ? 
_reflns.limit_k_max                  ? 
_reflns.limit_k_min                  ? 
_reflns.limit_l_max                  ? 
_reflns.limit_l_min                  ? 
_reflns.observed_criterion_F_max     ? 
_reflns.observed_criterion_F_min     ? 
_reflns.pdbx_chi_squared             ? 
_reflns.pdbx_scaling_rejects         ? 
_reflns.pdbx_ordinal                 1 
_reflns.pdbx_diffrn_id               1 
# 
_reflns_shell.d_res_high             1.6 
_reflns_shell.d_res_low              50.0 
_reflns_shell.percent_possible_all   ? 
_reflns_shell.Rmerge_I_obs           ? 
_reflns_shell.pdbx_Rsym_value        ? 
_reflns_shell.meanI_over_sigI_obs    ? 
_reflns_shell.pdbx_redundancy        ? 
_reflns_shell.percent_possible_obs   ? 
_reflns_shell.number_unique_all      ? 
_reflns_shell.number_measured_all    ? 
_reflns_shell.number_measured_obs    ? 
_reflns_shell.number_unique_obs      ? 
_reflns_shell.pdbx_chi_squared       ? 
_reflns_shell.pdbx_ordinal           1 
_reflns_shell.pdbx_diffrn_id         1 
# 
_refine.entry_id                                 1JHJ 
_refine.ls_number_reflns_obs                     25332 
_refine.ls_number_reflns_all                     25696 
_refine.pdbx_ls_sigma_I                          0.0 
_refine.pdbx_ls_sigma_F                          1.0 
_refine.pdbx_data_cutoff_high_absF               ? 
_refine.pdbx_data_cutoff_low_absF                ? 
_refine.ls_d_res_low                             19.93 
_refine.ls_d_res_high                            1.6 
_refine.ls_percent_reflns_obs                    100 
_refine.ls_R_factor_obs                          ? 
_refine.ls_R_factor_all                          ? 
_refine.ls_R_factor_R_work                       0.2090000 
_refine.ls_R_factor_R_free                       0.2440000 
_refine.ls_R_factor_R_free_error                 ? 
_refine.ls_R_factor_R_free_error_details         ? 
_refine.ls_percent_reflns_R_free                 ? 
_refine.ls_number_reflns_R_free                  1225 
_refine.ls_number_parameters                     ? 
_refine.ls_number_restraints                     ? 
_refine.occupancy_min                            ? 
_refine.occupancy_max                            ? 
_refine.B_iso_mean                               ? 
_refine.aniso_B[1][1]                            ? 
_refine.aniso_B[2][2]                            ? 
_refine.aniso_B[3][3]                            ? 
_refine.aniso_B[1][2]                            ? 
_refine.aniso_B[1][3]                            ? 
_refine.aniso_B[2][3]                            ? 
_refine.solvent_model_details                    ? 
_refine.solvent_model_param_ksol                 ? 
_refine.solvent_model_param_bsol                 ? 
_refine.pdbx_ls_cross_valid_method               ? 
_refine.details                                  ? 
_refine.pdbx_starting_model                      ? 
_refine.pdbx_method_to_determine_struct          MAD 
_refine.pdbx_isotropic_thermal_model             Isotropic 
_refine.pdbx_stereochemistry_target_values       'Engh & Huber' 
_refine.pdbx_stereochem_target_val_spec_case     ? 
_refine.pdbx_R_Free_selection_details            RANDOM 
_refine.pdbx_overall_ESU_R_Free                  ? 
_refine.overall_SU_B                             ? 
_refine.ls_redundancy_reflns_obs                 ? 
_refine.B_iso_min                                ? 
_refine.B_iso_max                                ? 
_refine.correlation_coeff_Fo_to_Fc               ? 
_refine.correlation_coeff_Fo_to_Fc_free          ? 
_refine.overall_SU_R_Cruickshank_DPI             ? 
_refine.overall_SU_R_free                        ? 
_refine.overall_SU_ML                            ? 
_refine.pdbx_overall_ESU_R                       ? 
_refine.pdbx_data_cutoff_high_rms_absF           ? 
_refine.pdbx_overall_phase_error                 ? 
_refine.pdbx_solvent_vdw_probe_radii             ? 
_refine.pdbx_solvent_ion_probe_radii             ? 
_refine.pdbx_solvent_shrinkage_radii             ? 
_refine.ls_wR_factor_R_free                      ? 
_refine.ls_wR_factor_R_work                      ? 
_refine.overall_FOM_free_R_set                   ? 
_refine.overall_FOM_work_R_set                   ? 
_refine.pdbx_refine_id                           'X-RAY DIFFRACTION' 
_refine.pdbx_diffrn_id                           1 
_refine.pdbx_TLS_residual_ADP_flag               ? 
_refine.pdbx_overall_SU_R_free_Cruickshank_DPI   ? 
_refine.pdbx_overall_SU_R_Blow_DPI               ? 
_refine.pdbx_overall_SU_R_free_Blow_DPI          ? 
# 
_refine_hist.pdbx_refine_id                   'X-RAY DIFFRACTION' 
_refine_hist.cycle_id                         LAST 
_refine_hist.pdbx_number_atoms_protein        1292 
_refine_hist.pdbx_number_atoms_nucleic_acid   0 
_refine_hist.pdbx_number_atoms_ligand         1 
_refine_hist.number_atoms_solvent             157 
_refine_hist.number_atoms_total               1450 
_refine_hist.d_res_high                       1.6 
_refine_hist.d_res_low                        19.93 
# 
loop_
_refine_ls_restr.type 
_refine_ls_restr.dev_ideal 
_refine_ls_restr.dev_ideal_target 
_refine_ls_restr.weight 
_refine_ls_restr.number 
_refine_ls_restr.pdbx_refine_id 
_refine_ls_restr.pdbx_restraint_function 
c_bond_d    0.0045 ? ? ? 'X-RAY DIFFRACTION' ? 
c_angle_deg 1.3498 ? ? ? 'X-RAY DIFFRACTION' ? 
# 
_struct.entry_id                  1JHJ 
_struct.title                     'Crystal structure of the APC10/Doc1 subunit of the human anaphase-promoting complex' 
_struct.pdbx_model_details        ? 
_struct.pdbx_CASP_flag            ? 
_struct.pdbx_model_type_details   ? 
# 
_struct_keywords.entry_id        1JHJ 
_struct_keywords.pdbx_keywords   'CELL CYCLE' 
_struct_keywords.text            'beta sandwich, jellyroll, CELL CYCLE' 
# 
loop_
_struct_asym.id 
_struct_asym.pdbx_blank_PDB_chainid_flag 
_struct_asym.pdbx_modified 
_struct_asym.entity_id 
_struct_asym.details 
A N N 1 ? 
B N N 2 ? 
C N N 3 ? 
# 
_struct_ref.id                         1 
_struct_ref.db_code                    APC10_HUMAN 
_struct_ref.db_name                    UNP 
_struct_ref.entity_id                  1 
_struct_ref.pdbx_db_accession          Q9UM13 
_struct_ref.pdbx_align_begin           ? 
_struct_ref.pdbx_seq_one_letter_code   ? 
_struct_ref.pdbx_db_isoform            ? 
# 
_struct_ref_seq.align_id                      1 
_struct_ref_seq.ref_id                        1 
_struct_ref_seq.pdbx_PDB_id_code              1JHJ 
_struct_ref_seq.pdbx_strand_id                A 
_struct_ref_seq.seq_align_beg                 1 
_struct_ref_seq.pdbx_seq_align_beg_ins_code   ? 
_struct_ref_seq.seq_align_end                 171 
_struct_ref_seq.pdbx_seq_align_end_ins_code   ? 
_struct_ref_seq.pdbx_db_accession             Q9UM13 
_struct_ref_seq.db_align_beg                  2 
_struct_ref_seq.pdbx_db_align_beg_ins_code    ? 
_struct_ref_seq.db_align_end                  172 
_struct_ref_seq.pdbx_db_align_end_ins_code    ? 
_struct_ref_seq.pdbx_auth_seq_align_beg       2 
_struct_ref_seq.pdbx_auth_seq_align_end       172 
# 
_struct_ref_seq_dif.align_id                     1 
_struct_ref_seq_dif.pdbx_pdb_id_code             1JHJ 
_struct_ref_seq_dif.mon_id                       ALA 
_struct_ref_seq_dif.pdbx_pdb_strand_id           A 
_struct_ref_seq_dif.seq_num                      1 
_struct_ref_seq_dif.pdbx_pdb_ins_code            ? 
_struct_ref_seq_dif.pdbx_seq_db_name             UNP 
_struct_ref_seq_dif.pdbx_seq_db_accession_code   Q9UM13 
_struct_ref_seq_dif.db_mon_id                    THR 
_struct_ref_seq_dif.pdbx_seq_db_seq_num          2 
_struct_ref_seq_dif.details                      'engineered mutation' 
_struct_ref_seq_dif.pdbx_auth_seq_num            2 
_struct_ref_seq_dif.pdbx_ordinal                 1 
# 
_pdbx_struct_assembly.id                   1 
_pdbx_struct_assembly.details              author_defined_assembly 
_pdbx_struct_assembly.method_details       ? 
_pdbx_struct_assembly.oligomeric_details   monomeric 
_pdbx_struct_assembly.oligomeric_count     1 
# 
_pdbx_struct_assembly_gen.assembly_id       1 
_pdbx_struct_assembly_gen.oper_expression   1 
_pdbx_struct_assembly_gen.asym_id_list      A,B,C 
# 
_pdbx_struct_oper_list.id                   1 
_pdbx_struct_oper_list.type                 'identity operation' 
_pdbx_struct_oper_list.name                 1_555 
_pdbx_struct_oper_list.symmetry_operation   x,y,z 
_pdbx_struct_oper_list.matrix[1][1]         1.0000000000 
_pdbx_struct_oper_list.matrix[1][2]         0.0000000000 
_pdbx_struct_oper_list.matrix[1][3]         0.0000000000 
_pdbx_struct_oper_list.vector[1]            0.0000000000 
_pdbx_struct_oper_list.matrix[2][1]         0.0000000000 
_pdbx_struct_oper_list.matrix[2][2]         1.0000000000 
_pdbx_struct_oper_list.matrix[2][3]         0.0000000000 
_pdbx_struct_oper_list.vector[2]            0.0000000000 
_pdbx_struct_oper_list.matrix[3][1]         0.0000000000 
_pdbx_struct_oper_list.matrix[3][2]         0.0000000000 
_pdbx_struct_oper_list.matrix[3][3]         1.0000000000 
_pdbx_struct_oper_list.vector[3]            0.0000000000 
# 
loop_
_struct_conf.conf_type_id 
_struct_conf.id 
_struct_conf.pdbx_PDB_helix_id 
_struct_conf.beg_label_comp_id 
_struct_conf.beg_label_asym_id 
_struct_conf.beg_label_seq_id 
_struct_conf.pdbx_beg_PDB_ins_code 
_struct_conf.end_label_comp_id 
_struct_conf.end_label_asym_id 
_struct_conf.end_label_seq_id 
_struct_conf.pdbx_end_PDB_ins_code 
_struct_conf.beg_auth_comp_id 
_struct_conf.beg_auth_asym_id 
_struct_conf.beg_auth_seq_id 
_struct_conf.end_auth_comp_id 
_struct_conf.end_auth_asym_id 
_struct_conf.end_auth_seq_id 
_struct_conf.pdbx_PDB_helix_class 
_struct_conf.details 
_struct_conf.pdbx_PDB_helix_length 
HELX_P HELX_P1 1 ASP A 11  ? THR A 18  ? ASP A 12  THR A 19  1 ? 8 
HELX_P HELX_P2 2 GLY A 25  ? ALA A 28  ? GLY A 26  ALA A 29  5 ? 4 
HELX_P HELX_P3 3 VAL A 41  ? ASP A 46  ? VAL A 42  ASP A 47  1 ? 6 
HELX_P HELX_P4 4 TYR A 82  ? GLU A 86  ? TYR A 83  GLU A 87  1 ? 5 
HELX_P HELX_P5 5 GLN A 145 ? GLY A 147 ? GLN A 146 GLY A 148 5 ? 3 
# 
_struct_conf_type.id          HELX_P 
_struct_conf_type.criteria    ? 
_struct_conf_type.reference   ? 
# 
loop_
_struct_conn.id 
_struct_conn.conn_type_id 
_struct_conn.pdbx_leaving_atom_flag 
_struct_conn.pdbx_PDB_id 
_struct_conn.ptnr1_label_asym_id 
_struct_conn.ptnr1_label_comp_id 
_struct_conn.ptnr1_label_seq_id 
_struct_conn.ptnr1_label_atom_id 
_struct_conn.pdbx_ptnr1_label_alt_id 
_struct_conn.pdbx_ptnr1_PDB_ins_code 
_struct_conn.pdbx_ptnr1_standard_comp_id 
_struct_conn.ptnr1_symmetry 
_struct_conn.ptnr2_label_asym_id 
_struct_conn.ptnr2_label_comp_id 
_struct_conn.ptnr2_label_seq_id 
_struct_conn.ptnr2_label_atom_id 
_struct_conn.pdbx_ptnr2_label_alt_id 
_struct_conn.pdbx_ptnr2_PDB_ins_code 
_struct_conn.ptnr1_auth_asym_id 
_struct_conn.ptnr1_auth_comp_id 
_struct_conn.ptnr1_auth_seq_id 
_struct_conn.ptnr2_auth_asym_id 
_struct_conn.ptnr2_auth_comp_id 
_struct_conn.ptnr2_auth_seq_id 
_struct_conn.ptnr2_symmetry 
_struct_conn.pdbx_ptnr3_label_atom_id 
_struct_conn.pdbx_ptnr3_label_seq_id 
_struct_conn.pdbx_ptnr3_label_comp_id 
_struct_conn.pdbx_ptnr3_label_asym_id 
_struct_conn.pdbx_ptnr3_label_alt_id 
_struct_conn.pdbx_ptnr3_PDB_ins_code 
_struct_conn.details 
_struct_conn.pdbx_dist_value 
_struct_conn.pdbx_value_order 
_struct_conn.pdbx_role 
metalc1 metalc ? ? A ALA 1  N   ? ? ? 1_555 B NI  . NI ? ? A ALA 2   A NI  320 1_555 ? ? ? ? ? ? ? 2.140 ? ? 
metalc2 metalc ? ? A ALA 1  O   ? ? ? 1_555 B NI  . NI ? ? A ALA 2   A NI  320 1_555 ? ? ? ? ? ? ? 2.104 ? ? 
metalc3 metalc ? ? A GLU 86 OE2 ? ? ? 5_555 B NI  . NI ? ? A GLU 87  A NI  320 1_555 ? ? ? ? ? ? ? 2.112 ? ? 
metalc4 metalc ? ? B NI  .  NI  ? ? ? 1_555 C HOH . O  ? ? A NI  320 A HOH 404 1_555 ? ? ? ? ? ? ? 2.247 ? ? 
metalc5 metalc ? ? B NI  .  NI  ? ? ? 1_555 C HOH . O  ? ? A NI  320 A HOH 427 1_555 ? ? ? ? ? ? ? 2.243 ? ? 
metalc6 metalc ? ? B NI  .  NI  ? ? ? 1_555 C HOH . O  ? ? A NI  320 A HOH 464 1_555 ? ? ? ? ? ? ? 1.799 ? ? 
# 
_struct_conn_type.id          metalc 
_struct_conn_type.criteria    ? 
_struct_conn_type.reference   ? 
# 
loop_
_pdbx_struct_conn_angle.id 
_pdbx_struct_conn_angle.ptnr1_label_atom_id 
_pdbx_struct_conn_angle.ptnr1_label_alt_id 
_pdbx_struct_conn_angle.ptnr1_label_asym_id 
_pdbx_struct_conn_angle.ptnr1_label_comp_id 
_pdbx_struct_conn_angle.ptnr1_label_seq_id 
_pdbx_struct_conn_angle.ptnr1_auth_atom_id 
_pdbx_struct_conn_angle.ptnr1_auth_asym_id 
_pdbx_struct_conn_angle.ptnr1_auth_comp_id 
_pdbx_struct_conn_angle.ptnr1_auth_seq_id 
_pdbx_struct_conn_angle.ptnr1_PDB_ins_code 
_pdbx_struct_conn_angle.ptnr1_symmetry 
_pdbx_struct_conn_angle.ptnr2_label_atom_id 
_pdbx_struct_conn_angle.ptnr2_label_alt_id 
_pdbx_struct_conn_angle.ptnr2_label_asym_id 
_pdbx_struct_conn_angle.ptnr2_label_comp_id 
_pdbx_struct_conn_angle.ptnr2_label_seq_id 
_pdbx_struct_conn_angle.ptnr2_auth_atom_id 
_pdbx_struct_conn_angle.ptnr2_auth_asym_id 
_pdbx_struct_conn_angle.ptnr2_auth_comp_id 
_pdbx_struct_conn_angle.ptnr2_auth_seq_id 
_pdbx_struct_conn_angle.ptnr2_PDB_ins_code 
_pdbx_struct_conn_angle.ptnr2_symmetry 
_pdbx_struct_conn_angle.ptnr3_label_atom_id 
_pdbx_struct_conn_angle.ptnr3_label_alt_id 
_pdbx_struct_conn_angle.ptnr3_label_asym_id 
_pdbx_struct_conn_angle.ptnr3_label_comp_id 
_pdbx_struct_conn_angle.ptnr3_label_seq_id 
_pdbx_struct_conn_angle.ptnr3_auth_atom_id 
_pdbx_struct_conn_angle.ptnr3_auth_asym_id 
_pdbx_struct_conn_angle.ptnr3_auth_comp_id 
_pdbx_struct_conn_angle.ptnr3_auth_seq_id 
_pdbx_struct_conn_angle.ptnr3_PDB_ins_code 
_pdbx_struct_conn_angle.ptnr3_symmetry 
_pdbx_struct_conn_angle.value 
_pdbx_struct_conn_angle.value_esd 
1  N   ? A ALA 1  ? A ALA 2   ? 1_555 NI ? B NI . ? A NI 320 ? 1_555 O   ? A ALA 1  ? A ALA 2   ? 1_555 82.1  ? 
2  N   ? A ALA 1  ? A ALA 2   ? 1_555 NI ? B NI . ? A NI 320 ? 1_555 OE2 ? A GLU 86 ? A GLU 87  ? 5_555 96.1  ? 
3  O   ? A ALA 1  ? A ALA 2   ? 1_555 NI ? B NI . ? A NI 320 ? 1_555 OE2 ? A GLU 86 ? A GLU 87  ? 5_555 92.2  ? 
4  N   ? A ALA 1  ? A ALA 2   ? 1_555 NI ? B NI . ? A NI 320 ? 1_555 O   ? C HOH .  ? A HOH 404 ? 1_555 95.7  ? 
5  O   ? A ALA 1  ? A ALA 2   ? 1_555 NI ? B NI . ? A NI 320 ? 1_555 O   ? C HOH .  ? A HOH 404 ? 1_555 177.5 ? 
6  OE2 ? A GLU 86 ? A GLU 87  ? 5_555 NI ? B NI . ? A NI 320 ? 1_555 O   ? C HOH .  ? A HOH 404 ? 1_555 89.3  ? 
7  N   ? A ALA 1  ? A ALA 2   ? 1_555 NI ? B NI . ? A NI 320 ? 1_555 O   ? C HOH .  ? A HOH 427 ? 1_555 81.6  ? 
8  O   ? A ALA 1  ? A ALA 2   ? 1_555 NI ? B NI . ? A NI 320 ? 1_555 O   ? C HOH .  ? A HOH 427 ? 1_555 93.9  ? 
9  OE2 ? A GLU 86 ? A GLU 87  ? 5_555 NI ? B NI . ? A NI 320 ? 1_555 O   ? C HOH .  ? A HOH 427 ? 1_555 173.1 ? 
10 O   ? C HOH .  ? A HOH 404 ? 1_555 NI ? B NI . ? A NI 320 ? 1_555 O   ? C HOH .  ? A HOH 427 ? 1_555 84.4  ? 
11 N   ? A ALA 1  ? A ALA 2   ? 1_555 NI ? B NI . ? A NI 320 ? 1_555 O   ? C HOH .  ? A HOH 464 ? 1_555 164.5 ? 
12 O   ? A ALA 1  ? A ALA 2   ? 1_555 NI ? B NI . ? A NI 320 ? 1_555 O   ? C HOH .  ? A HOH 464 ? 1_555 84.0  ? 
13 OE2 ? A GLU 86 ? A GLU 87  ? 5_555 NI ? B NI . ? A NI 320 ? 1_555 O   ? C HOH .  ? A HOH 464 ? 1_555 91.4  ? 
14 O   ? C HOH .  ? A HOH 404 ? 1_555 NI ? B NI . ? A NI 320 ? 1_555 O   ? C HOH .  ? A HOH 464 ? 1_555 98.0  ? 
15 O   ? C HOH .  ? A HOH 427 ? 1_555 NI ? B NI . ? A NI 320 ? 1_555 O   ? C HOH .  ? A HOH 464 ? 1_555 92.4  ? 
# 
_struct_mon_prot_cis.pdbx_id                1 
_struct_mon_prot_cis.label_comp_id          GLN 
_struct_mon_prot_cis.label_seq_id           59 
_struct_mon_prot_cis.label_asym_id          A 
_struct_mon_prot_cis.label_alt_id           . 
_struct_mon_prot_cis.pdbx_PDB_ins_code      ? 
_struct_mon_prot_cis.auth_comp_id           GLN 
_struct_mon_prot_cis.auth_seq_id            60 
_struct_mon_prot_cis.auth_asym_id           A 
_struct_mon_prot_cis.pdbx_label_comp_id_2   PRO 
_struct_mon_prot_cis.pdbx_label_seq_id_2    60 
_struct_mon_prot_cis.pdbx_label_asym_id_2   A 
_struct_mon_prot_cis.pdbx_PDB_ins_code_2    ? 
_struct_mon_prot_cis.pdbx_auth_comp_id_2    PRO 
_struct_mon_prot_cis.pdbx_auth_seq_id_2     61 
_struct_mon_prot_cis.pdbx_auth_asym_id_2    A 
_struct_mon_prot_cis.pdbx_PDB_model_num     1 
_struct_mon_prot_cis.pdbx_omega_angle       -0.07 
# 
loop_
_struct_sheet.id 
_struct_sheet.type 
_struct_sheet.number_strands 
_struct_sheet.details 
A ? 4 ? 
B ? 5 ? 
C ? 2 ? 
# 
loop_
_struct_sheet_order.sheet_id 
_struct_sheet_order.range_id_1 
_struct_sheet_order.range_id_2 
_struct_sheet_order.offset 
_struct_sheet_order.sense 
A 1 2 ? anti-parallel 
A 2 3 ? anti-parallel 
A 3 4 ? anti-parallel 
B 1 2 ? anti-parallel 
B 2 3 ? anti-parallel 
B 3 4 ? anti-parallel 
B 4 5 ? anti-parallel 
C 1 2 ? anti-parallel 
# 
loop_
_struct_sheet_range.sheet_id 
_struct_sheet_range.id 
_struct_sheet_range.beg_label_comp_id 
_struct_sheet_range.beg_label_asym_id 
_struct_sheet_range.beg_label_seq_id 
_struct_sheet_range.pdbx_beg_PDB_ins_code 
_struct_sheet_range.end_label_comp_id 
_struct_sheet_range.end_label_asym_id 
_struct_sheet_range.end_label_seq_id 
_struct_sheet_range.pdbx_end_PDB_ins_code 
_struct_sheet_range.beg_auth_comp_id 
_struct_sheet_range.beg_auth_asym_id 
_struct_sheet_range.beg_auth_seq_id 
_struct_sheet_range.end_auth_comp_id 
_struct_sheet_range.end_auth_asym_id 
_struct_sheet_range.end_auth_seq_id 
A 1 VAL A 21  ? GLU A 23  ? VAL A 22  GLU A 24  
A 2 GLN A 154 ? PRO A 160 ? GLN A 155 PRO A 161 
A 3 THR A 75  ? ASP A 81  ? THR A 76  ASP A 82  
A 4 SER A 116 ? PRO A 122 ? SER A 117 PRO A 123 
B 1 VAL A 29  ? LEU A 32  ? VAL A 30  LEU A 33  
B 2 HIS A 61  ? VAL A 73  ? HIS A 62  VAL A 74  
B 3 THR A 131 ? ASN A 143 ? THR A 132 ASN A 144 
B 4 PRO A 90  ? GLY A 98  ? PRO A 91  GLY A 99  
B 5 GLN A 105 ? GLU A 111 ? GLN A 106 GLU A 112 
C 1 TRP A 53  ? GLN A 54  ? TRP A 54  GLN A 55  
C 2 HIS A 151 ? MET A 152 ? HIS A 152 MET A 153 
# 
loop_
_pdbx_struct_sheet_hbond.sheet_id 
_pdbx_struct_sheet_hbond.range_id_1 
_pdbx_struct_sheet_hbond.range_id_2 
_pdbx_struct_sheet_hbond.range_1_label_atom_id 
_pdbx_struct_sheet_hbond.range_1_label_comp_id 
_pdbx_struct_sheet_hbond.range_1_label_asym_id 
_pdbx_struct_sheet_hbond.range_1_label_seq_id 
_pdbx_struct_sheet_hbond.range_1_PDB_ins_code 
_pdbx_struct_sheet_hbond.range_1_auth_atom_id 
_pdbx_struct_sheet_hbond.range_1_auth_comp_id 
_pdbx_struct_sheet_hbond.range_1_auth_asym_id 
_pdbx_struct_sheet_hbond.range_1_auth_seq_id 
_pdbx_struct_sheet_hbond.range_2_label_atom_id 
_pdbx_struct_sheet_hbond.range_2_label_comp_id 
_pdbx_struct_sheet_hbond.range_2_label_asym_id 
_pdbx_struct_sheet_hbond.range_2_label_seq_id 
_pdbx_struct_sheet_hbond.range_2_PDB_ins_code 
_pdbx_struct_sheet_hbond.range_2_auth_atom_id 
_pdbx_struct_sheet_hbond.range_2_auth_comp_id 
_pdbx_struct_sheet_hbond.range_2_auth_asym_id 
_pdbx_struct_sheet_hbond.range_2_auth_seq_id 
A 1 2 O ARG A 22  ? O ARG A 23  N THR A 159 ? N THR A 160 
A 2 3 N TYR A 158 ? N TYR A 159 O THR A 75  ? O THR A 76  
A 3 4 O ALA A 80  ? O ALA A 81  N GLY A 117 ? N GLY A 118 
B 1 2 O SER A 31  ? O SER A 32  N ASN A 64  ? N ASN A 65  
B 2 3 N VAL A 73  ? N VAL A 74  O THR A 131 ? O THR A 132 
B 3 4 O ALA A 142 ? O ALA A 143 N SER A 91  ? N SER A 92  
B 4 5 O VAL A 97  ? O VAL A 98  N GLN A 105 ? N GLN A 106 
C 1 2 N TRP A 53  ? N TRP A 54  O MET A 152 ? O MET A 153 
# 
_struct_site.id                   AC1 
_struct_site.pdbx_evidence_code   Software 
_struct_site.pdbx_auth_asym_id    A 
_struct_site.pdbx_auth_comp_id    NI 
_struct_site.pdbx_auth_seq_id     320 
_struct_site.pdbx_auth_ins_code   ? 
_struct_site.pdbx_num_residues    5 
_struct_site.details              'BINDING SITE FOR RESIDUE NI A 320' 
# 
loop_
_struct_site_gen.id 
_struct_site_gen.site_id 
_struct_site_gen.pdbx_num_res 
_struct_site_gen.label_comp_id 
_struct_site_gen.label_asym_id 
_struct_site_gen.label_seq_id 
_struct_site_gen.pdbx_auth_ins_code 
_struct_site_gen.auth_comp_id 
_struct_site_gen.auth_asym_id 
_struct_site_gen.auth_seq_id 
_struct_site_gen.label_atom_id 
_struct_site_gen.label_alt_id 
_struct_site_gen.symmetry 
_struct_site_gen.details 
1 AC1 5 ALA A 1  ? ALA A 2   . ? 1_555 ? 
2 AC1 5 GLU A 86 ? GLU A 87  . ? 5_555 ? 
3 AC1 5 HOH C .  ? HOH A 404 . ? 1_555 ? 
4 AC1 5 HOH C .  ? HOH A 427 . ? 1_555 ? 
5 AC1 5 HOH C .  ? HOH A 464 . ? 1_555 ? 
# 
loop_
_pdbx_validate_close_contact.id 
_pdbx_validate_close_contact.PDB_model_num 
_pdbx_validate_close_contact.auth_atom_id_1 
_pdbx_validate_close_contact.auth_asym_id_1 
_pdbx_validate_close_contact.auth_comp_id_1 
_pdbx_validate_close_contact.auth_seq_id_1 
_pdbx_validate_close_contact.PDB_ins_code_1 
_pdbx_validate_close_contact.label_alt_id_1 
_pdbx_validate_close_contact.auth_atom_id_2 
_pdbx_validate_close_contact.auth_asym_id_2 
_pdbx_validate_close_contact.auth_comp_id_2 
_pdbx_validate_close_contact.auth_seq_id_2 
_pdbx_validate_close_contact.PDB_ins_code_2 
_pdbx_validate_close_contact.label_alt_id_2 
_pdbx_validate_close_contact.dist 
1 1 O A HOH 330 ? ? O A HOH 433 ? ? 2.08 
2 1 O A GLU 17  ? ? O A HOH 413 ? ? 2.17 
# 
_pdbx_validate_symm_contact.id                1 
_pdbx_validate_symm_contact.PDB_model_num     1 
_pdbx_validate_symm_contact.auth_atom_id_1    CD 
_pdbx_validate_symm_contact.auth_asym_id_1    A 
_pdbx_validate_symm_contact.auth_comp_id_1    ARG 
_pdbx_validate_symm_contact.auth_seq_id_1     70 
_pdbx_validate_symm_contact.PDB_ins_code_1    ? 
_pdbx_validate_symm_contact.label_alt_id_1    ? 
_pdbx_validate_symm_contact.site_symmetry_1   1_555 
_pdbx_validate_symm_contact.auth_atom_id_2    CD 
_pdbx_validate_symm_contact.auth_asym_id_2    A 
_pdbx_validate_symm_contact.auth_comp_id_2    ARG 
_pdbx_validate_symm_contact.auth_seq_id_2     70 
_pdbx_validate_symm_contact.PDB_ins_code_2    ? 
_pdbx_validate_symm_contact.label_alt_id_2    ? 
_pdbx_validate_symm_contact.site_symmetry_2   10_666 
_pdbx_validate_symm_contact.dist              1.89 
# 
loop_
_pdbx_validate_torsion.id 
_pdbx_validate_torsion.PDB_model_num 
_pdbx_validate_torsion.auth_comp_id 
_pdbx_validate_torsion.auth_asym_id 
_pdbx_validate_torsion.auth_seq_id 
_pdbx_validate_torsion.PDB_ins_code 
_pdbx_validate_torsion.label_alt_id 
_pdbx_validate_torsion.phi 
_pdbx_validate_torsion.psi 
1 1 ASP A 57  ? ? -153.03 77.93   
2 1 GLU A 87  ? ? 46.35   -122.58 
3 1 SER A 117 ? ? -140.54 39.92   
4 1 GLN A 155 ? ? -171.95 145.79  
# 
_pdbx_struct_special_symmetry.id              1 
_pdbx_struct_special_symmetry.PDB_model_num   1 
_pdbx_struct_special_symmetry.auth_asym_id    A 
_pdbx_struct_special_symmetry.auth_comp_id    HOH 
_pdbx_struct_special_symmetry.auth_seq_id     446 
_pdbx_struct_special_symmetry.PDB_ins_code    ? 
_pdbx_struct_special_symmetry.label_asym_id   C 
_pdbx_struct_special_symmetry.label_comp_id   HOH 
_pdbx_struct_special_symmetry.label_seq_id    . 
# 
loop_
_pdbx_unobs_or_zero_occ_residues.id 
_pdbx_unobs_or_zero_occ_residues.PDB_model_num 
_pdbx_unobs_or_zero_occ_residues.polymer_flag 
_pdbx_unobs_or_zero_occ_residues.occupancy_flag 
_pdbx_unobs_or_zero_occ_residues.auth_asym_id 
_pdbx_unobs_or_zero_occ_residues.auth_comp_id 
_pdbx_unobs_or_zero_occ_residues.auth_seq_id 
_pdbx_unobs_or_zero_occ_residues.PDB_ins_code 
_pdbx_unobs_or_zero_occ_residues.label_asym_id 
_pdbx_unobs_or_zero_occ_residues.label_comp_id 
_pdbx_unobs_or_zero_occ_residues.label_seq_id 
1  1 Y 1 A GLU 163 ? A GLU 162 
2  1 Y 1 A GLU 164 ? A GLU 163 
3  1 Y 1 A SER 165 ? A SER 164 
4  1 Y 1 A SER 166 ? A SER 165 
5  1 Y 1 A ILE 167 ? A ILE 166 
6  1 Y 1 A GLY 168 ? A GLY 167 
7  1 Y 1 A LYS 169 ? A LYS 168 
8  1 Y 1 A PHE 170 ? A PHE 169 
9  1 Y 1 A PRO 171 ? A PRO 170 
10 1 Y 1 A ARG 172 ? A ARG 171 
# 
loop_
_chem_comp_atom.comp_id 
_chem_comp_atom.atom_id 
_chem_comp_atom.type_symbol 
_chem_comp_atom.pdbx_aromatic_flag 
_chem_comp_atom.pdbx_stereo_config 
_chem_comp_atom.pdbx_ordinal 
ALA N    N  N N 1   
ALA CA   C  N S 2   
ALA C    C  N N 3   
ALA O    O  N N 4   
ALA CB   C  N N 5   
ALA OXT  O  N N 6   
ALA H    H  N N 7   
ALA H2   H  N N 8   
ALA HA   H  N N 9   
ALA HB1  H  N N 10  
ALA HB2  H  N N 11  
ALA HB3  H  N N 12  
ALA HXT  H  N N 13  
ARG N    N  N N 14  
ARG CA   C  N S 15  
ARG C    C  N N 16  
ARG O    O  N N 17  
ARG CB   C  N N 18  
ARG CG   C  N N 19  
ARG CD   C  N N 20  
ARG NE   N  N N 21  
ARG CZ   C  N N 22  
ARG NH1  N  N N 23  
ARG NH2  N  N N 24  
ARG OXT  O  N N 25  
ARG H    H  N N 26  
ARG H2   H  N N 27  
ARG HA   H  N N 28  
ARG HB2  H  N N 29  
ARG HB3  H  N N 30  
ARG HG2  H  N N 31  
ARG HG3  H  N N 32  
ARG HD2  H  N N 33  
ARG HD3  H  N N 34  
ARG HE   H  N N 35  
ARG HH11 H  N N 36  
ARG HH12 H  N N 37  
ARG HH21 H  N N 38  
ARG HH22 H  N N 39  
ARG HXT  H  N N 40  
ASN N    N  N N 41  
ASN CA   C  N S 42  
ASN C    C  N N 43  
ASN O    O  N N 44  
ASN CB   C  N N 45  
ASN CG   C  N N 46  
ASN OD1  O  N N 47  
ASN ND2  N  N N 48  
ASN OXT  O  N N 49  
ASN H    H  N N 50  
ASN H2   H  N N 51  
ASN HA   H  N N 52  
ASN HB2  H  N N 53  
ASN HB3  H  N N 54  
ASN HD21 H  N N 55  
ASN HD22 H  N N 56  
ASN HXT  H  N N 57  
ASP N    N  N N 58  
ASP CA   C  N S 59  
ASP C    C  N N 60  
ASP O    O  N N 61  
ASP CB   C  N N 62  
ASP CG   C  N N 63  
ASP OD1  O  N N 64  
ASP OD2  O  N N 65  
ASP OXT  O  N N 66  
ASP H    H  N N 67  
ASP H2   H  N N 68  
ASP HA   H  N N 69  
ASP HB2  H  N N 70  
ASP HB3  H  N N 71  
ASP HD2  H  N N 72  
ASP HXT  H  N N 73  
CYS N    N  N N 74  
CYS CA   C  N R 75  
CYS C    C  N N 76  
CYS O    O  N N 77  
CYS CB   C  N N 78  
CYS SG   S  N N 79  
CYS OXT  O  N N 80  
CYS H    H  N N 81  
CYS H2   H  N N 82  
CYS HA   H  N N 83  
CYS HB2  H  N N 84  
CYS HB3  H  N N 85  
CYS HG   H  N N 86  
CYS HXT  H  N N 87  
GLN N    N  N N 88  
GLN CA   C  N S 89  
GLN C    C  N N 90  
GLN O    O  N N 91  
GLN CB   C  N N 92  
GLN CG   C  N N 93  
GLN CD   C  N N 94  
GLN OE1  O  N N 95  
GLN NE2  N  N N 96  
GLN OXT  O  N N 97  
GLN H    H  N N 98  
GLN H2   H  N N 99  
GLN HA   H  N N 100 
GLN HB2  H  N N 101 
GLN HB3  H  N N 102 
GLN HG2  H  N N 103 
GLN HG3  H  N N 104 
GLN HE21 H  N N 105 
GLN HE22 H  N N 106 
GLN HXT  H  N N 107 
GLU N    N  N N 108 
GLU CA   C  N S 109 
GLU C    C  N N 110 
GLU O    O  N N 111 
GLU CB   C  N N 112 
GLU CG   C  N N 113 
GLU CD   C  N N 114 
GLU OE1  O  N N 115 
GLU OE2  O  N N 116 
GLU OXT  O  N N 117 
GLU H    H  N N 118 
GLU H2   H  N N 119 
GLU HA   H  N N 120 
GLU HB2  H  N N 121 
GLU HB3  H  N N 122 
GLU HG2  H  N N 123 
GLU HG3  H  N N 124 
GLU HE2  H  N N 125 
GLU HXT  H  N N 126 
GLY N    N  N N 127 
GLY CA   C  N N 128 
GLY C    C  N N 129 
GLY O    O  N N 130 
GLY OXT  O  N N 131 
GLY H    H  N N 132 
GLY H2   H  N N 133 
GLY HA2  H  N N 134 
GLY HA3  H  N N 135 
GLY HXT  H  N N 136 
HIS N    N  N N 137 
HIS CA   C  N S 138 
HIS C    C  N N 139 
HIS O    O  N N 140 
HIS CB   C  N N 141 
HIS CG   C  Y N 142 
HIS ND1  N  Y N 143 
HIS CD2  C  Y N 144 
HIS CE1  C  Y N 145 
HIS NE2  N  Y N 146 
HIS OXT  O  N N 147 
HIS H    H  N N 148 
HIS H2   H  N N 149 
HIS HA   H  N N 150 
HIS HB2  H  N N 151 
HIS HB3  H  N N 152 
HIS HD1  H  N N 153 
HIS HD2  H  N N 154 
HIS HE1  H  N N 155 
HIS HE2  H  N N 156 
HIS HXT  H  N N 157 
HOH O    O  N N 158 
HOH H1   H  N N 159 
HOH H2   H  N N 160 
ILE N    N  N N 161 
ILE CA   C  N S 162 
ILE C    C  N N 163 
ILE O    O  N N 164 
ILE CB   C  N S 165 
ILE CG1  C  N N 166 
ILE CG2  C  N N 167 
ILE CD1  C  N N 168 
ILE OXT  O  N N 169 
ILE H    H  N N 170 
ILE H2   H  N N 171 
ILE HA   H  N N 172 
ILE HB   H  N N 173 
ILE HG12 H  N N 174 
ILE HG13 H  N N 175 
ILE HG21 H  N N 176 
ILE HG22 H  N N 177 
ILE HG23 H  N N 178 
ILE HD11 H  N N 179 
ILE HD12 H  N N 180 
ILE HD13 H  N N 181 
ILE HXT  H  N N 182 
LEU N    N  N N 183 
LEU CA   C  N S 184 
LEU C    C  N N 185 
LEU O    O  N N 186 
LEU CB   C  N N 187 
LEU CG   C  N N 188 
LEU CD1  C  N N 189 
LEU CD2  C  N N 190 
LEU OXT  O  N N 191 
LEU H    H  N N 192 
LEU H2   H  N N 193 
LEU HA   H  N N 194 
LEU HB2  H  N N 195 
LEU HB3  H  N N 196 
LEU HG   H  N N 197 
LEU HD11 H  N N 198 
LEU HD12 H  N N 199 
LEU HD13 H  N N 200 
LEU HD21 H  N N 201 
LEU HD22 H  N N 202 
LEU HD23 H  N N 203 
LEU HXT  H  N N 204 
LYS N    N  N N 205 
LYS CA   C  N S 206 
LYS C    C  N N 207 
LYS O    O  N N 208 
LYS CB   C  N N 209 
LYS CG   C  N N 210 
LYS CD   C  N N 211 
LYS CE   C  N N 212 
LYS NZ   N  N N 213 
LYS OXT  O  N N 214 
LYS H    H  N N 215 
LYS H2   H  N N 216 
LYS HA   H  N N 217 
LYS HB2  H  N N 218 
LYS HB3  H  N N 219 
LYS HG2  H  N N 220 
LYS HG3  H  N N 221 
LYS HD2  H  N N 222 
LYS HD3  H  N N 223 
LYS HE2  H  N N 224 
LYS HE3  H  N N 225 
LYS HZ1  H  N N 226 
LYS HZ2  H  N N 227 
LYS HZ3  H  N N 228 
LYS HXT  H  N N 229 
MET N    N  N N 230 
MET CA   C  N S 231 
MET C    C  N N 232 
MET O    O  N N 233 
MET CB   C  N N 234 
MET CG   C  N N 235 
MET SD   S  N N 236 
MET CE   C  N N 237 
MET OXT  O  N N 238 
MET H    H  N N 239 
MET H2   H  N N 240 
MET HA   H  N N 241 
MET HB2  H  N N 242 
MET HB3  H  N N 243 
MET HG2  H  N N 244 
MET HG3  H  N N 245 
MET HE1  H  N N 246 
MET HE2  H  N N 247 
MET HE3  H  N N 248 
MET HXT  H  N N 249 
NI  NI   NI N N 250 
PHE N    N  N N 251 
PHE CA   C  N S 252 
PHE C    C  N N 253 
PHE O    O  N N 254 
PHE CB   C  N N 255 
PHE CG   C  Y N 256 
PHE CD1  C  Y N 257 
PHE CD2  C  Y N 258 
PHE CE1  C  Y N 259 
PHE CE2  C  Y N 260 
PHE CZ   C  Y N 261 
PHE OXT  O  N N 262 
PHE H    H  N N 263 
PHE H2   H  N N 264 
PHE HA   H  N N 265 
PHE HB2  H  N N 266 
PHE HB3  H  N N 267 
PHE HD1  H  N N 268 
PHE HD2  H  N N 269 
PHE HE1  H  N N 270 
PHE HE2  H  N N 271 
PHE HZ   H  N N 272 
PHE HXT  H  N N 273 
PRO N    N  N N 274 
PRO CA   C  N S 275 
PRO C    C  N N 276 
PRO O    O  N N 277 
PRO CB   C  N N 278 
PRO CG   C  N N 279 
PRO CD   C  N N 280 
PRO OXT  O  N N 281 
PRO H    H  N N 282 
PRO HA   H  N N 283 
PRO HB2  H  N N 284 
PRO HB3  H  N N 285 
PRO HG2  H  N N 286 
PRO HG3  H  N N 287 
PRO HD2  H  N N 288 
PRO HD3  H  N N 289 
PRO HXT  H  N N 290 
SER N    N  N N 291 
SER CA   C  N S 292 
SER C    C  N N 293 
SER O    O  N N 294 
SER CB   C  N N 295 
SER OG   O  N N 296 
SER OXT  O  N N 297 
SER H    H  N N 298 
SER H2   H  N N 299 
SER HA   H  N N 300 
SER HB2  H  N N 301 
SER HB3  H  N N 302 
SER HG   H  N N 303 
SER HXT  H  N N 304 
THR N    N  N N 305 
THR CA   C  N S 306 
THR C    C  N N 307 
THR O    O  N N 308 
THR CB   C  N R 309 
THR OG1  O  N N 310 
THR CG2  C  N N 311 
THR OXT  O  N N 312 
THR H    H  N N 313 
THR H2   H  N N 314 
THR HA   H  N N 315 
THR HB   H  N N 316 
THR HG1  H  N N 317 
THR HG21 H  N N 318 
THR HG22 H  N N 319 
THR HG23 H  N N 320 
THR HXT  H  N N 321 
TRP N    N  N N 322 
TRP CA   C  N S 323 
TRP C    C  N N 324 
TRP O    O  N N 325 
TRP CB   C  N N 326 
TRP CG   C  Y N 327 
TRP CD1  C  Y N 328 
TRP CD2  C  Y N 329 
TRP NE1  N  Y N 330 
TRP CE2  C  Y N 331 
TRP CE3  C  Y N 332 
TRP CZ2  C  Y N 333 
TRP CZ3  C  Y N 334 
TRP CH2  C  Y N 335 
TRP OXT  O  N N 336 
TRP H    H  N N 337 
TRP H2   H  N N 338 
TRP HA   H  N N 339 
TRP HB2  H  N N 340 
TRP HB3  H  N N 341 
TRP HD1  H  N N 342 
TRP HE1  H  N N 343 
TRP HE3  H  N N 344 
TRP HZ2  H  N N 345 
TRP HZ3  H  N N 346 
TRP HH2  H  N N 347 
TRP HXT  H  N N 348 
TYR N    N  N N 349 
TYR CA   C  N S 350 
TYR C    C  N N 351 
TYR O    O  N N 352 
TYR CB   C  N N 353 
TYR CG   C  Y N 354 
TYR CD1  C  Y N 355 
TYR CD2  C  Y N 356 
TYR CE1  C  Y N 357 
TYR CE2  C  Y N 358 
TYR CZ   C  Y N 359 
TYR OH   O  N N 360 
TYR OXT  O  N N 361 
TYR H    H  N N 362 
TYR H2   H  N N 363 
TYR HA   H  N N 364 
TYR HB2  H  N N 365 
TYR HB3  H  N N 366 
TYR HD1  H  N N 367 
TYR HD2  H  N N 368 
TYR HE1  H  N N 369 
TYR HE2  H  N N 370 
TYR HH   H  N N 371 
TYR HXT  H  N N 372 
VAL N    N  N N 373 
VAL CA   C  N S 374 
VAL C    C  N N 375 
VAL O    O  N N 376 
VAL CB   C  N N 377 
VAL CG1  C  N N 378 
VAL CG2  C  N N 379 
VAL OXT  O  N N 380 
VAL H    H  N N 381 
VAL H2   H  N N 382 
VAL HA   H  N N 383 
VAL HB   H  N N 384 
VAL HG11 H  N N 385 
VAL HG12 H  N N 386 
VAL HG13 H  N N 387 
VAL HG21 H  N N 388 
VAL HG22 H  N N 389 
VAL HG23 H  N N 390 
VAL HXT  H  N N 391 
# 
loop_
_chem_comp_bond.comp_id 
_chem_comp_bond.atom_id_1 
_chem_comp_bond.atom_id_2 
_chem_comp_bond.value_order 
_chem_comp_bond.pdbx_aromatic_flag 
_chem_comp_bond.pdbx_stereo_config 
_chem_comp_bond.pdbx_ordinal 
ALA N   CA   sing N N 1   
ALA N   H    sing N N 2   
ALA N   H2   sing N N 3   
ALA CA  C    sing N N 4   
ALA CA  CB   sing N N 5   
ALA CA  HA   sing N N 6   
ALA C   O    doub N N 7   
ALA C   OXT  sing N N 8   
ALA CB  HB1  sing N N 9   
ALA CB  HB2  sing N N 10  
ALA CB  HB3  sing N N 11  
ALA OXT HXT  sing N N 12  
ARG N   CA   sing N N 13  
ARG N   H    sing N N 14  
ARG N   H2   sing N N 15  
ARG CA  C    sing N N 16  
ARG CA  CB   sing N N 17  
ARG CA  HA   sing N N 18  
ARG C   O    doub N N 19  
ARG C   OXT  sing N N 20  
ARG CB  CG   sing N N 21  
ARG CB  HB2  sing N N 22  
ARG CB  HB3  sing N N 23  
ARG CG  CD   sing N N 24  
ARG CG  HG2  sing N N 25  
ARG CG  HG3  sing N N 26  
ARG CD  NE   sing N N 27  
ARG CD  HD2  sing N N 28  
ARG CD  HD3  sing N N 29  
ARG NE  CZ   sing N N 30  
ARG NE  HE   sing N N 31  
ARG CZ  NH1  sing N N 32  
ARG CZ  NH2  doub N N 33  
ARG NH1 HH11 sing N N 34  
ARG NH1 HH12 sing N N 35  
ARG NH2 HH21 sing N N 36  
ARG NH2 HH22 sing N N 37  
ARG OXT HXT  sing N N 38  
ASN N   CA   sing N N 39  
ASN N   H    sing N N 40  
ASN N   H2   sing N N 41  
ASN CA  C    sing N N 42  
ASN CA  CB   sing N N 43  
ASN CA  HA   sing N N 44  
ASN C   O    doub N N 45  
ASN C   OXT  sing N N 46  
ASN CB  CG   sing N N 47  
ASN CB  HB2  sing N N 48  
ASN CB  HB3  sing N N 49  
ASN CG  OD1  doub N N 50  
ASN CG  ND2  sing N N 51  
ASN ND2 HD21 sing N N 52  
ASN ND2 HD22 sing N N 53  
ASN OXT HXT  sing N N 54  
ASP N   CA   sing N N 55  
ASP N   H    sing N N 56  
ASP N   H2   sing N N 57  
ASP CA  C    sing N N 58  
ASP CA  CB   sing N N 59  
ASP CA  HA   sing N N 60  
ASP C   O    doub N N 61  
ASP C   OXT  sing N N 62  
ASP CB  CG   sing N N 63  
ASP CB  HB2  sing N N 64  
ASP CB  HB3  sing N N 65  
ASP CG  OD1  doub N N 66  
ASP CG  OD2  sing N N 67  
ASP OD2 HD2  sing N N 68  
ASP OXT HXT  sing N N 69  
CYS N   CA   sing N N 70  
CYS N   H    sing N N 71  
CYS N   H2   sing N N 72  
CYS CA  C    sing N N 73  
CYS CA  CB   sing N N 74  
CYS CA  HA   sing N N 75  
CYS C   O    doub N N 76  
CYS C   OXT  sing N N 77  
CYS CB  SG   sing N N 78  
CYS CB  HB2  sing N N 79  
CYS CB  HB3  sing N N 80  
CYS SG  HG   sing N N 81  
CYS OXT HXT  sing N N 82  
GLN N   CA   sing N N 83  
GLN N   H    sing N N 84  
GLN N   H2   sing N N 85  
GLN CA  C    sing N N 86  
GLN CA  CB   sing N N 87  
GLN CA  HA   sing N N 88  
GLN C   O    doub N N 89  
GLN C   OXT  sing N N 90  
GLN CB  CG   sing N N 91  
GLN CB  HB2  sing N N 92  
GLN CB  HB3  sing N N 93  
GLN CG  CD   sing N N 94  
GLN CG  HG2  sing N N 95  
GLN CG  HG3  sing N N 96  
GLN CD  OE1  doub N N 97  
GLN CD  NE2  sing N N 98  
GLN NE2 HE21 sing N N 99  
GLN NE2 HE22 sing N N 100 
GLN OXT HXT  sing N N 101 
GLU N   CA   sing N N 102 
GLU N   H    sing N N 103 
GLU N   H2   sing N N 104 
GLU CA  C    sing N N 105 
GLU CA  CB   sing N N 106 
GLU CA  HA   sing N N 107 
GLU C   O    doub N N 108 
GLU C   OXT  sing N N 109 
GLU CB  CG   sing N N 110 
GLU CB  HB2  sing N N 111 
GLU CB  HB3  sing N N 112 
GLU CG  CD   sing N N 113 
GLU CG  HG2  sing N N 114 
GLU CG  HG3  sing N N 115 
GLU CD  OE1  doub N N 116 
GLU CD  OE2  sing N N 117 
GLU OE2 HE2  sing N N 118 
GLU OXT HXT  sing N N 119 
GLY N   CA   sing N N 120 
GLY N   H    sing N N 121 
GLY N   H2   sing N N 122 
GLY CA  C    sing N N 123 
GLY CA  HA2  sing N N 124 
GLY CA  HA3  sing N N 125 
GLY C   O    doub N N 126 
GLY C   OXT  sing N N 127 
GLY OXT HXT  sing N N 128 
HIS N   CA   sing N N 129 
HIS N   H    sing N N 130 
HIS N   H2   sing N N 131 
HIS CA  C    sing N N 132 
HIS CA  CB   sing N N 133 
HIS CA  HA   sing N N 134 
HIS C   O    doub N N 135 
HIS C   OXT  sing N N 136 
HIS CB  CG   sing N N 137 
HIS CB  HB2  sing N N 138 
HIS CB  HB3  sing N N 139 
HIS CG  ND1  sing Y N 140 
HIS CG  CD2  doub Y N 141 
HIS ND1 CE1  doub Y N 142 
HIS ND1 HD1  sing N N 143 
HIS CD2 NE2  sing Y N 144 
HIS CD2 HD2  sing N N 145 
HIS CE1 NE2  sing Y N 146 
HIS CE1 HE1  sing N N 147 
HIS NE2 HE2  sing N N 148 
HIS OXT HXT  sing N N 149 
HOH O   H1   sing N N 150 
HOH O   H2   sing N N 151 
ILE N   CA   sing N N 152 
ILE N   H    sing N N 153 
ILE N   H2   sing N N 154 
ILE CA  C    sing N N 155 
ILE CA  CB   sing N N 156 
ILE CA  HA   sing N N 157 
ILE C   O    doub N N 158 
ILE C   OXT  sing N N 159 
ILE CB  CG1  sing N N 160 
ILE CB  CG2  sing N N 161 
ILE CB  HB   sing N N 162 
ILE CG1 CD1  sing N N 163 
ILE CG1 HG12 sing N N 164 
ILE CG1 HG13 sing N N 165 
ILE CG2 HG21 sing N N 166 
ILE CG2 HG22 sing N N 167 
ILE CG2 HG23 sing N N 168 
ILE CD1 HD11 sing N N 169 
ILE CD1 HD12 sing N N 170 
ILE CD1 HD13 sing N N 171 
ILE OXT HXT  sing N N 172 
LEU N   CA   sing N N 173 
LEU N   H    sing N N 174 
LEU N   H2   sing N N 175 
LEU CA  C    sing N N 176 
LEU CA  CB   sing N N 177 
LEU CA  HA   sing N N 178 
LEU C   O    doub N N 179 
LEU C   OXT  sing N N 180 
LEU CB  CG   sing N N 181 
LEU CB  HB2  sing N N 182 
LEU CB  HB3  sing N N 183 
LEU CG  CD1  sing N N 184 
LEU CG  CD2  sing N N 185 
LEU CG  HG   sing N N 186 
LEU CD1 HD11 sing N N 187 
LEU CD1 HD12 sing N N 188 
LEU CD1 HD13 sing N N 189 
LEU CD2 HD21 sing N N 190 
LEU CD2 HD22 sing N N 191 
LEU CD2 HD23 sing N N 192 
LEU OXT HXT  sing N N 193 
LYS N   CA   sing N N 194 
LYS N   H    sing N N 195 
LYS N   H2   sing N N 196 
LYS CA  C    sing N N 197 
LYS CA  CB   sing N N 198 
LYS CA  HA   sing N N 199 
LYS C   O    doub N N 200 
LYS C   OXT  sing N N 201 
LYS CB  CG   sing N N 202 
LYS CB  HB2  sing N N 203 
LYS CB  HB3  sing N N 204 
LYS CG  CD   sing N N 205 
LYS CG  HG2  sing N N 206 
LYS CG  HG3  sing N N 207 
LYS CD  CE   sing N N 208 
LYS CD  HD2  sing N N 209 
LYS CD  HD3  sing N N 210 
LYS CE  NZ   sing N N 211 
LYS CE  HE2  sing N N 212 
LYS CE  HE3  sing N N 213 
LYS NZ  HZ1  sing N N 214 
LYS NZ  HZ2  sing N N 215 
LYS NZ  HZ3  sing N N 216 
LYS OXT HXT  sing N N 217 
MET N   CA   sing N N 218 
MET N   H    sing N N 219 
MET N   H2   sing N N 220 
MET CA  C    sing N N 221 
MET CA  CB   sing N N 222 
MET CA  HA   sing N N 223 
MET C   O    doub N N 224 
MET C   OXT  sing N N 225 
MET CB  CG   sing N N 226 
MET CB  HB2  sing N N 227 
MET CB  HB3  sing N N 228 
MET CG  SD   sing N N 229 
MET CG  HG2  sing N N 230 
MET CG  HG3  sing N N 231 
MET SD  CE   sing N N 232 
MET CE  HE1  sing N N 233 
MET CE  HE2  sing N N 234 
MET CE  HE3  sing N N 235 
MET OXT HXT  sing N N 236 
PHE N   CA   sing N N 237 
PHE N   H    sing N N 238 
PHE N   H2   sing N N 239 
PHE CA  C    sing N N 240 
PHE CA  CB   sing N N 241 
PHE CA  HA   sing N N 242 
PHE C   O    doub N N 243 
PHE C   OXT  sing N N 244 
PHE CB  CG   sing N N 245 
PHE CB  HB2  sing N N 246 
PHE CB  HB3  sing N N 247 
PHE CG  CD1  doub Y N 248 
PHE CG  CD2  sing Y N 249 
PHE CD1 CE1  sing Y N 250 
PHE CD1 HD1  sing N N 251 
PHE CD2 CE2  doub Y N 252 
PHE CD2 HD2  sing N N 253 
PHE CE1 CZ   doub Y N 254 
PHE CE1 HE1  sing N N 255 
PHE CE2 CZ   sing Y N 256 
PHE CE2 HE2  sing N N 257 
PHE CZ  HZ   sing N N 258 
PHE OXT HXT  sing N N 259 
PRO N   CA   sing N N 260 
PRO N   CD   sing N N 261 
PRO N   H    sing N N 262 
PRO CA  C    sing N N 263 
PRO CA  CB   sing N N 264 
PRO CA  HA   sing N N 265 
PRO C   O    doub N N 266 
PRO C   OXT  sing N N 267 
PRO CB  CG   sing N N 268 
PRO CB  HB2  sing N N 269 
PRO CB  HB3  sing N N 270 
PRO CG  CD   sing N N 271 
PRO CG  HG2  sing N N 272 
PRO CG  HG3  sing N N 273 
PRO CD  HD2  sing N N 274 
PRO CD  HD3  sing N N 275 
PRO OXT HXT  sing N N 276 
SER N   CA   sing N N 277 
SER N   H    sing N N 278 
SER N   H2   sing N N 279 
SER CA  C    sing N N 280 
SER CA  CB   sing N N 281 
SER CA  HA   sing N N 282 
SER C   O    doub N N 283 
SER C   OXT  sing N N 284 
SER CB  OG   sing N N 285 
SER CB  HB2  sing N N 286 
SER CB  HB3  sing N N 287 
SER OG  HG   sing N N 288 
SER OXT HXT  sing N N 289 
THR N   CA   sing N N 290 
THR N   H    sing N N 291 
THR N   H2   sing N N 292 
THR CA  C    sing N N 293 
THR CA  CB   sing N N 294 
THR CA  HA   sing N N 295 
THR C   O    doub N N 296 
THR C   OXT  sing N N 297 
THR CB  OG1  sing N N 298 
THR CB  CG2  sing N N 299 
THR CB  HB   sing N N 300 
THR OG1 HG1  sing N N 301 
THR CG2 HG21 sing N N 302 
THR CG2 HG22 sing N N 303 
THR CG2 HG23 sing N N 304 
THR OXT HXT  sing N N 305 
TRP N   CA   sing N N 306 
TRP N   H    sing N N 307 
TRP N   H2   sing N N 308 
TRP CA  C    sing N N 309 
TRP CA  CB   sing N N 310 
TRP CA  HA   sing N N 311 
TRP C   O    doub N N 312 
TRP C   OXT  sing N N 313 
TRP CB  CG   sing N N 314 
TRP CB  HB2  sing N N 315 
TRP CB  HB3  sing N N 316 
TRP CG  CD1  doub Y N 317 
TRP CG  CD2  sing Y N 318 
TRP CD1 NE1  sing Y N 319 
TRP CD1 HD1  sing N N 320 
TRP CD2 CE2  doub Y N 321 
TRP CD2 CE3  sing Y N 322 
TRP NE1 CE2  sing Y N 323 
TRP NE1 HE1  sing N N 324 
TRP CE2 CZ2  sing Y N 325 
TRP CE3 CZ3  doub Y N 326 
TRP CE3 HE3  sing N N 327 
TRP CZ2 CH2  doub Y N 328 
TRP CZ2 HZ2  sing N N 329 
TRP CZ3 CH2  sing Y N 330 
TRP CZ3 HZ3  sing N N 331 
TRP CH2 HH2  sing N N 332 
TRP OXT HXT  sing N N 333 
TYR N   CA   sing N N 334 
TYR N   H    sing N N 335 
TYR N   H2   sing N N 336 
TYR CA  C    sing N N 337 
TYR CA  CB   sing N N 338 
TYR CA  HA   sing N N 339 
TYR C   O    doub N N 340 
TYR C   OXT  sing N N 341 
TYR CB  CG   sing N N 342 
TYR CB  HB2  sing N N 343 
TYR CB  HB3  sing N N 344 
TYR CG  CD1  doub Y N 345 
TYR CG  CD2  sing Y N 346 
TYR CD1 CE1  sing Y N 347 
TYR CD1 HD1  sing N N 348 
TYR CD2 CE2  doub Y N 349 
TYR CD2 HD2  sing N N 350 
TYR CE1 CZ   doub Y N 351 
TYR CE1 HE1  sing N N 352 
TYR CE2 CZ   sing Y N 353 
TYR CE2 HE2  sing N N 354 
TYR CZ  OH   sing N N 355 
TYR OH  HH   sing N N 356 
TYR OXT HXT  sing N N 357 
VAL N   CA   sing N N 358 
VAL N   H    sing N N 359 
VAL N   H2   sing N N 360 
VAL CA  C    sing N N 361 
VAL CA  CB   sing N N 362 
VAL CA  HA   sing N N 363 
VAL C   O    doub N N 364 
VAL C   OXT  sing N N 365 
VAL CB  CG1  sing N N 366 
VAL CB  CG2  sing N N 367 
VAL CB  HB   sing N N 368 
VAL CG1 HG11 sing N N 369 
VAL CG1 HG12 sing N N 370 
VAL CG1 HG13 sing N N 371 
VAL CG2 HG21 sing N N 372 
VAL CG2 HG22 sing N N 373 
VAL CG2 HG23 sing N N 374 
VAL OXT HXT  sing N N 375 
# 
_atom_sites.entry_id                    1JHJ 
_atom_sites.fract_transf_matrix[1][1]   -0.00265506 
_atom_sites.fract_transf_matrix[1][2]   -0.00609181 
_atom_sites.fract_transf_matrix[1][3]   -0.00977903 
_atom_sites.fract_transf_matrix[2][1]   -0.00409423 
_atom_sites.fract_transf_matrix[2][2]   0.00564077 
_atom_sites.fract_transf_matrix[2][3]   -0.00954999 
_atom_sites.fract_transf_matrix[3][1]   0.01381525 
_atom_sites.fract_transf_matrix[3][2]   0.00178962 
_atom_sites.fract_transf_matrix[3][3]   -0.00486575 
_atom_sites.fract_transf_vector[1]      0.391207 
_atom_sites.fract_transf_vector[2]      0.310217 
_atom_sites.fract_transf_vector[3]      0.270725 
# 
loop_
_atom_type.symbol 
C  
N  
NI 
O  
S  
# 
loop_
_atom_site.group_PDB 
_atom_site.id 
_atom_site.type_symbol 
_atom_site.label_atom_id 
_atom_site.label_alt_id 
_atom_site.label_comp_id 
_atom_site.label_asym_id 
_atom_site.label_entity_id 
_atom_site.label_seq_id 
_atom_site.pdbx_PDB_ins_code 
_atom_site.Cartn_x 
_atom_site.Cartn_y 
_atom_site.Cartn_z 
_atom_site.occupancy 
_atom_site.B_iso_or_equiv 
_atom_site.pdbx_formal_charge 
_atom_site.auth_seq_id 
_atom_site.auth_comp_id 
_atom_site.auth_asym_id 
_atom_site.auth_atom_id 
_atom_site.pdbx_PDB_model_num 
ATOM   1    N  N   . ALA A 1 1   ? -2.358  -6.170  25.968  1.00 39.35 ? 2   ALA A N   1 
ATOM   2    C  CA  . ALA A 1 1   ? -1.750  -6.547  24.663  1.00 35.14 ? 2   ALA A CA  1 
ATOM   3    C  C   . ALA A 1 1   ? -2.792  -7.116  23.693  1.00 32.34 ? 2   ALA A C   1 
ATOM   4    O  O   . ALA A 1 1   ? -3.867  -7.574  24.091  1.00 30.78 ? 2   ALA A O   1 
ATOM   5    C  CB  . ALA A 1 1   ? -0.614  -7.604  24.889  1.00 31.67 ? 2   ALA A CB  1 
ATOM   6    N  N   . THR A 1 2   ? -2.474  -7.078  22.403  1.00 30.01 ? 3   THR A N   1 
ATOM   7    C  CA  . THR A 1 2   ? -3.342  -7.664  21.374  1.00 28.50 ? 3   THR A CA  1 
ATOM   8    C  C   . THR A 1 2   ? -2.416  -8.693  20.783  1.00 26.08 ? 3   THR A C   1 
ATOM   9    O  O   . THR A 1 2   ? -1.687  -8.447  19.830  1.00 26.57 ? 3   THR A O   1 
ATOM   10   C  CB  . THR A 1 2   ? -3.735  -6.628  20.321  1.00 31.01 ? 3   THR A CB  1 
ATOM   11   O  OG1 . THR A 1 2   ? -4.411  -5.555  20.981  1.00 37.99 ? 3   THR A OG1 1 
ATOM   12   C  CG2 . THR A 1 2   ? -4.669  -7.251  19.246  1.00 30.16 ? 3   THR A CG2 1 
ATOM   13   N  N   . PRO A 1 3   ? -2.445  -9.907  21.341  1.00 24.14 ? 4   PRO A N   1 
ATOM   14   C  CA  . PRO A 1 3   ? -1.602  -11.020 20.924  1.00 26.42 ? 4   PRO A CA  1 
ATOM   15   C  C   . PRO A 1 3   ? -1.561  -11.394 19.455  1.00 22.90 ? 4   PRO A C   1 
ATOM   16   O  O   . PRO A 1 3   ? -0.507  -11.763 18.949  1.00 26.88 ? 4   PRO A O   1 
ATOM   17   C  CB  . PRO A 1 3   ? -2.057  -12.166 21.848  1.00 24.43 ? 4   PRO A CB  1 
ATOM   18   C  CG  . PRO A 1 3   ? -3.458  -11.763 22.261  1.00 28.29 ? 4   PRO A CG  1 
ATOM   19   C  CD  . PRO A 1 3   ? -3.424  -10.286 22.380  1.00 29.16 ? 4   PRO A CD  1 
ATOM   20   N  N   . ASN A 1 4   ? -2.689  -11.268 18.759  1.00 23.09 ? 5   ASN A N   1 
ATOM   21   C  CA  . ASN A 1 4   ? -2.672  -11.611 17.346  1.00 21.26 ? 5   ASN A CA  1 
ATOM   22   C  C   . ASN A 1 4   ? -2.574  -10.376 16.425  1.00 22.55 ? 5   ASN A C   1 
ATOM   23   O  O   . ASN A 1 4   ? -2.947  -10.445 15.259  1.00 23.03 ? 5   ASN A O   1 
ATOM   24   C  CB  . ASN A 1 4   ? -3.902  -12.451 16.975  1.00 22.77 ? 5   ASN A CB  1 
ATOM   25   C  CG  . ASN A 1 4   ? -5.212  -11.678 17.102  1.00 22.71 ? 5   ASN A CG  1 
ATOM   26   O  OD1 . ASN A 1 4   ? -5.321  -10.687 17.845  1.00 28.28 ? 5   ASN A OD1 1 
ATOM   27   N  ND2 . ASN A 1 4   ? -6.212  -12.133 16.370  1.00 31.85 ? 5   ASN A ND2 1 
ATOM   28   N  N   . LYS A 1 5   ? -2.055  -9.279  16.950  1.00 22.73 ? 6   LYS A N   1 
ATOM   29   C  CA  . LYS A 1 5   ? -1.853  -8.099  16.098  1.00 24.60 ? 6   LYS A CA  1 
ATOM   30   C  C   . LYS A 1 5   ? -0.810  -8.450  15.028  1.00 24.79 ? 6   LYS A C   1 
ATOM   31   O  O   . LYS A 1 5   ? 0.063   -9.307  15.206  1.00 23.88 ? 6   LYS A O   1 
ATOM   32   C  CB  . LYS A 1 5   ? -1.383  -6.898  16.938  1.00 21.91 ? 6   LYS A CB  1 
ATOM   33   C  CG  . LYS A 1 5   ? 0.082   -6.944  17.361  1.00 22.67 ? 6   LYS A CG  1 
ATOM   34   C  CD  . LYS A 1 5   ? 0.401   -5.945  18.448  1.00 25.46 ? 6   LYS A CD  1 
ATOM   35   C  CE  . LYS A 1 5   ? 1.922   -5.795  18.586  1.00 28.44 ? 6   LYS A CE  1 
ATOM   36   N  NZ  . LYS A 1 5   ? 2.319   -4.856  19.662  1.00 34.22 ? 6   LYS A NZ  1 
ATOM   37   N  N   . THR A 1 6   ? -0.921  -7.798  13.883  1.00 21.06 ? 7   THR A N   1 
ATOM   38   C  CA  . THR A 1 6   ? -0.006  -7.989  12.773  1.00 23.14 ? 7   THR A CA  1 
ATOM   39   C  C   . THR A 1 6   ? 1.386   -7.491  13.173  1.00 24.31 ? 7   THR A C   1 
ATOM   40   O  O   . THR A 1 6   ? 1.562   -6.333  13.570  1.00 24.98 ? 7   THR A O   1 
ATOM   41   C  CB  . THR A 1 6   ? -0.548  -7.181  11.569  1.00 20.91 ? 7   THR A CB  1 
ATOM   42   O  OG1 . THR A 1 6   ? -1.873  -7.642  11.317  1.00 20.50 ? 7   THR A OG1 1 
ATOM   43   C  CG2 . THR A 1 6   ? 0.283   -7.401  10.288  1.00 23.90 ? 7   THR A CG2 1 
ATOM   44   N  N   . PRO A 1 7   ? 2.407   -8.367  13.088  1.00 21.04 ? 8   PRO A N   1 
ATOM   45   C  CA  . PRO A 1 7   ? 3.741   -7.904  13.471  1.00 22.85 ? 8   PRO A CA  1 
ATOM   46   C  C   . PRO A 1 7   ? 4.251   -6.809  12.533  1.00 22.10 ? 8   PRO A C   1 
ATOM   47   O  O   . PRO A 1 7   ? 4.028   -6.897  11.323  1.00 23.02 ? 8   PRO A O   1 
ATOM   48   C  CB  . PRO A 1 7   ? 4.625   -9.150  13.314  1.00 23.32 ? 8   PRO A CB  1 
ATOM   49   C  CG  . PRO A 1 7   ? 3.681   -10.313 13.493  1.00 24.73 ? 8   PRO A CG  1 
ATOM   50   C  CD  . PRO A 1 7   ? 2.393   -9.824  12.796  1.00 23.53 ? 8   PRO A CD  1 
ATOM   51   N  N   . PRO A 1 8   ? 4.951   -5.805  13.079  1.00 23.19 ? 9   PRO A N   1 
ATOM   52   C  CA  . PRO A 1 8   ? 5.491   -4.726  12.242  1.00 27.51 ? 9   PRO A CA  1 
ATOM   53   C  C   . PRO A 1 8   ? 6.639   -5.295  11.403  1.00 30.04 ? 9   PRO A C   1 
ATOM   54   O  O   . PRO A 1 8   ? 7.396   -6.166  11.867  1.00 28.78 ? 9   PRO A O   1 
ATOM   55   C  CB  . PRO A 1 8   ? 5.977   -3.691  13.270  1.00 31.28 ? 9   PRO A CB  1 
ATOM   56   C  CG  . PRO A 1 8   ? 6.160   -4.520  14.552  1.00 31.69 ? 9   PRO A CG  1 
ATOM   57   C  CD  . PRO A 1 8   ? 4.975   -5.429  14.500  1.00 26.69 ? 9   PRO A CD  1 
ATOM   58   N  N   . GLY A 1 9   ? 6.755   -4.818  10.170  1.00 25.01 ? 10  GLY A N   1 
ATOM   59   C  CA  . GLY A 1 9   ? 7.806   -5.276  9.290   1.00 28.14 ? 10  GLY A CA  1 
ATOM   60   C  C   . GLY A 1 9   ? 9.028   -4.387  9.400   1.00 25.47 ? 10  GLY A C   1 
ATOM   61   O  O   . GLY A 1 9   ? 9.080   -3.473  10.216  1.00 26.98 ? 10  GLY A O   1 
ATOM   62   N  N   . ALA A 1 10  ? 10.003  -4.683  8.551   1.00 32.08 ? 11  ALA A N   1 
ATOM   63   C  CA  . ALA A 1 10  ? 11.267  -3.956  8.508   1.00 32.32 ? 11  ALA A CA  1 
ATOM   64   C  C   . ALA A 1 10  ? 11.090  -2.563  7.914   1.00 35.64 ? 11  ALA A C   1 
ATOM   65   O  O   . ALA A 1 10  ? 10.201  -2.323  7.091   1.00 28.73 ? 11  ALA A O   1 
ATOM   66   C  CB  . ALA A 1 10  ? 12.272  -4.737  7.673   1.00 30.43 ? 11  ALA A CB  1 
ATOM   67   N  N   . ASP A 1 11  ? 11.952  -1.655  8.336   1.00 32.86 ? 12  ASP A N   1 
ATOM   68   C  CA  . ASP A 1 11  ? 11.941  -0.303  7.829   1.00 34.19 ? 12  ASP A CA  1 
ATOM   69   C  C   . ASP A 1 11  ? 12.471  -0.419  6.392   1.00 31.18 ? 12  ASP A C   1 
ATOM   70   O  O   . ASP A 1 11  ? 13.562  -0.964  6.155   1.00 28.19 ? 12  ASP A O   1 
ATOM   71   C  CB  . ASP A 1 11  ? 12.879  0.544   8.675   1.00 36.32 ? 12  ASP A CB  1 
ATOM   72   C  CG  . ASP A 1 11  ? 12.952  1.969   8.203   1.00 42.18 ? 12  ASP A CG  1 
ATOM   73   O  OD1 . ASP A 1 11  ? 12.552  2.249   7.053   1.00 42.47 ? 12  ASP A OD1 1 
ATOM   74   O  OD2 . ASP A 1 11  ? 13.431  2.809   8.987   1.00 52.33 ? 12  ASP A OD2 1 
ATOM   75   N  N   . PRO A 1 12  ? 11.709  0.077   5.399   1.00 31.65 ? 13  PRO A N   1 
ATOM   76   C  CA  . PRO A 1 12  ? 12.139  -0.003  4.002   1.00 27.09 ? 13  PRO A CA  1 
ATOM   77   C  C   . PRO A 1 12  ? 13.501  0.604   3.735   1.00 30.99 ? 13  PRO A C   1 
ATOM   78   O  O   . PRO A 1 12  ? 14.178  0.198   2.792   1.00 33.82 ? 13  PRO A O   1 
ATOM   79   C  CB  . PRO A 1 12  ? 11.047  0.763   3.260   1.00 35.40 ? 13  PRO A CB  1 
ATOM   80   C  CG  . PRO A 1 12  ? 9.860   0.521   4.085   1.00 27.85 ? 13  PRO A CG  1 
ATOM   81   C  CD  . PRO A 1 12  ? 10.331  0.600   5.498   1.00 27.33 ? 13  PRO A CD  1 
ATOM   82   N  N   . LYS A 1 13  ? 13.878  1.577   4.556   1.00 33.57 ? 14  LYS A N   1 
ATOM   83   C  CA  . LYS A 1 13  ? 15.169  2.252   4.426   1.00 39.89 ? 14  LYS A CA  1 
ATOM   84   C  C   . LYS A 1 13  ? 16.293  1.240   4.621   1.00 43.62 ? 14  LYS A C   1 
ATOM   85   O  O   . LYS A 1 13  ? 17.314  1.295   3.920   1.00 40.93 ? 14  LYS A O   1 
ATOM   86   C  CB  . LYS A 1 13  ? 15.297  3.375   5.460   1.00 45.77 ? 14  LYS A CB  1 
ATOM   87   C  CG  . LYS A 1 13  ? 14.186  4.426   5.363   1.00 54.45 ? 14  LYS A CG  1 
ATOM   88   C  CD  . LYS A 1 13  ? 14.371  5.611   6.318   1.00 58.14 ? 14  LYS A CD  1 
ATOM   89   C  CE  . LYS A 1 13  ? 13.371  6.726   5.982   1.00 61.52 ? 14  LYS A CE  1 
ATOM   90   N  NZ  . LYS A 1 13  ? 13.683  8.037   6.630   1.00 63.53 ? 14  LYS A NZ  1 
ATOM   91   N  N   . GLN A 1 14  ? 16.107  0.316   5.567   1.00 41.23 ? 15  GLN A N   1 
ATOM   92   C  CA  . GLN A 1 14  ? 17.126  -0.703  5.825   1.00 42.79 ? 15  GLN A CA  1 
ATOM   93   C  C   . GLN A 1 14  ? 17.328  -1.504  4.566   1.00 37.43 ? 15  GLN A C   1 
ATOM   94   O  O   . GLN A 1 14  ? 18.448  -1.847  4.203   1.00 42.80 ? 15  GLN A O   1 
ATOM   95   C  CB  . GLN A 1 14  ? 16.705  -1.642  6.955   1.00 44.37 ? 15  GLN A CB  1 
ATOM   96   C  CG  . GLN A 1 14  ? 16.497  -0.934  8.266   1.00 55.11 ? 15  GLN A CG  1 
ATOM   97   C  CD  . GLN A 1 14  ? 17.653  -0.017  8.601   1.00 61.41 ? 15  GLN A CD  1 
ATOM   98   O  OE1 . GLN A 1 14  ? 18.781  -0.470  8.827   1.00 63.21 ? 15  GLN A OE1 1 
ATOM   99   N  NE2 . GLN A 1 14  ? 17.383  1.291   8.621   1.00 65.90 ? 15  GLN A NE2 1 
ATOM   100  N  N   . LEU A 1 15  ? 16.227  -1.798  3.894   1.00 37.59 ? 16  LEU A N   1 
ATOM   101  C  CA  . LEU A 1 15  ? 16.270  -2.544  2.652   1.00 34.48 ? 16  LEU A CA  1 
ATOM   102  C  C   . LEU A 1 15  ? 17.066  -1.740  1.623   1.00 38.79 ? 16  LEU A C   1 
ATOM   103  O  O   . LEU A 1 15  ? 17.958  -2.254  0.954   1.00 33.23 ? 16  LEU A O   1 
ATOM   104  C  CB  . LEU A 1 15  ? 14.846  -2.772  2.154   1.00 35.00 ? 16  LEU A CB  1 
ATOM   105  C  CG  . LEU A 1 15  ? 14.604  -3.668  0.957   1.00 39.38 ? 16  LEU A CG  1 
ATOM   106  C  CD1 . LEU A 1 15  ? 15.436  -4.944  1.056   1.00 42.61 ? 16  LEU A CD1 1 
ATOM   107  C  CD2 . LEU A 1 15  ? 13.135  -3.987  0.924   1.00 42.38 ? 16  LEU A CD2 1 
ATOM   108  N  N   . GLU A 1 16  ? 16.753  -0.457  1.520   1.00 36.82 ? 17  GLU A N   1 
ATOM   109  C  CA  . GLU A 1 16  ? 17.438  0.388   0.558   1.00 36.14 ? 17  GLU A CA  1 
ATOM   110  C  C   . GLU A 1 16  ? 18.936  0.490   0.819   1.00 35.14 ? 17  GLU A C   1 
ATOM   111  O  O   . GLU A 1 16  ? 19.726  0.550   -0.119  1.00 35.44 ? 17  GLU A O   1 
ATOM   112  C  CB  . GLU A 1 16  ? 16.824  1.784   0.566   1.00 36.88 ? 17  GLU A CB  1 
ATOM   113  C  CG  . GLU A 1 16  ? 15.478  1.831   -0.101  1.00 36.18 ? 17  GLU A CG  1 
ATOM   114  C  CD  . GLU A 1 16  ? 14.828  3.199   -0.017  1.00 42.56 ? 17  GLU A CD  1 
ATOM   115  O  OE1 . GLU A 1 16  ? 15.532  4.182   0.326   1.00 44.41 ? 17  GLU A OE1 1 
ATOM   116  O  OE2 . GLU A 1 16  ? 13.616  3.288   -0.297  1.00 32.18 ? 17  GLU A OE2 1 
ATOM   117  N  N   . ARG A 1 17  ? 19.328  0.548   2.084   1.00 37.92 ? 18  ARG A N   1 
ATOM   118  C  CA  . ARG A 1 17  ? 20.747  0.662   2.393   1.00 40.23 ? 18  ARG A CA  1 
ATOM   119  C  C   . ARG A 1 17  ? 21.519  -0.613  2.042   1.00 43.69 ? 18  ARG A C   1 
ATOM   120  O  O   . ARG A 1 17  ? 22.761  -0.622  2.034   1.00 44.54 ? 18  ARG A O   1 
ATOM   121  C  CB  . ARG A 1 17  ? 20.942  1.033   3.866   1.00 41.57 ? 18  ARG A CB  1 
ATOM   122  C  CG  . ARG A 1 17  ? 20.384  2.409   4.203   1.00 47.71 ? 18  ARG A CG  1 
ATOM   123  C  CD  . ARG A 1 17  ? 20.724  2.880   5.598   1.00 50.13 ? 18  ARG A CD  1 
ATOM   124  N  NE  . ARG A 1 17  ? 19.914  4.047   5.939   1.00 58.15 ? 18  ARG A NE  1 
ATOM   125  C  CZ  . ARG A 1 17  ? 19.987  4.714   7.089   1.00 61.50 ? 18  ARG A CZ  1 
ATOM   126  N  NH1 . ARG A 1 17  ? 20.846  4.337   8.028   1.00 64.76 ? 18  ARG A NH1 1 
ATOM   127  N  NH2 . ARG A 1 17  ? 19.183  5.750   7.307   1.00 62.88 ? 18  ARG A NH2 1 
ATOM   128  N  N   . THR A 1 18  ? 20.806  -1.690  1.738   1.00 42.71 ? 19  THR A N   1 
ATOM   129  C  CA  . THR A 1 18  ? 21.498  -2.923  1.385   1.00 42.98 ? 19  THR A CA  1 
ATOM   130  C  C   . THR A 1 18  ? 21.898  -2.849  -0.077  1.00 43.85 ? 19  THR A C   1 
ATOM   131  O  O   . THR A 1 18  ? 22.651  -3.696  -0.559  1.00 47.13 ? 19  THR A O   1 
ATOM   132  C  CB  . THR A 1 18  ? 20.614  -4.180  1.560   1.00 41.20 ? 19  THR A CB  1 
ATOM   133  O  OG1 . THR A 1 18  ? 19.520  -4.112  0.639   1.00 41.07 ? 19  THR A OG1 1 
ATOM   134  C  CG2 . THR A 1 18  ? 20.096  -4.295  2.990   1.00 36.90 ? 19  THR A CG2 1 
ATOM   135  N  N   . GLY A 1 19  ? 21.382  -1.839  -0.778  1.00 42.69 ? 20  GLY A N   1 
ATOM   136  C  CA  . GLY A 1 19  ? 21.668  -1.668  -2.195  1.00 42.59 ? 20  GLY A CA  1 
ATOM   137  C  C   . GLY A 1 19  ? 21.144  -2.776  -3.096  1.00 42.10 ? 20  GLY A C   1 
ATOM   138  O  O   . GLY A 1 19  ? 21.569  -2.896  -4.237  1.00 45.13 ? 20  GLY A O   1 
ATOM   139  N  N   . THR A 1 20  ? 20.208  -3.584  -2.608  1.00 40.52 ? 21  THR A N   1 
ATOM   140  C  CA  . THR A 1 20  ? 19.669  -4.692  -3.399  1.00 39.83 ? 21  THR A CA  1 
ATOM   141  C  C   . THR A 1 20  ? 18.325  -4.418  -4.093  1.00 39.98 ? 21  THR A C   1 
ATOM   142  O  O   . THR A 1 20  ? 17.875  -5.196  -4.947  1.00 40.33 ? 21  THR A O   1 
ATOM   143  C  CB  . THR A 1 20  ? 19.491  -5.941  -2.514  1.00 38.89 ? 21  THR A CB  1 
ATOM   144  O  OG1 . THR A 1 20  ? 18.737  -5.578  -1.347  1.00 37.48 ? 21  THR A OG1 1 
ATOM   145  C  CG2 . THR A 1 20  ? 20.854  -6.503  -2.085  1.00 41.50 ? 21  THR A CG2 1 
ATOM   146  N  N   . VAL A 1 21  ? 17.686  -3.312  -3.723  1.00 39.86 ? 22  VAL A N   1 
ATOM   147  C  CA  . VAL A 1 21  ? 16.391  -2.941  -4.294  1.00 35.66 ? 22  VAL A CA  1 
ATOM   148  C  C   . VAL A 1 21  ? 16.401  -1.493  -4.740  1.00 31.02 ? 22  VAL A C   1 
ATOM   149  O  O   . VAL A 1 21  ? 17.276  -0.724  -4.356  1.00 35.54 ? 22  VAL A O   1 
ATOM   150  C  CB  . VAL A 1 21  ? 15.245  -3.080  -3.239  1.00 33.84 ? 22  VAL A CB  1 
ATOM   151  C  CG1 . VAL A 1 21  ? 15.062  -4.531  -2.862  1.00 35.96 ? 22  VAL A CG1 1 
ATOM   152  C  CG2 . VAL A 1 21  ? 15.574  -2.241  -1.991  1.00 35.90 ? 22  VAL A CG2 1 
ATOM   153  N  N   . ARG A 1 22  ? 15.421  -1.132  -5.560  1.00 33.49 ? 23  ARG A N   1 
ATOM   154  C  CA  . ARG A 1 22  ? 15.262  0.256   -5.988  1.00 30.31 ? 23  ARG A CA  1 
ATOM   155  C  C   . ARG A 1 22  ? 13.783  0.622   -5.800  1.00 26.23 ? 23  ARG A C   1 
ATOM   156  O  O   . ARG A 1 22  ? 12.889  -0.140  -6.183  1.00 27.60 ? 23  ARG A O   1 
ATOM   157  C  CB  . ARG A 1 22  ? 15.685  0.462   -7.452  1.00 33.07 ? 23  ARG A CB  1 
ATOM   158  C  CG  . ARG A 1 22  ? 15.597  1.917   -7.897  1.00 36.59 ? 23  ARG A CG  1 
ATOM   159  C  CD  . ARG A 1 22  ? 16.169  2.164   -9.292  1.00 50.55 ? 23  ARG A CD  1 
ATOM   160  N  NE  . ARG A 1 22  ? 15.956  3.561   -9.686  1.00 58.65 ? 23  ARG A NE  1 
ATOM   161  C  CZ  . ARG A 1 22  ? 16.445  4.136   -10.786 1.00 61.80 ? 23  ARG A CZ  1 
ATOM   162  N  NH1 . ARG A 1 22  ? 17.197  3.438   -11.630 1.00 61.99 ? 23  ARG A NH1 1 
ATOM   163  N  NH2 . ARG A 1 22  ? 16.185  5.416   -11.040 1.00 61.23 ? 23  ARG A NH2 1 
ATOM   164  N  N   . GLU A 1 23  ? 13.530  1.772   -5.179  1.00 24.60 ? 24  GLU A N   1 
ATOM   165  C  CA  . GLU A 1 23  ? 12.141  2.205   -4.984  1.00 25.94 ? 24  GLU A CA  1 
ATOM   166  C  C   . GLU A 1 23  ? 11.762  2.795   -6.334  1.00 25.19 ? 24  GLU A C   1 
ATOM   167  O  O   . GLU A 1 23  ? 12.479  3.645   -6.855  1.00 30.77 ? 24  GLU A O   1 
ATOM   168  C  CB  . GLU A 1 23  ? 12.064  3.258   -3.885  1.00 26.60 ? 24  GLU A CB  1 
ATOM   169  C  CG  . GLU A 1 23  ? 10.688  3.314   -3.177  1.00 24.31 ? 24  GLU A CG  1 
ATOM   170  C  CD  . GLU A 1 23  ? 9.594   4.015   -3.986  1.00 22.30 ? 24  GLU A CD  1 
ATOM   171  O  OE1 . GLU A 1 23  ? 8.404   3.679   -3.781  1.00 21.26 ? 24  GLU A OE1 1 
ATOM   172  O  OE2 . GLU A 1 23  ? 9.906   4.915   -4.808  1.00 25.58 ? 24  GLU A OE2 1 
ATOM   173  N  N   . ILE A 1 24  ? 10.645  2.354   -6.901  1.00 26.39 ? 25  ILE A N   1 
ATOM   174  C  CA  . ILE A 1 24  ? 10.256  2.820   -8.242  1.00 25.14 ? 25  ILE A CA  1 
ATOM   175  C  C   . ILE A 1 24  ? 8.925   3.548   -8.335  1.00 25.43 ? 25  ILE A C   1 
ATOM   176  O  O   . ILE A 1 24  ? 8.373   3.696   -9.424  1.00 24.48 ? 25  ILE A O   1 
ATOM   177  C  CB  . ILE A 1 24  ? 10.187  1.642   -9.218  1.00 30.26 ? 25  ILE A CB  1 
ATOM   178  C  CG1 . ILE A 1 24  ? 9.165   0.623   -8.717  1.00 35.74 ? 25  ILE A CG1 1 
ATOM   179  C  CG2 . ILE A 1 24  ? 11.575  1.033   -9.386  1.00 37.62 ? 25  ILE A CG2 1 
ATOM   180  C  CD1 . ILE A 1 24  ? 8.907   -0.521  -9.677  1.00 39.97 ? 25  ILE A CD1 1 
ATOM   181  N  N   . GLY A 1 25  ? 8.398   3.996   -7.209  1.00 24.99 ? 26  GLY A N   1 
ATOM   182  C  CA  . GLY A 1 25  ? 7.125   4.693   -7.277  1.00 23.82 ? 26  GLY A CA  1 
ATOM   183  C  C   . GLY A 1 25  ? 7.121   5.945   -8.146  1.00 26.49 ? 26  GLY A C   1 
ATOM   184  O  O   . GLY A 1 25  ? 6.068   6.302   -8.697  1.00 25.22 ? 26  GLY A O   1 
ATOM   185  N  N   . SER A 1 26  ? 8.281   6.594   -8.270  1.00 24.38 ? 27  SER A N   1 
ATOM   186  C  CA  . SER A 1 26  ? 8.391   7.817   -9.065  1.00 25.69 ? 27  SER A CA  1 
ATOM   187  C  C   . SER A 1 26  ? 8.135   7.557   -10.527 1.00 26.64 ? 27  SER A C   1 
ATOM   188  O  O   . SER A 1 26  ? 7.905   8.504   -11.291 1.00 28.58 ? 27  SER A O   1 
ATOM   189  C  CB  . SER A 1 26  ? 9.778   8.469   -8.910  1.00 29.53 ? 27  SER A CB  1 
ATOM   190  O  OG  . SER A 1 26  ? 10.812  7.634   -9.426  1.00 35.53 ? 27  SER A OG  1 
ATOM   191  N  N   . GLN A 1 27  ? 8.166   6.288   -10.918 1.00 26.59 ? 28  GLN A N   1 
ATOM   192  C  CA  . GLN A 1 27  ? 7.935   5.923   -12.309 1.00 27.35 ? 28  GLN A CA  1 
ATOM   193  C  C   . GLN A 1 27  ? 6.470   5.719   -12.636 1.00 28.87 ? 28  GLN A C   1 
ATOM   194  O  O   . GLN A 1 27  ? 6.124   5.479   -13.787 1.00 30.36 ? 28  GLN A O   1 
ATOM   195  C  CB  . GLN A 1 27  ? 8.680   4.639   -12.650 1.00 27.48 ? 28  GLN A CB  1 
ATOM   196  C  CG  . GLN A 1 27  ? 10.175  4.712   -12.437 1.00 31.50 ? 28  GLN A CG  1 
ATOM   197  C  CD  . GLN A 1 27  ? 10.836  3.342   -12.425 1.00 37.34 ? 28  GLN A CD  1 
ATOM   198  O  OE1 . GLN A 1 27  ? 10.319  2.373   -12.994 1.00 44.81 ? 28  GLN A OE1 1 
ATOM   199  N  NE2 . GLN A 1 27  ? 11.998  3.261   -11.787 1.00 44.31 ? 28  GLN A NE2 1 
ATOM   200  N  N   . ALA A 1 28  ? 5.606   5.802   -11.632 1.00 24.15 ? 29  ALA A N   1 
ATOM   201  C  CA  . ALA A 1 28  ? 4.186   5.581   -11.852 1.00 21.73 ? 29  ALA A CA  1 
ATOM   202  C  C   . ALA A 1 28  ? 3.350   6.839   -11.744 1.00 23.43 ? 29  ALA A C   1 
ATOM   203  O  O   . ALA A 1 28  ? 3.811   7.843   -11.213 1.00 22.58 ? 29  ALA A O   1 
ATOM   204  C  CB  . ALA A 1 28  ? 3.668   4.567   -10.808 1.00 19.90 ? 29  ALA A CB  1 
ATOM   205  N  N   . VAL A 1 29  ? 2.137   6.773   -12.291 1.00 21.69 ? 30  VAL A N   1 
ATOM   206  C  CA  . VAL A 1 29  ? 1.160   7.841   -12.132 1.00 23.97 ? 30  VAL A CA  1 
ATOM   207  C  C   . VAL A 1 29  ? 0.288   7.284   -11.000 1.00 20.34 ? 30  VAL A C   1 
ATOM   208  O  O   . VAL A 1 29  ? -0.181  6.140   -11.066 1.00 22.71 ? 30  VAL A O   1 
ATOM   209  C  CB  . VAL A 1 29  ? 0.281   8.061   -13.381 1.00 28.50 ? 30  VAL A CB  1 
ATOM   210  C  CG1 . VAL A 1 29  ? 1.059   8.841   -14.421 1.00 28.86 ? 30  VAL A CG1 1 
ATOM   211  C  CG2 . VAL A 1 29  ? -0.178  6.741   -13.934 1.00 36.49 ? 30  VAL A CG2 1 
ATOM   212  N  N   . TRP A 1 30  ? 0.093   8.084   -9.959  1.00 22.57 ? 31  TRP A N   1 
ATOM   213  C  CA  . TRP A 1 30  ? -0.686  7.668   -8.803  1.00 20.03 ? 31  TRP A CA  1 
ATOM   214  C  C   . TRP A 1 30  ? -2.044  8.368   -8.769  1.00 23.61 ? 31  TRP A C   1 
ATOM   215  O  O   . TRP A 1 30  ? -2.095  9.577   -9.015  1.00 24.54 ? 31  TRP A O   1 
ATOM   216  C  CB  . TRP A 1 30  ? 0.045   8.078   -7.522  1.00 19.76 ? 31  TRP A CB  1 
ATOM   217  C  CG  . TRP A 1 30  ? 1.346   7.351   -7.277  1.00 21.98 ? 31  TRP A CG  1 
ATOM   218  C  CD1 . TRP A 1 30  ? 2.470   7.404   -8.050  1.00 22.76 ? 31  TRP A CD1 1 
ATOM   219  C  CD2 . TRP A 1 30  ? 1.643   6.460   -6.191  1.00 20.86 ? 31  TRP A CD2 1 
ATOM   220  N  NE1 . TRP A 1 30  ? 3.455   6.600   -7.511  1.00 22.89 ? 31  TRP A NE1 1 
ATOM   221  C  CE2 . TRP A 1 30  ? 2.969   6.013   -6.370  1.00 20.61 ? 31  TRP A CE2 1 
ATOM   222  C  CE3 . TRP A 1 30  ? 0.916   6.011   -5.085  1.00 23.31 ? 31  TRP A CE3 1 
ATOM   223  C  CZ2 . TRP A 1 30  ? 3.594   5.127   -5.482  1.00 23.35 ? 31  TRP A CZ2 1 
ATOM   224  C  CZ3 . TRP A 1 30  ? 1.543   5.123   -4.191  1.00 22.83 ? 31  TRP A CZ3 1 
ATOM   225  C  CH2 . TRP A 1 30  ? 2.859   4.700   -4.404  1.00 23.74 ? 31  TRP A CH2 1 
ATOM   226  N  N   . SER A 1 31  ? -3.122  7.634   -8.471  1.00 19.61 ? 32  SER A N   1 
ATOM   227  C  CA  . SER A 1 31  ? -4.438  8.272   -8.331  1.00 21.09 ? 32  SER A CA  1 
ATOM   228  C  C   . SER A 1 31  ? -5.150  7.620   -7.143  1.00 21.39 ? 32  SER A C   1 
ATOM   229  O  O   . SER A 1 31  ? -4.867  6.480   -6.790  1.00 23.83 ? 32  SER A O   1 
ATOM   230  C  CB  . SER A 1 31  ? -5.273  8.165   -9.631  1.00 23.71 ? 32  SER A CB  1 
ATOM   231  O  OG  . SER A 1 31  ? -5.487  6.830   -10.028 1.00 33.60 ? 32  SER A OG  1 
ATOM   232  N  N   . LEU A 1 32  ? -6.082  8.347   -6.539  1.00 19.61 ? 33  LEU A N   1 
ATOM   233  C  CA  . LEU A 1 32  ? -6.802  7.877   -5.363  1.00 22.18 ? 33  LEU A CA  1 
ATOM   234  C  C   . LEU A 1 32  ? -8.276  7.980   -5.634  1.00 25.44 ? 33  LEU A C   1 
ATOM   235  O  O   . LEU A 1 32  ? -8.716  8.900   -6.342  1.00 26.14 ? 33  LEU A O   1 
ATOM   236  C  CB  . LEU A 1 32  ? -6.477  8.771   -4.165  1.00 19.30 ? 33  LEU A CB  1 
ATOM   237  C  CG  . LEU A 1 32  ? -4.995  8.821   -3.749  1.00 19.71 ? 33  LEU A CG  1 
ATOM   238  C  CD1 . LEU A 1 32  ? -4.811  9.863   -2.639  1.00 21.44 ? 33  LEU A CD1 1 
ATOM   239  C  CD2 . LEU A 1 32  ? -4.547  7.442   -3.266  1.00 21.66 ? 33  LEU A CD2 1 
ATOM   240  N  N   . SER A 1 33  ? -9.044  7.077   -5.050  1.00 19.26 ? 34  SER A N   1 
ATOM   241  C  CA  . SER A 1 33  ? -10.509 7.090   -5.218  1.00 22.69 ? 34  SER A CA  1 
ATOM   242  C  C   . SER A 1 33  ? -11.124 8.383   -4.635  1.00 22.77 ? 34  SER A C   1 
ATOM   243  O  O   . SER A 1 33  ? -12.119 8.884   -5.170  1.00 22.25 ? 34  SER A O   1 
ATOM   244  C  CB  . SER A 1 33  ? -11.129 5.851   -4.555  1.00 23.33 ? 34  SER A CB  1 
ATOM   245  O  OG  . SER A 1 33  ? -10.709 5.751   -3.202  1.00 22.01 ? 34  SER A OG  1 
ATOM   246  N  N   . SER A 1 34  ? -10.546 8.900   -3.556  1.00 18.86 ? 35  SER A N   1 
ATOM   247  C  CA  . SER A 1 34  ? -10.992 10.131  -2.911  1.00 20.97 ? 35  SER A CA  1 
ATOM   248  C  C   . SER A 1 34  ? -9.924  10.586  -1.969  1.00 25.79 ? 35  SER A C   1 
ATOM   249  O  O   . SER A 1 34  ? -9.032  9.792   -1.617  1.00 22.40 ? 35  SER A O   1 
ATOM   250  C  CB  . SER A 1 34  ? -12.290 9.922   -2.115  1.00 21.97 ? 35  SER A CB  1 
ATOM   251  O  OG  . SER A 1 34  ? -12.055 9.099   -0.954  1.00 21.23 ? 35  SER A OG  1 
ATOM   252  N  N   . CYS A 1 35  ? -10.004 11.853  -1.548  1.00 21.54 ? 36  CYS A N   1 
ATOM   253  C  CA  . CYS A 1 35  ? -9.032  12.403  -0.622  1.00 23.18 ? 36  CYS A CA  1 
ATOM   254  C  C   . CYS A 1 35  ? -9.564  13.734  -0.109  1.00 28.75 ? 36  CYS A C   1 
ATOM   255  O  O   . CYS A 1 35  ? -10.618 14.207  -0.533  1.00 28.96 ? 36  CYS A O   1 
ATOM   256  C  CB  . CYS A 1 35  ? -7.681  12.607  -1.305  1.00 23.77 ? 36  CYS A CB  1 
ATOM   257  S  SG  . CYS A 1 35  ? -7.739  13.544  -2.884  1.00 36.10 ? 36  CYS A SG  1 
ATOM   258  N  N   . LYS A 1 36  ? -8.795  14.319  0.794   1.00 35.33 ? 37  LYS A N   1 
ATOM   259  C  CA  . LYS A 1 36  ? -9.112  15.597  1.412   1.00 35.94 ? 37  LYS A CA  1 
ATOM   260  C  C   . LYS A 1 36  ? -7.887  16.468  1.084   1.00 39.79 ? 37  LYS A C   1 
ATOM   261  O  O   . LYS A 1 36  ? -6.752  16.002  1.070   1.00 32.24 ? 37  LYS A O   1 
ATOM   262  C  CB  . LYS A 1 36  ? -9.316  15.325  2.910   1.00 33.55 ? 37  LYS A CB  1 
ATOM   263  C  CG  . LYS A 1 36  ? -9.432  16.487  3.848   1.00 39.65 ? 37  LYS A CG  1 
ATOM   264  C  CD  . LYS A 1 36  ? -9.510  15.959  5.293   1.00 41.46 ? 37  LYS A CD  1 
ATOM   265  C  CE  . LYS A 1 36  ? -9.514  17.090  6.317   1.00 43.47 ? 37  LYS A CE  1 
ATOM   266  N  NZ  . LYS A 1 36  ? -9.676  16.583  7.711   1.00 45.96 ? 37  LYS A NZ  1 
ATOM   267  N  N   . PRO A 1 37  ? -8.106  17.739  0.724   1.00 37.96 ? 38  PRO A N   1 
ATOM   268  C  CA  . PRO A 1 37  ? -6.999  18.635  0.402   1.00 38.54 ? 38  PRO A CA  1 
ATOM   269  C  C   . PRO A 1 37  ? -5.900  18.631  1.459   1.00 35.56 ? 38  PRO A C   1 
ATOM   270  O  O   . PRO A 1 37  ? -6.163  18.902  2.627   1.00 35.25 ? 38  PRO A O   1 
ATOM   271  C  CB  . PRO A 1 37  ? -7.689  19.993  0.302   1.00 42.30 ? 38  PRO A CB  1 
ATOM   272  C  CG  . PRO A 1 37  ? -9.020  19.612  -0.276  1.00 38.48 ? 38  PRO A CG  1 
ATOM   273  C  CD  . PRO A 1 37  ? -9.409  18.376  0.474   1.00 44.02 ? 38  PRO A CD  1 
ATOM   274  N  N   . GLY A 1 38  ? -4.671  18.351  1.032   1.00 32.78 ? 39  GLY A N   1 
ATOM   275  C  CA  . GLY A 1 38  ? -3.537  18.301  1.929   1.00 31.70 ? 39  GLY A CA  1 
ATOM   276  C  C   . GLY A 1 38  ? -3.395  16.928  2.573   1.00 25.52 ? 39  GLY A C   1 
ATOM   277  O  O   . GLY A 1 38  ? -2.562  16.747  3.471   1.00 29.08 ? 39  GLY A O   1 
ATOM   278  N  N   . PHE A 1 39  ? -4.218  15.971  2.133   1.00 25.69 ? 40  PHE A N   1 
ATOM   279  C  CA  . PHE A 1 39  ? -4.176  14.612  2.702   1.00 22.87 ? 40  PHE A CA  1 
ATOM   280  C  C   . PHE A 1 39  ? -4.390  13.645  1.542   1.00 24.40 ? 40  PHE A C   1 
ATOM   281  O  O   . PHE A 1 39  ? -5.423  13.008  1.456   1.00 22.81 ? 40  PHE A O   1 
ATOM   282  C  CB  . PHE A 1 39  ? -5.290  14.447  3.752   1.00 22.15 ? 40  PHE A CB  1 
ATOM   283  C  CG  . PHE A 1 39  ? -5.183  15.401  4.911   1.00 23.35 ? 40  PHE A CG  1 
ATOM   284  C  CD1 . PHE A 1 39  ? -5.777  16.655  4.862   1.00 27.10 ? 40  PHE A CD1 1 
ATOM   285  C  CD2 . PHE A 1 39  ? -4.472  15.045  6.049   1.00 23.02 ? 40  PHE A CD2 1 
ATOM   286  C  CE1 . PHE A 1 39  ? -5.643  17.529  5.944   1.00 24.95 ? 40  PHE A CE1 1 
ATOM   287  C  CE2 . PHE A 1 39  ? -4.338  15.906  7.124   1.00 26.93 ? 40  PHE A CE2 1 
ATOM   288  C  CZ  . PHE A 1 39  ? -4.934  17.167  7.060   1.00 26.72 ? 40  PHE A CZ  1 
ATOM   289  N  N   . GLY A 1 40  ? -3.408  13.580  0.644   1.00 21.59 ? 41  GLY A N   1 
ATOM   290  C  CA  . GLY A 1 40  ? -3.481  12.756  -0.550  1.00 22.08 ? 41  GLY A CA  1 
ATOM   291  C  C   . GLY A 1 40  ? -2.158  12.130  -0.964  1.00 22.36 ? 41  GLY A C   1 
ATOM   292  O  O   . GLY A 1 40  ? -1.335  11.766  -0.110  1.00 22.95 ? 41  GLY A O   1 
ATOM   293  N  N   . VAL A 1 41  ? -1.951  12.027  -2.278  1.00 22.88 ? 42  VAL A N   1 
ATOM   294  C  CA  . VAL A 1 41  ? -0.748  11.364  -2.788  1.00 27.14 ? 42  VAL A CA  1 
ATOM   295  C  C   . VAL A 1 41  ? 0.567   11.861  -2.261  1.00 25.97 ? 42  VAL A C   1 
ATOM   296  O  O   . VAL A 1 41  ? 1.446   11.061  -1.913  1.00 22.87 ? 42  VAL A O   1 
ATOM   297  C  CB  . VAL A 1 41  ? -0.704  11.388  -4.311  1.00 25.89 ? 42  VAL A CB  1 
ATOM   298  C  CG1 . VAL A 1 41  ? 0.534   10.665  -4.814  1.00 27.93 ? 42  VAL A CG1 1 
ATOM   299  C  CG2 . VAL A 1 41  ? -1.933  10.713  -4.861  1.00 28.00 ? 42  VAL A CG2 1 
ATOM   300  N  N   . ASP A 1 42  ? 0.735   13.182  -2.202  1.00 21.95 ? 43  ASP A N   1 
ATOM   301  C  CA  . ASP A 1 42  ? 1.991   13.715  -1.720  1.00 24.97 ? 43  ASP A CA  1 
ATOM   302  C  C   . ASP A 1 42  ? 2.311   13.215  -0.317  1.00 24.31 ? 43  ASP A C   1 
ATOM   303  O  O   . ASP A 1 42  ? 3.487   13.019  0.017   1.00 24.46 ? 43  ASP A O   1 
ATOM   304  C  CB  . ASP A 1 42  ? 1.961   15.255  -1.675  1.00 28.05 ? 43  ASP A CB  1 
ATOM   305  C  CG  . ASP A 1 42  ? 1.938   15.884  -3.044  1.00 36.37 ? 43  ASP A CG  1 
ATOM   306  O  OD1 . ASP A 1 42  ? 2.418   15.257  -4.018  1.00 38.60 ? 43  ASP A OD1 1 
ATOM   307  O  OD2 . ASP A 1 42  ? 1.446   17.030  -3.131  1.00 39.30 ? 43  ASP A OD2 1 
ATOM   308  N  N   . GLN A 1 43  ? 1.274   13.021  0.502   1.00 22.92 ? 44  GLN A N   1 
ATOM   309  C  CA  . GLN A 1 43  ? 1.446   12.600  1.876   1.00 21.06 ? 44  GLN A CA  1 
ATOM   310  C  C   . GLN A 1 43  ? 1.719   11.109  1.991   1.00 19.56 ? 44  GLN A C   1 
ATOM   311  O  O   . GLN A 1 43  ? 1.996   10.640  3.083   1.00 23.63 ? 44  GLN A O   1 
ATOM   312  C  CB  . GLN A 1 43  ? 0.247   13.026  2.743   1.00 22.44 ? 44  GLN A CB  1 
ATOM   313  C  CG  . GLN A 1 43  ? 0.212   14.564  3.011   1.00 20.50 ? 44  GLN A CG  1 
ATOM   314  C  CD  . GLN A 1 43  ? -0.094  15.375  1.756   1.00 24.82 ? 44  GLN A CD  1 
ATOM   315  O  OE1 . GLN A 1 43  ? -1.014  15.072  0.983   1.00 24.19 ? 44  GLN A OE1 1 
ATOM   316  N  NE2 . GLN A 1 43  ? 0.688   16.440  1.548   1.00 31.34 ? 44  GLN A NE2 1 
ATOM   317  N  N   . LEU A 1 44  ? 1.664   10.405  0.855   1.00 19.55 ? 45  LEU A N   1 
ATOM   318  C  CA  . LEU A 1 44  ? 2.014   8.968   0.855   1.00 19.10 ? 45  LEU A CA  1 
ATOM   319  C  C   . LEU A 1 44  ? 3.422   8.790   0.314   1.00 22.79 ? 45  LEU A C   1 
ATOM   320  O  O   . LEU A 1 44  ? 3.977   7.701   0.393   1.00 20.25 ? 45  LEU A O   1 
ATOM   321  C  CB  . LEU A 1 44  ? 1.087   8.169   -0.060  1.00 20.58 ? 45  LEU A CB  1 
ATOM   322  C  CG  . LEU A 1 44  ? -0.403  8.121   0.249   1.00 18.55 ? 45  LEU A CG  1 
ATOM   323  C  CD1 . LEU A 1 44  ? -1.121  7.522   -0.933  1.00 24.46 ? 45  LEU A CD1 1 
ATOM   324  C  CD2 . LEU A 1 44  ? -0.624  7.314   1.548   1.00 27.03 ? 45  LEU A CD2 1 
ATOM   325  N  N   . ARG A 1 45  ? 4.007   9.875   -0.193  1.00 21.29 ? 46  ARG A N   1 
ATOM   326  C  CA  . ARG A 1 45  ? 5.321   9.856   -0.843  1.00 21.60 ? 46  ARG A CA  1 
ATOM   327  C  C   . ARG A 1 45  ? 6.391   10.806  -0.291  1.00 21.27 ? 46  ARG A C   1 
ATOM   328  O  O   . ARG A 1 45  ? 7.516   10.881  -0.827  1.00 24.80 ? 46  ARG A O   1 
ATOM   329  C  CB  . ARG A 1 45  ? 5.095   10.173  -2.319  1.00 24.13 ? 46  ARG A CB  1 
ATOM   330  C  CG  . ARG A 1 45  ? 4.140   9.253   -3.039  1.00 22.30 ? 46  ARG A CG  1 
ATOM   331  C  CD  . ARG A 1 45  ? 4.710   7.824   -3.150  1.00 22.61 ? 46  ARG A CD  1 
ATOM   332  N  NE  . ARG A 1 45  ? 5.912   7.830   -3.996  1.00 21.12 ? 46  ARG A NE  1 
ATOM   333  C  CZ  . ARG A 1 45  ? 6.742   6.796   -4.123  1.00 24.26 ? 46  ARG A CZ  1 
ATOM   334  N  NH1 . ARG A 1 45  ? 6.502   5.667   -3.470  1.00 20.46 ? 46  ARG A NH1 1 
ATOM   335  N  NH2 . ARG A 1 45  ? 7.841   6.898   -4.876  1.00 23.20 ? 46  ARG A NH2 1 
ATOM   336  N  N   . ASP A 1 46  ? 6.045   11.522  0.775   1.00 23.22 ? 47  ASP A N   1 
ATOM   337  C  CA  . ASP A 1 46  ? 6.919   12.521  1.392   1.00 24.91 ? 47  ASP A CA  1 
ATOM   338  C  C   . ASP A 1 46  ? 7.933   12.057  2.452   1.00 24.50 ? 47  ASP A C   1 
ATOM   339  O  O   . ASP A 1 46  ? 8.618   12.877  3.075   1.00 26.56 ? 47  ASP A O   1 
ATOM   340  C  CB  . ASP A 1 46  ? 6.029   13.621  1.986   1.00 24.29 ? 47  ASP A CB  1 
ATOM   341  C  CG  . ASP A 1 46  ? 5.113   13.112  3.114   1.00 26.08 ? 47  ASP A CG  1 
ATOM   342  O  OD1 . ASP A 1 46  ? 5.095   11.890  3.445   1.00 23.70 ? 47  ASP A OD1 1 
ATOM   343  O  OD2 . ASP A 1 46  ? 4.392   13.959  3.684   1.00 24.38 ? 47  ASP A OD2 1 
ATOM   344  N  N   . ASP A 1 47  ? 8.044   10.753  2.669   1.00 21.52 ? 48  ASP A N   1 
ATOM   345  C  CA  . ASP A 1 47  ? 8.925   10.205  3.680   1.00 20.85 ? 48  ASP A CA  1 
ATOM   346  C  C   . ASP A 1 47  ? 8.677   10.761  5.049   1.00 21.37 ? 48  ASP A C   1 
ATOM   347  O  O   . ASP A 1 47  ? 9.583   10.839  5.888   1.00 26.50 ? 48  ASP A O   1 
ATOM   348  C  CB  . ASP A 1 47  ? 10.393  10.378  3.298   1.00 28.21 ? 48  ASP A CB  1 
ATOM   349  C  CG  . ASP A 1 47  ? 10.833  9.353   2.298   1.00 27.52 ? 48  ASP A CG  1 
ATOM   350  O  OD1 . ASP A 1 47  ? 10.587  8.155   2.544   1.00 33.70 ? 48  ASP A OD1 1 
ATOM   351  O  OD2 . ASP A 1 47  ? 11.432  9.725   1.273   1.00 38.83 ? 48  ASP A OD2 1 
ATOM   352  N  N   . ASN A 1 48  ? 7.427   11.138  5.288   1.00 22.39 ? 49  ASN A N   1 
ATOM   353  C  CA  . ASN A 1 48  ? 7.040   11.681  6.568   1.00 24.76 ? 49  ASN A CA  1 
ATOM   354  C  C   . ASN A 1 48  ? 5.925   10.818  7.138   1.00 23.39 ? 49  ASN A C   1 
ATOM   355  O  O   . ASN A 1 48  ? 4.846   10.769  6.571   1.00 22.90 ? 49  ASN A O   1 
ATOM   356  C  CB  . ASN A 1 48  ? 6.522   13.095  6.369   1.00 25.05 ? 49  ASN A CB  1 
ATOM   357  C  CG  . ASN A 1 48  ? 6.319   13.814  7.672   1.00 27.58 ? 49  ASN A CG  1 
ATOM   358  O  OD1 . ASN A 1 48  ? 6.223   13.185  8.738   1.00 27.62 ? 49  ASN A OD1 1 
ATOM   359  N  ND2 . ASN A 1 48  ? 6.254   15.163  7.606   1.00 29.43 ? 49  ASN A ND2 1 
ATOM   360  N  N   . LEU A 1 49  ? 6.193   10.145  8.251   1.00 23.27 ? 50  LEU A N   1 
ATOM   361  C  CA  . LEU A 1 49  ? 5.189   9.272   8.863   1.00 22.09 ? 50  LEU A CA  1 
ATOM   362  C  C   . LEU A 1 49  ? 4.128   10.023  9.705   1.00 21.74 ? 50  LEU A C   1 
ATOM   363  O  O   . LEU A 1 49  ? 3.180   9.415   10.214  1.00 22.56 ? 50  LEU A O   1 
ATOM   364  C  CB  . LEU A 1 49  ? 5.878   8.197   9.716   1.00 23.32 ? 50  LEU A CB  1 
ATOM   365  C  CG  . LEU A 1 49  ? 6.843   7.315   8.914   1.00 25.08 ? 50  LEU A CG  1 
ATOM   366  C  CD1 . LEU A 1 49  ? 7.449   6.231   9.800   1.00 31.33 ? 50  LEU A CD1 1 
ATOM   367  C  CD2 . LEU A 1 49  ? 6.093   6.681   7.756   1.00 26.04 ? 50  LEU A CD2 1 
ATOM   368  N  N   . GLU A 1 50  ? 4.297   11.333  9.847   1.00 26.30 ? 51  GLU A N   1 
ATOM   369  C  CA  . GLU A 1 50  ? 3.354   12.160  10.592  1.00 27.88 ? 51  GLU A CA  1 
ATOM   370  C  C   . GLU A 1 50  ? 2.235   12.675  9.701   1.00 23.85 ? 51  GLU A C   1 
ATOM   371  O  O   . GLU A 1 50  ? 1.190   13.097  10.190  1.00 29.15 ? 51  GLU A O   1 
ATOM   372  C  CB  . GLU A 1 50  ? 4.067   13.360  11.241  1.00 29.53 ? 51  GLU A CB  1 
ATOM   373  C  CG  . GLU A 1 50  ? 5.014   13.006  12.362  1.00 37.85 ? 51  GLU A CG  1 
ATOM   374  C  CD  . GLU A 1 50  ? 5.379   14.233  13.184  1.00 45.38 ? 51  GLU A CD  1 
ATOM   375  O  OE1 . GLU A 1 50  ? 5.808   15.253  12.602  1.00 47.33 ? 51  GLU A OE1 1 
ATOM   376  O  OE2 . GLU A 1 50  ? 5.234   14.183  14.422  1.00 52.63 ? 51  GLU A OE2 1 
ATOM   377  N  N   . THR A 1 51  ? 2.439   12.641  8.390   1.00 22.36 ? 52  THR A N   1 
ATOM   378  C  CA  . THR A 1 51  ? 1.407   13.078  7.448   1.00 22.96 ? 52  THR A CA  1 
ATOM   379  C  C   . THR A 1 51  ? 0.721   11.852  6.848   1.00 21.81 ? 52  THR A C   1 
ATOM   380  O  O   . THR A 1 51  ? 1.294   10.769  6.837   1.00 21.69 ? 52  THR A O   1 
ATOM   381  C  CB  . THR A 1 51  ? 1.960   13.875  6.278   1.00 22.88 ? 52  THR A CB  1 
ATOM   382  O  OG1 . THR A 1 51  ? 2.975   13.109  5.608   1.00 21.74 ? 52  THR A OG1 1 
ATOM   383  C  CG2 . THR A 1 51  ? 2.559   15.174  6.766   1.00 26.35 ? 52  THR A CG2 1 
ATOM   384  N  N   . TYR A 1 52  ? -0.484  12.058  6.331   1.00 22.35 ? 53  TYR A N   1 
ATOM   385  C  CA  . TYR A 1 52  ? -1.259  10.940  5.784   1.00 19.86 ? 53  TYR A CA  1 
ATOM   386  C  C   . TYR A 1 52  ? -2.253  11.332  4.717   1.00 20.03 ? 53  TYR A C   1 
ATOM   387  O  O   . TYR A 1 52  ? -2.705  12.492  4.617   1.00 23.29 ? 53  TYR A O   1 
ATOM   388  C  CB  . TYR A 1 52  ? -2.061  10.294  6.931   1.00 19.13 ? 53  TYR A CB  1 
ATOM   389  C  CG  . TYR A 1 52  ? -2.837  11.262  7.807   1.00 21.27 ? 53  TYR A CG  1 
ATOM   390  C  CD1 . TYR A 1 52  ? -4.118  11.667  7.458   1.00 20.06 ? 53  TYR A CD1 1 
ATOM   391  C  CD2 . TYR A 1 52  ? -2.295  11.774  9.006   1.00 20.93 ? 53  TYR A CD2 1 
ATOM   392  C  CE1 . TYR A 1 52  ? -4.854  12.553  8.254   1.00 22.85 ? 53  TYR A CE1 1 
ATOM   393  C  CE2 . TYR A 1 52  ? -3.033  12.674  9.815   1.00 23.51 ? 53  TYR A CE2 1 
ATOM   394  C  CZ  . TYR A 1 52  ? -4.298  13.057  9.434   1.00 22.52 ? 53  TYR A CZ  1 
ATOM   395  O  OH  . TYR A 1 52  ? -5.066  13.954  10.142  1.00 28.32 ? 53  TYR A OH  1 
ATOM   396  N  N   . TRP A 1 53  ? -2.588  10.324  3.926   1.00 22.64 ? 54  TRP A N   1 
ATOM   397  C  CA  . TRP A 1 53  ? -3.678  10.412  2.958   1.00 19.66 ? 54  TRP A CA  1 
ATOM   398  C  C   . TRP A 1 53  ? -4.896  10.121  3.844   1.00 22.21 ? 54  TRP A C   1 
ATOM   399  O  O   . TRP A 1 53  ? -4.843  9.234   4.723   1.00 19.66 ? 54  TRP A O   1 
ATOM   400  C  CB  . TRP A 1 53  ? -3.589  9.281   1.907   1.00 20.75 ? 54  TRP A CB  1 
ATOM   401  C  CG  . TRP A 1 53  ? -4.924  8.909   1.250   1.00 19.36 ? 54  TRP A CG  1 
ATOM   402  C  CD1 . TRP A 1 53  ? -5.873  9.780   0.735   1.00 20.32 ? 54  TRP A CD1 1 
ATOM   403  C  CD2 . TRP A 1 53  ? -5.388  7.593   0.926   1.00 19.39 ? 54  TRP A CD2 1 
ATOM   404  N  NE1 . TRP A 1 53  ? -6.880  9.072   0.115   1.00 19.46 ? 54  TRP A NE1 1 
ATOM   405  C  CE2 . TRP A 1 53  ? -6.612  7.732   0.212   1.00 20.49 ? 54  TRP A CE2 1 
ATOM   406  C  CE3 . TRP A 1 53  ? -4.890  6.297   1.159   1.00 20.27 ? 54  TRP A CE3 1 
ATOM   407  C  CZ2 . TRP A 1 53  ? -7.338  6.639   -0.270  1.00 22.03 ? 54  TRP A CZ2 1 
ATOM   408  C  CZ3 . TRP A 1 53  ? -5.616  5.199   0.673   1.00 22.44 ? 54  TRP A CZ3 1 
ATOM   409  C  CH2 . TRP A 1 53  ? -6.829  5.378   -0.033  1.00 21.62 ? 54  TRP A CH2 1 
ATOM   410  N  N   . GLN A 1 54  ? -5.964  10.908  3.688   1.00 20.61 ? 55  GLN A N   1 
ATOM   411  C  CA  . GLN A 1 54  ? -7.224  10.604  4.367   1.00 22.01 ? 55  GLN A CA  1 
ATOM   412  C  C   . GLN A 1 54  ? -8.245  10.556  3.248   1.00 20.71 ? 55  GLN A C   1 
ATOM   413  O  O   . GLN A 1 54  ? -8.378  11.536  2.484   1.00 19.96 ? 55  GLN A O   1 
ATOM   414  C  CB  . GLN A 1 54  ? -7.630  11.689  5.401   1.00 18.82 ? 55  GLN A CB  1 
ATOM   415  C  CG  . GLN A 1 54  ? -8.982  11.363  6.032   1.00 20.59 ? 55  GLN A CG  1 
ATOM   416  C  CD  . GLN A 1 54  ? -9.307  12.195  7.281   1.00 21.55 ? 55  GLN A CD  1 
ATOM   417  O  OE1 . GLN A 1 54  ? -8.500  12.301  8.211   1.00 23.06 ? 55  GLN A OE1 1 
ATOM   418  N  NE2 . GLN A 1 54  ? -10.494 12.769  7.301   1.00 23.06 ? 55  GLN A NE2 1 
ATOM   419  N  N   . SER A 1 55  ? -8.948  9.434   3.105   1.00 19.01 ? 56  SER A N   1 
ATOM   420  C  CA  . SER A 1 55  ? -9.987  9.345   2.074   1.00 16.66 ? 56  SER A CA  1 
ATOM   421  C  C   . SER A 1 55  ? -11.203 10.196  2.480   1.00 21.73 ? 56  SER A C   1 
ATOM   422  O  O   . SER A 1 55  ? -11.279 10.725  3.607   1.00 18.51 ? 56  SER A O   1 
ATOM   423  C  CB  . SER A 1 55  ? -10.435 7.877   1.904   1.00 18.90 ? 56  SER A CB  1 
ATOM   424  O  OG  . SER A 1 55  ? -10.992 7.383   3.114   1.00 19.56 ? 56  SER A OG  1 
ATOM   425  N  N   . ASP A 1 56  ? -12.112 10.377  1.522   1.00 18.74 ? 57  ASP A N   1 
ATOM   426  C  CA  . ASP A 1 56  ? -13.372 11.086  1.784   1.00 19.57 ? 57  ASP A CA  1 
ATOM   427  C  C   . ASP A 1 56  ? -14.346 10.527  0.786   1.00 21.64 ? 57  ASP A C   1 
ATOM   428  O  O   . ASP A 1 56  ? -14.642 11.145  -0.250  1.00 23.05 ? 57  ASP A O   1 
ATOM   429  C  CB  . ASP A 1 56  ? -13.232 12.590  1.607   1.00 22.10 ? 57  ASP A CB  1 
ATOM   430  C  CG  . ASP A 1 56  ? -14.538 13.318  1.968   1.00 29.39 ? 57  ASP A CG  1 
ATOM   431  O  OD1 . ASP A 1 56  ? -15.483 12.675  2.492   1.00 25.77 ? 57  ASP A OD1 1 
ATOM   432  O  OD2 . ASP A 1 56  ? -14.615 14.542  1.728   1.00 34.81 ? 57  ASP A OD2 1 
ATOM   433  N  N   . GLY A 1 57  ? -14.846 9.335   1.080   1.00 18.91 ? 58  GLY A N   1 
ATOM   434  C  CA  . GLY A 1 57  ? -15.749 8.692   0.146   1.00 21.19 ? 58  GLY A CA  1 
ATOM   435  C  C   . GLY A 1 57  ? -16.174 7.315   0.615   1.00 22.09 ? 58  GLY A C   1 
ATOM   436  O  O   . GLY A 1 57  ? -15.862 6.922   1.728   1.00 21.92 ? 58  GLY A O   1 
ATOM   437  N  N   . SER A 1 58  ? -16.882 6.606   -0.250  1.00 21.84 ? 59  SER A N   1 
ATOM   438  C  CA  . SER A 1 58  ? -17.375 5.263   0.028   1.00 23.80 ? 59  SER A CA  1 
ATOM   439  C  C   . SER A 1 58  ? -16.310 4.180   -0.185  1.00 23.31 ? 59  SER A C   1 
ATOM   440  O  O   . SER A 1 58  ? -15.535 4.255   -1.131  1.00 24.79 ? 59  SER A O   1 
ATOM   441  C  CB  . SER A 1 58  ? -18.538 4.939   -0.902  1.00 28.79 ? 59  SER A CB  1 
ATOM   442  O  OG  . SER A 1 58  ? -19.536 5.937   -0.809  1.00 42.08 ? 59  SER A OG  1 
ATOM   443  N  N   . GLN A 1 59  ? -16.304 3.184   0.690   1.00 19.82 ? 60  GLN A N   1 
ATOM   444  C  CA  . GLN A 1 59  ? -15.389 2.055   0.545   1.00 23.35 ? 60  GLN A CA  1 
ATOM   445  C  C   . GLN A 1 59  ? -15.844 1.292   -0.689  1.00 23.29 ? 60  GLN A C   1 
ATOM   446  O  O   . GLN A 1 59  ? -17.017 1.329   -1.048  1.00 23.48 ? 60  GLN A O   1 
ATOM   447  C  CB  . GLN A 1 59  ? -15.476 1.135   1.743   1.00 28.96 ? 60  GLN A CB  1 
ATOM   448  C  CG  . GLN A 1 59  ? -15.161 1.845   3.023   1.00 28.30 ? 60  GLN A CG  1 
ATOM   449  C  CD  . GLN A 1 59  ? -15.418 0.983   4.259   1.00 28.05 ? 60  GLN A CD  1 
ATOM   450  O  OE1 . GLN A 1 59  ? -15.952 -0.117  4.110   1.00 24.41 ? 60  GLN A OE1 1 
ATOM   451  N  NE2 . GLN A 1 59  ? -15.085 1.443   5.376   1.00 34.71 ? 60  GLN A NE2 1 
ATOM   452  N  N   . PRO A 1 60  ? -14.927 0.579   -1.351  1.00 20.75 ? 61  PRO A N   1 
ATOM   453  C  CA  . PRO A 1 60  ? -13.512 0.463   -0.997  1.00 20.30 ? 61  PRO A CA  1 
ATOM   454  C  C   . PRO A 1 60  ? -12.712 1.664   -1.414  1.00 21.37 ? 61  PRO A C   1 
ATOM   455  O  O   . PRO A 1 60  ? -12.996 2.280   -2.439  1.00 21.39 ? 61  PRO A O   1 
ATOM   456  C  CB  . PRO A 1 60  ? -13.076 -0.807  -1.734  1.00 21.22 ? 61  PRO A CB  1 
ATOM   457  C  CG  . PRO A 1 60  ? -13.927 -0.771  -2.997  1.00 25.39 ? 61  PRO A CG  1 
ATOM   458  C  CD  . PRO A 1 60  ? -15.284 -0.312  -2.477  1.00 21.86 ? 61  PRO A CD  1 
ATOM   459  N  N   . HIS A 1 61  ? -11.691 2.016   -0.632  1.00 17.98 ? 62  HIS A N   1 
ATOM   460  C  CA  . HIS A 1 61  ? -10.852 3.141   -0.988  1.00 16.11 ? 62  HIS A CA  1 
ATOM   461  C  C   . HIS A 1 61  ? -9.722  2.567   -1.824  1.00 20.60 ? 62  HIS A C   1 
ATOM   462  O  O   . HIS A 1 61  ? -9.135  1.550   -1.462  1.00 20.11 ? 62  HIS A O   1 
ATOM   463  C  CB  . HIS A 1 61  ? -10.293 3.806   0.259   1.00 16.51 ? 62  HIS A CB  1 
ATOM   464  C  CG  . HIS A 1 61  ? -11.358 4.238   1.210   1.00 17.07 ? 62  HIS A CG  1 
ATOM   465  N  ND1 . HIS A 1 61  ? -12.327 5.172   0.879   1.00 17.15 ? 62  HIS A ND1 1 
ATOM   466  C  CD2 . HIS A 1 61  ? -11.644 3.826   2.469   1.00 17.49 ? 62  HIS A CD2 1 
ATOM   467  C  CE1 . HIS A 1 61  ? -13.164 5.305   1.894   1.00 18.56 ? 62  HIS A CE1 1 
ATOM   468  N  NE2 . HIS A 1 61  ? -12.774 4.504   2.874   1.00 19.14 ? 62  HIS A NE2 1 
ATOM   469  N  N   . LEU A 1 62  ? -9.407  3.250   -2.911  1.00 19.77 ? 63  LEU A N   1 
ATOM   470  C  CA  . LEU A 1 62  ? -8.403  2.752   -3.846  1.00 20.15 ? 63  LEU A CA  1 
ATOM   471  C  C   . LEU A 1 62  ? -7.189  3.625   -4.070  1.00 19.48 ? 63  LEU A C   1 
ATOM   472  O  O   . LEU A 1 62  ? -7.292  4.854   -4.156  1.00 19.62 ? 63  LEU A O   1 
ATOM   473  C  CB  . LEU A 1 62  ? -9.064  2.549   -5.235  1.00 19.52 ? 63  LEU A CB  1 
ATOM   474  C  CG  . LEU A 1 62  ? -10.393 1.772   -5.199  1.00 18.04 ? 63  LEU A CG  1 
ATOM   475  C  CD1 . LEU A 1 62  ? -11.100 1.915   -6.584  1.00 24.72 ? 63  LEU A CD1 1 
ATOM   476  C  CD2 . LEU A 1 62  ? -10.171 0.309   -4.879  1.00 20.31 ? 63  LEU A CD2 1 
ATOM   477  N  N   . VAL A 1 63  ? -6.031  2.968   -4.180  1.00 17.45 ? 64  VAL A N   1 
ATOM   478  C  CA  . VAL A 1 63  ? -4.801  3.636   -4.531  1.00 16.63 ? 64  VAL A CA  1 
ATOM   479  C  C   . VAL A 1 63  ? -4.408  2.928   -5.839  1.00 18.40 ? 64  VAL A C   1 
ATOM   480  O  O   . VAL A 1 63  ? -4.191  1.714   -5.869  1.00 20.77 ? 64  VAL A O   1 
ATOM   481  C  CB  . VAL A 1 63  ? -3.641  3.404   -3.506  1.00 16.83 ? 64  VAL A CB  1 
ATOM   482  C  CG1 . VAL A 1 63  ? -2.413  4.193   -3.964  1.00 17.47 ? 64  VAL A CG1 1 
ATOM   483  C  CG2 . VAL A 1 63  ? -4.071  3.845   -2.084  1.00 20.06 ? 64  VAL A CG2 1 
ATOM   484  N  N   . ASN A 1 64  ? -4.351  3.702   -6.915  1.00 18.11 ? 65  ASN A N   1 
ATOM   485  C  CA  . ASN A 1 64  ? -3.983  3.183   -8.226  1.00 19.86 ? 65  ASN A CA  1 
ATOM   486  C  C   . ASN A 1 64  ? -2.580  3.640   -8.579  1.00 19.35 ? 65  ASN A C   1 
ATOM   487  O  O   . ASN A 1 64  ? -2.259  4.839   -8.547  1.00 21.71 ? 65  ASN A O   1 
ATOM   488  C  CB  . ASN A 1 64  ? -4.972  3.673   -9.273  1.00 21.97 ? 65  ASN A CB  1 
ATOM   489  C  CG  . ASN A 1 64  ? -6.394  3.277   -8.936  1.00 22.76 ? 65  ASN A CG  1 
ATOM   490  O  OD1 . ASN A 1 64  ? -6.673  2.111   -8.630  1.00 23.33 ? 65  ASN A OD1 1 
ATOM   491  N  ND2 . ASN A 1 64  ? -7.298  4.250   -8.979  1.00 28.17 ? 65  ASN A ND2 1 
ATOM   492  N  N   . ILE A 1 65  ? -1.744  2.669   -8.933  1.00 19.59 ? 66  ILE A N   1 
ATOM   493  C  CA  . ILE A 1 65  ? -0.340  2.914   -9.276  1.00 19.51 ? 66  ILE A CA  1 
ATOM   494  C  C   . ILE A 1 65  ? -0.179  2.375   -10.707 1.00 23.47 ? 66  ILE A C   1 
ATOM   495  O  O   . ILE A 1 65  ? -0.169  1.164   -10.943 1.00 24.43 ? 66  ILE A O   1 
ATOM   496  C  CB  . ILE A 1 65  ? 0.581   2.159   -8.250  1.00 18.74 ? 66  ILE A CB  1 
ATOM   497  C  CG1 . ILE A 1 65  ? 0.315   2.668   -6.829  1.00 22.35 ? 66  ILE A CG1 1 
ATOM   498  C  CG2 . ILE A 1 65  ? 2.047   2.409   -8.587  1.00 22.01 ? 66  ILE A CG2 1 
ATOM   499  C  CD1 . ILE A 1 65  ? 0.804   1.688   -5.755  1.00 22.44 ? 66  ILE A CD1 1 
ATOM   500  N  N   . GLN A 1 66  ? -0.081  3.287   -11.672 1.00 20.71 ? 67  GLN A N   1 
ATOM   501  C  CA  . GLN A 1 66  ? -0.012  2.874   -13.061 1.00 21.32 ? 67  GLN A CA  1 
ATOM   502  C  C   . GLN A 1 66  ? 1.285   3.214   -13.750 1.00 21.47 ? 67  GLN A C   1 
ATOM   503  O  O   . GLN A 1 66  ? 1.754   4.341   -13.707 1.00 20.92 ? 67  GLN A O   1 
ATOM   504  C  CB  . GLN A 1 66  ? -1.186  3.494   -13.830 1.00 23.82 ? 67  GLN A CB  1 
ATOM   505  C  CG  . GLN A 1 66  ? -2.522  3.015   -13.311 1.00 30.09 ? 67  GLN A CG  1 
ATOM   506  C  CD  . GLN A 1 66  ? -3.669  3.715   -13.988 1.00 34.77 ? 67  GLN A CD  1 
ATOM   507  O  OE1 . GLN A 1 66  ? -4.105  4.786   -13.554 1.00 31.43 ? 67  GLN A OE1 1 
ATOM   508  N  NE2 . GLN A 1 66  ? -4.150  3.127   -15.081 1.00 32.52 ? 67  GLN A NE2 1 
ATOM   509  N  N   . PHE A 1 67  ? 1.864   2.217   -14.390 1.00 23.81 ? 68  PHE A N   1 
ATOM   510  C  CA  . PHE A 1 67  ? 3.105   2.444   -15.121 1.00 25.61 ? 68  PHE A CA  1 
ATOM   511  C  C   . PHE A 1 67  ? 2.777   2.574   -16.604 1.00 29.02 ? 68  PHE A C   1 
ATOM   512  O  O   . PHE A 1 67  ? 1.780   2.034   -17.096 1.00 30.44 ? 68  PHE A O   1 
ATOM   513  C  CB  . PHE A 1 67  ? 4.070   1.282   -14.910 1.00 23.49 ? 68  PHE A CB  1 
ATOM   514  C  CG  . PHE A 1 67  ? 4.473   1.086   -13.467 1.00 25.23 ? 68  PHE A CG  1 
ATOM   515  C  CD1 . PHE A 1 67  ? 3.845   0.125   -12.686 1.00 26.01 ? 68  PHE A CD1 1 
ATOM   516  C  CD2 . PHE A 1 67  ? 5.447   1.881   -12.886 1.00 25.36 ? 68  PHE A CD2 1 
ATOM   517  C  CE1 . PHE A 1 67  ? 4.178   -0.032  -11.347 1.00 25.36 ? 68  PHE A CE1 1 
ATOM   518  C  CE2 . PHE A 1 67  ? 5.796   1.728   -11.535 1.00 28.02 ? 68  PHE A CE2 1 
ATOM   519  C  CZ  . PHE A 1 67  ? 5.150   0.769   -10.769 1.00 27.63 ? 68  PHE A CZ  1 
ATOM   520  N  N   . ARG A 1 68  ? 3.637   3.294   -17.315 1.00 29.53 ? 69  ARG A N   1 
ATOM   521  C  CA  . ARG A 1 68  ? 3.473   3.507   -18.754 1.00 32.80 ? 69  ARG A CA  1 
ATOM   522  C  C   . ARG A 1 68  ? 3.914   2.256   -19.497 1.00 33.05 ? 69  ARG A C   1 
ATOM   523  O  O   . ARG A 1 68  ? 3.360   1.916   -20.549 1.00 34.35 ? 69  ARG A O   1 
ATOM   524  C  CB  . ARG A 1 68  ? 4.346   4.676   -19.215 1.00 33.77 ? 69  ARG A CB  1 
ATOM   525  C  CG  . ARG A 1 68  ? 4.299   4.885   -20.722 1.00 45.98 ? 69  ARG A CG  1 
ATOM   526  C  CD  . ARG A 1 68  ? 5.508   5.648   -21.272 1.00 50.01 ? 69  ARG A CD  1 
ATOM   527  N  NE  . ARG A 1 68  ? 5.514   5.626   -22.741 1.00 57.49 ? 69  ARG A NE  1 
ATOM   528  C  CZ  . ARG A 1 68  ? 6.402   6.264   -23.505 1.00 63.40 ? 69  ARG A CZ  1 
ATOM   529  N  NH1 . ARG A 1 68  ? 7.375   6.981   -22.947 1.00 64.23 ? 69  ARG A NH1 1 
ATOM   530  N  NH2 . ARG A 1 68  ? 6.316   6.200   -24.833 1.00 59.12 ? 69  ARG A NH2 1 
ATOM   531  N  N   . ARG A 1 69  ? 4.892   1.580   -18.907 1.00 31.24 ? 70  ARG A N   1 
ATOM   532  C  CA  . ARG A 1 69  ? 5.510   0.359   -19.427 1.00 36.67 ? 70  ARG A CA  1 
ATOM   533  C  C   . ARG A 1 69  ? 5.368   -0.821  -18.482 1.00 34.73 ? 70  ARG A C   1 
ATOM   534  O  O   . ARG A 1 69  ? 5.201   -0.646  -17.281 1.00 35.11 ? 70  ARG A O   1 
ATOM   535  C  CB  . ARG A 1 69  ? 7.012   0.584   -19.593 1.00 39.51 ? 70  ARG A CB  1 
ATOM   536  C  CG  . ARG A 1 69  ? 7.676   0.909   -18.233 1.00 45.94 ? 70  ARG A CG  1 
ATOM   537  C  CD  . ARG A 1 69  ? 9.192   0.734   -18.211 1.00 49.70 ? 70  ARG A CD  1 
ATOM   538  N  NE  . ARG A 1 69  ? 9.614   -0.492  -17.517 1.00 57.48 ? 70  ARG A NE  1 
ATOM   539  C  CZ  . ARG A 1 69  ? 10.166  -0.529  -16.306 1.00 50.71 ? 70  ARG A CZ  1 
ATOM   540  N  NH1 . ARG A 1 69  ? 10.386  0.588   -15.627 1.00 58.04 ? 70  ARG A NH1 1 
ATOM   541  N  NH2 . ARG A 1 69  ? 10.484  -1.694  -15.760 1.00 60.15 ? 70  ARG A NH2 1 
ATOM   542  N  N   . LYS A 1 70  ? 5.500   -2.028  -19.022 1.00 35.17 ? 71  LYS A N   1 
ATOM   543  C  CA  . LYS A 1 70  ? 5.428   -3.243  -18.216 1.00 33.48 ? 71  LYS A CA  1 
ATOM   544  C  C   . LYS A 1 70  ? 6.575   -3.112  -17.212 1.00 33.88 ? 71  LYS A C   1 
ATOM   545  O  O   . LYS A 1 70  ? 7.732   -2.898  -17.600 1.00 34.04 ? 71  LYS A O   1 
ATOM   546  C  CB  . LYS A 1 70  ? 5.625   -4.461  -19.116 1.00 35.40 ? 71  LYS A CB  1 
ATOM   547  C  CG  . LYS A 1 70  ? 4.921   -5.704  -18.649 1.00 44.83 ? 71  LYS A CG  1 
ATOM   548  C  CD  . LYS A 1 70  ? 4.909   -6.751  -19.760 1.00 49.19 ? 71  LYS A CD  1 
ATOM   549  C  CE  . LYS A 1 70  ? 3.721   -7.695  -19.627 1.00 55.38 ? 71  LYS A CE  1 
ATOM   550  N  NZ  . LYS A 1 70  ? 3.735   -8.447  -18.346 1.00 56.22 ? 71  LYS A NZ  1 
ATOM   551  N  N   . THR A 1 71  ? 6.267   -3.235  -15.924 1.00 27.97 ? 72  THR A N   1 
ATOM   552  C  CA  . THR A 1 71  ? 7.270   -3.031  -14.900 1.00 25.21 ? 72  THR A CA  1 
ATOM   553  C  C   . THR A 1 71  ? 7.364   -4.178  -13.911 1.00 28.58 ? 72  THR A C   1 
ATOM   554  O  O   . THR A 1 71  ? 6.351   -4.679  -13.454 1.00 30.53 ? 72  THR A O   1 
ATOM   555  C  CB  . THR A 1 71  ? 6.927   -1.711  -14.151 1.00 26.86 ? 72  THR A CB  1 
ATOM   556  O  OG1 . THR A 1 71  ? 6.971   -0.629  -15.095 1.00 29.95 ? 72  THR A OG1 1 
ATOM   557  C  CG2 . THR A 1 71  ? 7.893   -1.435  -13.019 1.00 26.77 ? 72  THR A CG2 1 
ATOM   558  N  N   . THR A 1 72  ? 8.591   -4.590  -13.593 1.00 30.37 ? 73  THR A N   1 
ATOM   559  C  CA  . THR A 1 72  ? 8.807   -5.668  -12.629 1.00 29.92 ? 73  THR A CA  1 
ATOM   560  C  C   . THR A 1 72  ? 8.665   -5.104  -11.213 1.00 29.65 ? 73  THR A C   1 
ATOM   561  O  O   . THR A 1 72  ? 9.340   -4.146  -10.855 1.00 29.96 ? 73  THR A O   1 
ATOM   562  C  CB  . THR A 1 72  ? 10.219  -6.256  -12.793 1.00 35.70 ? 73  THR A CB  1 
ATOM   563  O  OG1 . THR A 1 72  ? 10.385  -6.650  -14.155 1.00 38.84 ? 73  THR A OG1 1 
ATOM   564  C  CG2 . THR A 1 72  ? 10.419  -7.467  -11.906 1.00 39.26 ? 73  THR A CG2 1 
ATOM   565  N  N   . VAL A 1 73  ? 7.775   -5.693  -10.422 1.00 29.69 ? 74  VAL A N   1 
ATOM   566  C  CA  . VAL A 1 73  ? 7.564   -5.233  -9.061  1.00 28.99 ? 74  VAL A CA  1 
ATOM   567  C  C   . VAL A 1 73  ? 7.709   -6.416  -8.114  1.00 29.13 ? 74  VAL A C   1 
ATOM   568  O  O   . VAL A 1 73  ? 7.165   -7.497  -8.362  1.00 34.75 ? 74  VAL A O   1 
ATOM   569  C  CB  . VAL A 1 73  ? 6.174   -4.596  -8.894  1.00 29.69 ? 74  VAL A CB  1 
ATOM   570  C  CG1 . VAL A 1 73  ? 6.115   -3.301  -9.716  1.00 31.99 ? 74  VAL A CG1 1 
ATOM   571  C  CG2 . VAL A 1 73  ? 5.087   -5.571  -9.346  1.00 34.44 ? 74  VAL A CG2 1 
ATOM   572  N  N   . LYS A 1 74  ? 8.451   -6.205  -7.050  1.00 25.00 ? 75  LYS A N   1 
ATOM   573  C  CA  . LYS A 1 74  ? 8.683   -7.287  -6.107  1.00 27.73 ? 75  LYS A CA  1 
ATOM   574  C  C   . LYS A 1 74  ? 7.991   -7.159  -4.764  1.00 28.02 ? 75  LYS A C   1 
ATOM   575  O  O   . LYS A 1 74  ? 7.417   -8.126  -4.263  1.00 25.87 ? 75  LYS A O   1 
ATOM   576  C  CB  . LYS A 1 74  ? 10.185  -7.439  -5.885  1.00 30.62 ? 75  LYS A CB  1 
ATOM   577  C  CG  . LYS A 1 74  ? 10.572  -8.638  -5.032  1.00 39.38 ? 75  LYS A CG  1 
ATOM   578  C  CD  . LYS A 1 74  ? 12.043  -8.602  -4.661  1.00 40.19 ? 75  LYS A CD  1 
ATOM   579  C  CE  . LYS A 1 74  ? 12.396  -9.825  -3.814  1.00 46.82 ? 75  LYS A CE  1 
ATOM   580  N  NZ  . LYS A 1 74  ? 13.767  -9.730  -3.229  1.00 54.85 ? 75  LYS A NZ  1 
ATOM   581  N  N   . THR A 1 75  ? 8.037   -5.962  -4.190  1.00 24.89 ? 76  THR A N   1 
ATOM   582  C  CA  . THR A 1 75  ? 7.472   -5.744  -2.880  1.00 25.36 ? 76  THR A CA  1 
ATOM   583  C  C   . THR A 1 75  ? 6.770   -4.403  -2.772  1.00 22.89 ? 76  THR A C   1 
ATOM   584  O  O   . THR A 1 75  ? 7.276   -3.379  -3.249  1.00 23.68 ? 76  THR A O   1 
ATOM   585  C  CB  . THR A 1 75  ? 8.595   -5.769  -1.839  1.00 24.30 ? 76  THR A CB  1 
ATOM   586  O  OG1 . THR A 1 75  ? 9.390   -6.951  -2.061  1.00 27.07 ? 76  THR A OG1 1 
ATOM   587  C  CG2 . THR A 1 75  ? 8.048   -5.817  -0.402  1.00 26.68 ? 76  THR A CG2 1 
ATOM   588  N  N   . LEU A 1 76  ? 5.629   -4.440  -2.111  1.00 21.77 ? 77  LEU A N   1 
ATOM   589  C  CA  . LEU A 1 76  ? 4.813   -3.254  -1.816  1.00 21.61 ? 77  LEU A CA  1 
ATOM   590  C  C   . LEU A 1 76  ? 4.878   -3.060  -0.296  1.00 21.72 ? 77  LEU A C   1 
ATOM   591  O  O   . LEU A 1 76  ? 4.634   -4.004  0.458   1.00 21.48 ? 77  LEU A O   1 
ATOM   592  C  CB  . LEU A 1 76  ? 3.367   -3.531  -2.218  1.00 23.00 ? 77  LEU A CB  1 
ATOM   593  C  CG  . LEU A 1 76  ? 2.283   -2.562  -1.743  1.00 26.27 ? 77  LEU A CG  1 
ATOM   594  C  CD1 . LEU A 1 76  ? 2.541   -1.170  -2.339  1.00 26.93 ? 77  LEU A CD1 1 
ATOM   595  C  CD2 . LEU A 1 76  ? 0.910   -3.125  -2.171  1.00 26.02 ? 77  LEU A CD2 1 
ATOM   596  N  N   . CYS A 1 77  ? 5.203   -1.847  0.153   1.00 19.75 ? 78  CYS A N   1 
ATOM   597  C  CA  . CYS A 1 77  ? 5.291   -1.545  1.577   1.00 20.36 ? 78  CYS A CA  1 
ATOM   598  C  C   . CYS A 1 77  ? 4.266   -0.478  1.925   1.00 19.13 ? 78  CYS A C   1 
ATOM   599  O  O   . CYS A 1 77  ? 4.249   0.580   1.281   1.00 20.60 ? 78  CYS A O   1 
ATOM   600  C  CB  . CYS A 1 77  ? 6.676   -1.032  1.943   1.00 19.62 ? 78  CYS A CB  1 
ATOM   601  S  SG  . CYS A 1 77  ? 7.974   -2.310  1.591   1.00 23.69 ? 78  CYS A SG  1 
ATOM   602  N  N   . ILE A 1 78  ? 3.438   -0.720  2.959   1.00 19.65 ? 79  ILE A N   1 
ATOM   603  C  CA  . ILE A 1 78  ? 2.407   0.251   3.369   1.00 20.88 ? 79  ILE A CA  1 
ATOM   604  C  C   . ILE A 1 78  ? 2.592   0.543   4.852   1.00 21.32 ? 79  ILE A C   1 
ATOM   605  O  O   . ILE A 1 78  ? 2.755   -0.402  5.624   1.00 24.38 ? 79  ILE A O   1 
ATOM   606  C  CB  . ILE A 1 78  ? 1.016   -0.371  3.187   1.00 22.01 ? 79  ILE A CB  1 
ATOM   607  C  CG1 . ILE A 1 78  ? 0.763   -0.640  1.712   1.00 22.69 ? 79  ILE A CG1 1 
ATOM   608  C  CG2 . ILE A 1 78  ? -0.056  0.520   3.758   1.00 22.60 ? 79  ILE A CG2 1 
ATOM   609  C  CD1 . ILE A 1 78  ? -0.464  -1.521  1.450   1.00 25.50 ? 79  ILE A CD1 1 
ATOM   610  N  N   . TYR A 1 79  ? 2.553   1.812   5.257   1.00 18.28 ? 80  TYR A N   1 
ATOM   611  C  CA  . TYR A 1 79  ? 2.685   2.134   6.688   1.00 20.10 ? 80  TYR A CA  1 
ATOM   612  C  C   . TYR A 1 79  ? 1.327   2.433   7.279   1.00 23.48 ? 80  TYR A C   1 
ATOM   613  O  O   . TYR A 1 79  ? 0.633   3.340   6.819   1.00 26.53 ? 80  TYR A O   1 
ATOM   614  C  CB  . TYR A 1 79  ? 3.618   3.337   6.894   1.00 19.03 ? 80  TYR A CB  1 
ATOM   615  C  CG  . TYR A 1 79  ? 3.997   3.546   8.338   1.00 20.19 ? 80  TYR A CG  1 
ATOM   616  C  CD1 . TYR A 1 79  ? 5.165   3.023   8.840   1.00 21.97 ? 80  TYR A CD1 1 
ATOM   617  C  CD2 . TYR A 1 79  ? 3.173   4.275   9.208   1.00 22.49 ? 80  TYR A CD2 1 
ATOM   618  C  CE1 . TYR A 1 79  ? 5.534   3.223   10.161  1.00 21.25 ? 80  TYR A CE1 1 
ATOM   619  C  CE2 . TYR A 1 79  ? 3.534   4.478   10.551  1.00 23.06 ? 80  TYR A CE2 1 
ATOM   620  C  CZ  . TYR A 1 79  ? 4.715   3.950   11.007  1.00 22.58 ? 80  TYR A CZ  1 
ATOM   621  O  OH  . TYR A 1 79  ? 5.139   4.134   12.298  1.00 29.65 ? 80  TYR A OH  1 
ATOM   622  N  N   . ALA A 1 80  ? 0.960   1.709   8.328   1.00 20.35 ? 81  ALA A N   1 
ATOM   623  C  CA  . ALA A 1 80  ? -0.341  1.910   8.967   1.00 20.56 ? 81  ALA A CA  1 
ATOM   624  C  C   . ALA A 1 80  ? -0.075  1.773   10.446  1.00 23.77 ? 81  ALA A C   1 
ATOM   625  O  O   . ALA A 1 80  ? 0.654   0.867   10.839  1.00 28.71 ? 81  ALA A O   1 
ATOM   626  C  CB  . ALA A 1 80  ? -1.335  0.822   8.521   1.00 23.39 ? 81  ALA A CB  1 
ATOM   627  N  N   . ASP A 1 81  ? -0.658  2.651   11.252  1.00 21.78 ? 82  ASP A N   1 
ATOM   628  C  CA  . ASP A 1 81  ? -0.436  2.587   12.690  1.00 21.57 ? 82  ASP A CA  1 
ATOM   629  C  C   . ASP A 1 81  ? -1.713  2.818   13.471  1.00 20.37 ? 82  ASP A C   1 
ATOM   630  O  O   . ASP A 1 81  ? -2.231  3.937   13.560  1.00 22.25 ? 82  ASP A O   1 
ATOM   631  C  CB  . ASP A 1 81  ? 0.586   3.611   13.126  1.00 28.34 ? 82  ASP A CB  1 
ATOM   632  C  CG  . ASP A 1 81  ? 0.940   3.432   14.578  1.00 31.99 ? 82  ASP A CG  1 
ATOM   633  O  OD1 . ASP A 1 81  ? 1.608   2.419   14.929  1.00 37.58 ? 82  ASP A OD1 1 
ATOM   634  O  OD2 . ASP A 1 81  ? 0.521   4.276   15.366  1.00 28.89 ? 82  ASP A OD2 1 
ATOM   635  N  N   . TYR A 1 82  ? -2.198  1.735   14.068  1.00 19.67 ? 83  TYR A N   1 
ATOM   636  C  CA  . TYR A 1 82  ? -3.429  1.729   14.814  1.00 19.68 ? 83  TYR A CA  1 
ATOM   637  C  C   . TYR A 1 82  ? -3.478  2.690   15.995  1.00 20.24 ? 83  TYR A C   1 
ATOM   638  O  O   . TYR A 1 82  ? -4.497  3.330   16.246  1.00 20.37 ? 83  TYR A O   1 
ATOM   639  C  CB  . TYR A 1 82  ? -3.688  0.311   15.284  1.00 19.07 ? 83  TYR A CB  1 
ATOM   640  C  CG  . TYR A 1 82  ? -4.956  0.141   16.059  1.00 20.92 ? 83  TYR A CG  1 
ATOM   641  C  CD1 . TYR A 1 82  ? -6.204  0.218   15.440  1.00 18.90 ? 83  TYR A CD1 1 
ATOM   642  C  CD2 . TYR A 1 82  ? -4.907  -0.142  17.414  1.00 22.64 ? 83  TYR A CD2 1 
ATOM   643  C  CE1 . TYR A 1 82  ? -7.371  0.007   16.138  1.00 22.37 ? 83  TYR A CE1 1 
ATOM   644  C  CE2 . TYR A 1 82  ? -6.078  -0.357  18.131  1.00 24.81 ? 83  TYR A CE2 1 
ATOM   645  C  CZ  . TYR A 1 82  ? -7.297  -0.279  17.495  1.00 25.60 ? 83  TYR A CZ  1 
ATOM   646  O  OH  . TYR A 1 82  ? -8.439  -0.434  18.238  1.00 26.44 ? 83  TYR A OH  1 
ATOM   647  N  N   . LYS A 1 83  ? -2.391  2.779   16.750  1.00 20.36 ? 84  LYS A N   1 
ATOM   648  C  CA  . LYS A 1 83  ? -2.410  3.665   17.907  1.00 21.76 ? 84  LYS A CA  1 
ATOM   649  C  C   . LYS A 1 83  ? -2.624  5.109   17.486  1.00 23.74 ? 84  LYS A C   1 
ATOM   650  O  O   . LYS A 1 83  ? -3.273  5.877   18.199  1.00 26.07 ? 84  LYS A O   1 
ATOM   651  C  CB  . LYS A 1 83  ? -1.112  3.511   18.711  1.00 24.09 ? 84  LYS A CB  1 
ATOM   652  C  CG  . LYS A 1 83  ? -0.959  2.094   19.273  1.00 38.24 ? 84  LYS A CG  1 
ATOM   653  C  CD  . LYS A 1 83  ? 0.286   1.939   20.124  1.00 46.04 ? 84  LYS A CD  1 
ATOM   654  C  CE  . LYS A 1 83  ? 0.396   0.526   20.670  1.00 51.71 ? 84  LYS A CE  1 
ATOM   655  N  NZ  . LYS A 1 83  ? 1.644   0.357   21.470  1.00 57.05 ? 84  LYS A NZ  1 
ATOM   656  N  N   . SER A 1 84  ? -2.131  5.459   16.307  1.00 21.64 ? 85  SER A N   1 
ATOM   657  C  CA  . SER A 1 84  ? -2.307  6.824   15.831  1.00 21.02 ? 85  SER A CA  1 
ATOM   658  C  C   . SER A 1 84  ? -3.599  7.008   15.037  1.00 21.72 ? 85  SER A C   1 
ATOM   659  O  O   . SER A 1 84  ? -4.231  8.066   15.102  1.00 23.34 ? 85  SER A O   1 
ATOM   660  C  CB  . SER A 1 84  ? -1.175  7.222   14.874  1.00 24.64 ? 85  SER A CB  1 
ATOM   661  O  OG  . SER A 1 84  ? 0.123   7.101   15.439  1.00 28.24 ? 85  SER A OG  1 
ATOM   662  N  N   . ASP A 1 85  ? -3.998  5.976   14.299  1.00 20.58 ? 86  ASP A N   1 
ATOM   663  C  CA  . ASP A 1 85  ? -5.147  6.190   13.412  1.00 18.39 ? 86  ASP A CA  1 
ATOM   664  C  C   . ASP A 1 85  ? -6.500  5.648   13.813  1.00 19.86 ? 86  ASP A C   1 
ATOM   665  O  O   . ASP A 1 85  ? -7.505  6.019   13.206  1.00 18.87 ? 86  ASP A O   1 
ATOM   666  C  CB  . ASP A 1 85  ? -4.786  5.725   11.992  1.00 18.36 ? 86  ASP A CB  1 
ATOM   667  C  CG  . ASP A 1 85  ? -3.671  6.553   11.384  1.00 18.28 ? 86  ASP A CG  1 
ATOM   668  O  OD1 . ASP A 1 85  ? -3.766  7.782   11.492  1.00 20.62 ? 86  ASP A OD1 1 
ATOM   669  O  OD2 . ASP A 1 85  ? -2.734  5.989   10.804  1.00 20.18 ? 86  ASP A OD2 1 
ATOM   670  N  N   . GLU A 1 86  ? -6.526  4.800   14.841  1.00 18.05 ? 87  GLU A N   1 
ATOM   671  C  CA  . GLU A 1 86  ? -7.773  4.251   15.359  1.00 17.80 ? 87  GLU A CA  1 
ATOM   672  C  C   . GLU A 1 86  ? -8.685  3.749   14.240  1.00 18.52 ? 87  GLU A C   1 
ATOM   673  O  O   . GLU A 1 86  ? -8.270  2.878   13.478  1.00 18.99 ? 87  GLU A O   1 
ATOM   674  C  CB  . GLU A 1 86  ? -8.473  5.290   16.245  1.00 17.77 ? 87  GLU A CB  1 
ATOM   675  C  CG  . GLU A 1 86  ? -7.578  5.678   17.420  1.00 22.98 ? 87  GLU A CG  1 
ATOM   676  C  CD  . GLU A 1 86  ? -8.205  6.666   18.356  1.00 26.03 ? 87  GLU A CD  1 
ATOM   677  O  OE1 . GLU A 1 86  ? -9.403  7.002   18.228  1.00 29.53 ? 87  GLU A OE1 1 
ATOM   678  O  OE2 . GLU A 1 86  ? -7.465  7.104   19.238  1.00 27.49 ? 87  GLU A OE2 1 
ATOM   679  N  N   . SER A 1 87  ? -9.913  4.255   14.138  1.00 17.84 ? 88  SER A N   1 
ATOM   680  C  CA  . SER A 1 87  ? -10.848 3.738   13.126  1.00 18.35 ? 88  SER A CA  1 
ATOM   681  C  C   . SER A 1 87  ? -10.478 4.055   11.684  1.00 19.68 ? 88  SER A C   1 
ATOM   682  O  O   . SER A 1 87  ? -11.131 3.552   10.761  1.00 17.91 ? 88  SER A O   1 
ATOM   683  C  CB  . SER A 1 87  ? -12.269 4.212   13.432  1.00 18.86 ? 88  SER A CB  1 
ATOM   684  O  OG  . SER A 1 87  ? -12.440 5.604   13.113  1.00 20.34 ? 88  SER A OG  1 
ATOM   685  N  N   . TYR A 1 88  ? -9.452  4.887   11.481  1.00 16.74 ? 89  TYR A N   1 
ATOM   686  C  CA  . TYR A 1 88  ? -8.980  5.183   10.121  1.00 16.20 ? 89  TYR A CA  1 
ATOM   687  C  C   . TYR A 1 88  ? -7.940  4.144   9.688   1.00 16.10 ? 89  TYR A C   1 
ATOM   688  O  O   . TYR A 1 88  ? -7.446  4.192   8.580   1.00 17.76 ? 89  TYR A O   1 
ATOM   689  C  CB  . TYR A 1 88  ? -8.315  6.565   10.030  1.00 16.43 ? 89  TYR A CB  1 
ATOM   690  C  CG  . TYR A 1 88  ? -9.257  7.733   10.230  1.00 17.34 ? 89  TYR A CG  1 
ATOM   691  C  CD1 . TYR A 1 88  ? -9.546  8.183   11.510  1.00 18.72 ? 89  TYR A CD1 1 
ATOM   692  C  CD2 . TYR A 1 88  ? -9.841  8.392   9.128   1.00 20.19 ? 89  TYR A CD2 1 
ATOM   693  C  CE1 . TYR A 1 88  ? -10.412 9.277   11.715  1.00 19.49 ? 89  TYR A CE1 1 
ATOM   694  C  CE2 . TYR A 1 88  ? -10.686 9.490   9.328   1.00 20.45 ? 89  TYR A CE2 1 
ATOM   695  C  CZ  . TYR A 1 88  ? -10.960 9.913   10.631  1.00 18.50 ? 89  TYR A CZ  1 
ATOM   696  O  OH  . TYR A 1 88  ? -11.780 11.021  10.843  1.00 22.25 ? 89  TYR A OH  1 
ATOM   697  N  N   . THR A 1 89  ? -7.614  3.194   10.580  1.00 17.11 ? 90  THR A N   1 
ATOM   698  C  CA  . THR A 1 89  ? -6.606  2.157   10.269  1.00 16.78 ? 90  THR A CA  1 
ATOM   699  C  C   . THR A 1 89  ? -7.232  1.045   9.427   1.00 15.77 ? 90  THR A C   1 
ATOM   700  O  O   . THR A 1 89  ? -8.218  0.441   9.829   1.00 17.35 ? 90  THR A O   1 
ATOM   701  C  CB  . THR A 1 89  ? -6.081  1.504   11.561  1.00 16.94 ? 90  THR A CB  1 
ATOM   702  O  OG1 . THR A 1 89  ? -5.722  2.516   12.518  1.00 17.98 ? 90  THR A OG1 1 
ATOM   703  C  CG2 . THR A 1 89  ? -4.873  0.649   11.263  1.00 18.38 ? 90  THR A CG2 1 
ATOM   704  N  N   . PRO A 1 90  ? -6.680  0.779   8.230   1.00 15.61 ? 91  PRO A N   1 
ATOM   705  C  CA  . PRO A 1 90  ? -7.254  -0.297  7.402   1.00 15.95 ? 91  PRO A CA  1 
ATOM   706  C  C   . PRO A 1 90  ? -7.217  -1.616  8.173   1.00 18.85 ? 91  PRO A C   1 
ATOM   707  O  O   . PRO A 1 90  ? -6.269  -1.867  8.931   1.00 18.83 ? 91  PRO A O   1 
ATOM   708  C  CB  . PRO A 1 90  ? -6.318  -0.414  6.206   1.00 17.51 ? 91  PRO A CB  1 
ATOM   709  C  CG  . PRO A 1 90  ? -5.633  0.936   6.135   1.00 22.30 ? 91  PRO A CG  1 
ATOM   710  C  CD  . PRO A 1 90  ? -5.547  1.455   7.586   1.00 16.19 ? 91  PRO A CD  1 
ATOM   711  N  N   . SER A 1 91  ? -8.209  -2.459  7.920   1.00 17.14 ? 92  SER A N   1 
ATOM   712  C  CA  . SER A 1 91  ? -8.290  -3.813  8.548   1.00 19.83 ? 92  SER A CA  1 
ATOM   713  C  C   . SER A 1 91  ? -8.323  -4.914  7.491   1.00 21.73 ? 92  SER A C   1 
ATOM   714  O  O   . SER A 1 91  ? -8.042  -6.092  7.793   1.00 22.50 ? 92  SER A O   1 
ATOM   715  C  CB  . SER A 1 91  ? -9.543  -3.938  9.408   1.00 18.94 ? 92  SER A CB  1 
ATOM   716  O  OG  . SER A 1 91  ? -10.726 -3.757  8.628   1.00 23.13 ? 92  SER A OG  1 
ATOM   717  N  N   . LYS A 1 92  ? -8.772  -4.579  6.286   1.00 19.88 ? 93  LYS A N   1 
ATOM   718  C  CA  . LYS A 1 92  ? -8.838  -5.579  5.212   1.00 22.18 ? 93  LYS A CA  1 
ATOM   719  C  C   . LYS A 1 92  ? -8.353  -4.896  3.942   1.00 20.83 ? 93  LYS A C   1 
ATOM   720  O  O   . LYS A 1 92  ? -8.911  -3.875  3.553   1.00 21.39 ? 93  LYS A O   1 
ATOM   721  C  CB  . LYS A 1 92  ? -10.275 -6.088  5.050   1.00 23.37 ? 93  LYS A CB  1 
ATOM   722  C  CG  . LYS A 1 92  ? -10.408 -7.318  4.200   1.00 34.36 ? 93  LYS A CG  1 
ATOM   723  C  CD  . LYS A 1 92  ? -11.843 -7.820  4.268   1.00 39.47 ? 93  LYS A CD  1 
ATOM   724  C  CE  . LYS A 1 92  ? -12.067 -9.043  3.404   1.00 47.22 ? 93  LYS A CE  1 
ATOM   725  N  NZ  . LYS A 1 92  ? -13.462 -9.565  3.565   1.00 49.92 ? 93  LYS A NZ  1 
ATOM   726  N  N   . ILE A 1 93  ? -7.321  -5.443  3.290   1.00 18.23 ? 94  ILE A N   1 
ATOM   727  C  CA  . ILE A 1 93  ? -6.772  -4.824  2.065   1.00 17.73 ? 94  ILE A CA  1 
ATOM   728  C  C   . ILE A 1 93  ? -6.626  -5.876  0.973   1.00 22.93 ? 94  ILE A C   1 
ATOM   729  O  O   . ILE A 1 93  ? -6.211  -6.991  1.245   1.00 25.05 ? 94  ILE A O   1 
ATOM   730  C  CB  . ILE A 1 93  ? -5.365  -4.206  2.323   1.00 19.60 ? 94  ILE A CB  1 
ATOM   731  C  CG1 . ILE A 1 93  ? -5.508  -2.964  3.205   1.00 23.65 ? 94  ILE A CG1 1 
ATOM   732  C  CG2 . ILE A 1 93  ? -4.676  -3.834  0.985   1.00 25.80 ? 94  ILE A CG2 1 
ATOM   733  C  CD1 . ILE A 1 93  ? -4.190  -2.376  3.626   1.00 23.81 ? 94  ILE A CD1 1 
ATOM   734  N  N   . SER A 1 94  ? -6.975  -5.509  -0.254  1.00 19.94 ? 95  SER A N   1 
ATOM   735  C  CA  . SER A 1 94  ? -6.827  -6.394  -1.409  1.00 20.71 ? 95  SER A CA  1 
ATOM   736  C  C   . SER A 1 94  ? -5.774  -5.759  -2.320  1.00 22.51 ? 95  SER A C   1 
ATOM   737  O  O   . SER A 1 94  ? -5.839  -4.554  -2.599  1.00 22.85 ? 95  SER A O   1 
ATOM   738  C  CB  . SER A 1 94  ? -8.143  -6.528  -2.171  1.00 20.11 ? 95  SER A CB  1 
ATOM   739  O  OG  . SER A 1 94  ? -7.925  -7.254  -3.381  1.00 22.16 ? 95  SER A OG  1 
ATOM   740  N  N   . VAL A 1 95  ? -4.779  -6.534  -2.756  1.00 18.66 ? 96  VAL A N   1 
ATOM   741  C  CA  . VAL A 1 95  ? -3.781  -6.018  -3.671  1.00 18.20 ? 96  VAL A CA  1 
ATOM   742  C  C   . VAL A 1 95  ? -4.021  -6.732  -4.997  1.00 22.37 ? 96  VAL A C   1 
ATOM   743  O  O   . VAL A 1 95  ? -4.109  -7.944  -5.036  1.00 23.39 ? 96  VAL A O   1 
ATOM   744  C  CB  . VAL A 1 95  ? -2.341  -6.263  -3.183  1.00 21.59 ? 96  VAL A CB  1 
ATOM   745  C  CG1 . VAL A 1 95  ? -1.338  -5.665  -4.204  1.00 21.84 ? 96  VAL A CG1 1 
ATOM   746  C  CG2 . VAL A 1 95  ? -2.132  -5.590  -1.825  1.00 24.34 ? 96  VAL A CG2 1 
ATOM   747  N  N   . ARG A 1 96  ? -4.184  -5.948  -6.057  1.00 21.87 ? 97  ARG A N   1 
ATOM   748  C  CA  . ARG A 1 96  ? -4.493  -6.447  -7.400  1.00 24.68 ? 97  ARG A CA  1 
ATOM   749  C  C   . ARG A 1 96  ? -3.496  -5.901  -8.408  1.00 23.50 ? 97  ARG A C   1 
ATOM   750  O  O   . ARG A 1 96  ? -2.925  -4.820  -8.200  1.00 22.53 ? 97  ARG A O   1 
ATOM   751  C  CB  . ARG A 1 96  ? -5.890  -5.995  -7.794  1.00 24.09 ? 97  ARG A CB  1 
ATOM   752  C  CG  . ARG A 1 96  ? -6.963  -6.363  -6.762  1.00 22.06 ? 97  ARG A CG  1 
ATOM   753  C  CD  . ARG A 1 96  ? -7.839  -5.161  -6.425  1.00 23.53 ? 97  ARG A CD  1 
ATOM   754  N  NE  . ARG A 1 96  ? -8.849  -5.526  -5.437  1.00 22.42 ? 97  ARG A NE  1 
ATOM   755  C  CZ  . ARG A 1 96  ? -9.980  -4.853  -5.228  1.00 22.68 ? 97  ARG A CZ  1 
ATOM   756  N  NH1 . ARG A 1 96  ? -10.251 -3.768  -5.925  1.00 21.82 ? 97  ARG A NH1 1 
ATOM   757  N  NH2 . ARG A 1 96  ? -10.855 -5.289  -4.326  1.00 24.90 ? 97  ARG A NH2 1 
ATOM   758  N  N   . VAL A 1 97  ? -3.254  -6.667  -9.481  1.00 22.96 ? 98  VAL A N   1 
ATOM   759  C  CA  . VAL A 1 97  ? -2.321  -6.234  -10.517 1.00 23.02 ? 98  VAL A CA  1 
ATOM   760  C  C   . VAL A 1 97  ? -2.933  -6.595  -11.863 1.00 24.45 ? 98  VAL A C   1 
ATOM   761  O  O   . VAL A 1 97  ? -3.806  -7.474  -11.944 1.00 25.87 ? 98  VAL A O   1 
ATOM   762  C  CB  . VAL A 1 97  ? -0.897  -6.912  -10.393 1.00 24.09 ? 98  VAL A CB  1 
ATOM   763  C  CG1 . VAL A 1 97  ? -0.241  -6.544  -9.057  1.00 24.28 ? 98  VAL A CG1 1 
ATOM   764  C  CG2 . VAL A 1 97  ? -1.004  -8.426  -10.559 1.00 26.15 ? 98  VAL A CG2 1 
ATOM   765  N  N   . GLY A 1 98  ? -2.507  -5.909  -12.913 1.00 26.48 ? 99  GLY A N   1 
ATOM   766  C  CA  . GLY A 1 98  ? -3.057  -6.220  -14.210 1.00 27.20 ? 99  GLY A CA  1 
ATOM   767  C  C   . GLY A 1 98  ? -2.693  -5.212  -15.273 1.00 28.06 ? 99  GLY A C   1 
ATOM   768  O  O   . GLY A 1 98  ? -1.937  -4.270  -15.013 1.00 27.04 ? 99  GLY A O   1 
ATOM   769  N  N   . ASN A 1 99  ? -3.244  -5.384  -16.473 1.00 30.52 ? 100 ASN A N   1 
ATOM   770  C  CA  . ASN A 1 99  ? -2.919  -4.481  -17.568 1.00 34.33 ? 100 ASN A CA  1 
ATOM   771  C  C   . ASN A 1 99  ? -3.642  -3.163  -17.442 1.00 35.69 ? 100 ASN A C   1 
ATOM   772  O  O   . ASN A 1 99  ? -3.096  -2.108  -17.799 1.00 37.24 ? 100 ASN A O   1 
ATOM   773  C  CB  . ASN A 1 99  ? -3.284  -5.103  -18.920 1.00 38.73 ? 100 ASN A CB  1 
ATOM   774  C  CG  . ASN A 1 99  ? -2.574  -6.402  -19.166 1.00 50.15 ? 100 ASN A CG  1 
ATOM   775  O  OD1 . ASN A 1 99  ? -1.416  -6.571  -18.776 1.00 52.56 ? 100 ASN A OD1 1 
ATOM   776  N  ND2 . ASN A 1 99  ? -3.258  -7.337  -19.829 1.00 53.86 ? 100 ASN A ND2 1 
ATOM   777  N  N   . ASN A 1 100 ? -4.875  -3.238  -16.950 1.00 32.94 ? 101 ASN A N   1 
ATOM   778  C  CA  . ASN A 1 100 ? -5.730  -2.072  -16.784 1.00 37.27 ? 101 ASN A CA  1 
ATOM   779  C  C   . ASN A 1 100 ? -6.779  -2.310  -15.694 1.00 35.20 ? 101 ASN A C   1 
ATOM   780  O  O   . ASN A 1 100 ? -6.866  -3.395  -15.127 1.00 31.64 ? 101 ASN A O   1 
ATOM   781  C  CB  . ASN A 1 100 ? -6.419  -1.764  -18.113 1.00 38.54 ? 101 ASN A CB  1 
ATOM   782  C  CG  . ASN A 1 100 ? -7.106  -2.984  -18.700 1.00 43.12 ? 101 ASN A CG  1 
ATOM   783  O  OD1 . ASN A 1 100 ? -7.947  -3.608  -18.054 1.00 42.62 ? 101 ASN A OD1 1 
ATOM   784  N  ND2 . ASN A 1 100 ? -6.747  -3.332  -19.929 1.00 43.60 ? 101 ASN A ND2 1 
ATOM   785  N  N   . PHE A 1 101 ? -7.599  -1.298  -15.432 1.00 29.67 ? 102 PHE A N   1 
ATOM   786  C  CA  . PHE A 1 101 ? -8.599  -1.367  -14.390 1.00 31.36 ? 102 PHE A CA  1 
ATOM   787  C  C   . PHE A 1 101 ? -9.588  -2.484  -14.521 1.00 32.51 ? 102 PHE A C   1 
ATOM   788  O  O   . PHE A 1 101 ? -10.182 -2.916  -13.533 1.00 36.60 ? 102 PHE A O   1 
ATOM   789  C  CB  . PHE A 1 101 ? -9.392  -0.070  -14.353 1.00 34.48 ? 102 PHE A CB  1 
ATOM   790  C  CG  . PHE A 1 101 ? -8.683  1.039   -13.683 1.00 36.03 ? 102 PHE A CG  1 
ATOM   791  C  CD1 . PHE A 1 101 ? -8.885  1.278   -12.330 1.00 37.86 ? 102 PHE A CD1 1 
ATOM   792  C  CD2 . PHE A 1 101 ? -7.833  1.871   -14.395 1.00 35.70 ? 102 PHE A CD2 1 
ATOM   793  C  CE1 . PHE A 1 101 ? -8.256  2.338   -11.689 1.00 36.35 ? 102 PHE A CE1 1 
ATOM   794  C  CE2 . PHE A 1 101 ? -7.194  2.936   -13.758 1.00 32.54 ? 102 PHE A CE2 1 
ATOM   795  C  CZ  . PHE A 1 101 ? -7.412  3.169   -12.396 1.00 34.92 ? 102 PHE A CZ  1 
ATOM   796  N  N   . HIS A 1 102 ? -9.766  -2.946  -15.748 1.00 35.20 ? 103 HIS A N   1 
ATOM   797  C  CA  . HIS A 1 102 ? -10.755 -3.968  -16.015 1.00 37.98 ? 103 HIS A CA  1 
ATOM   798  C  C   . HIS A 1 102 ? -10.213 -5.381  -16.098 1.00 37.87 ? 103 HIS A C   1 
ATOM   799  O  O   . HIS A 1 102 ? -10.987 -6.337  -16.212 1.00 41.46 ? 103 HIS A O   1 
ATOM   800  C  CB  . HIS A 1 102 ? -11.500 -3.569  -17.283 1.00 40.62 ? 103 HIS A CB  1 
ATOM   801  C  CG  . HIS A 1 102 ? -11.933 -2.134  -17.270 1.00 39.09 ? 103 HIS A CG  1 
ATOM   802  N  ND1 . HIS A 1 102 ? -12.805 -1.632  -16.325 1.00 43.79 ? 103 HIS A ND1 1 
ATOM   803  C  CD2 . HIS A 1 102 ? -11.521 -1.071  -18.004 1.00 44.31 ? 103 HIS A CD2 1 
ATOM   804  C  CE1 . HIS A 1 102 ? -12.906 -0.322  -16.474 1.00 37.91 ? 103 HIS A CE1 1 
ATOM   805  N  NE2 . HIS A 1 102 ? -12.136 0.043   -17.485 1.00 42.21 ? 103 HIS A NE2 1 
ATOM   806  N  N   . ASN A 1 103 ? -8.894  -5.523  -16.012 1.00 37.13 ? 104 ASN A N   1 
ATOM   807  C  CA  . ASN A 1 103 ? -8.278  -6.849  -16.077 1.00 40.18 ? 104 ASN A CA  1 
ATOM   808  C  C   . ASN A 1 103 ? -7.470  -7.093  -14.814 1.00 35.20 ? 104 ASN A C   1 
ATOM   809  O  O   . ASN A 1 103 ? -6.485  -7.829  -14.836 1.00 38.52 ? 104 ASN A O   1 
ATOM   810  C  CB  . ASN A 1 103 ? -7.339  -6.954  -17.289 1.00 45.70 ? 104 ASN A CB  1 
ATOM   811  C  CG  . ASN A 1 103 ? -8.070  -6.812  -18.626 1.00 53.55 ? 104 ASN A CG  1 
ATOM   812  O  OD1 . ASN A 1 103 ? -7.466  -6.938  -19.696 1.00 54.58 ? 104 ASN A OD1 1 
ATOM   813  N  ND2 . ASN A 1 103 ? -9.370  -6.544  -18.567 1.00 57.14 ? 104 ASN A ND2 1 
ATOM   814  N  N   . LEU A 1 104 ? -7.857  -6.459  -13.715 1.00 33.63 ? 105 LEU A N   1 
ATOM   815  C  CA  . LEU A 1 104 ? -7.107  -6.637  -12.484 1.00 29.74 ? 105 LEU A CA  1 
ATOM   816  C  C   . LEU A 1 104 ? -7.422  -7.947  -11.829 1.00 29.89 ? 105 LEU A C   1 
ATOM   817  O  O   . LEU A 1 104 ? -8.564  -8.413  -11.836 1.00 33.50 ? 105 LEU A O   1 
ATOM   818  C  CB  . LEU A 1 104 ? -7.414  -5.530  -11.486 1.00 27.88 ? 105 LEU A CB  1 
ATOM   819  C  CG  . LEU A 1 104 ? -7.085  -4.103  -11.881 1.00 27.23 ? 105 LEU A CG  1 
ATOM   820  C  CD1 . LEU A 1 104 ? -7.599  -3.152  -10.792 1.00 30.51 ? 105 LEU A CD1 1 
ATOM   821  C  CD2 . LEU A 1 104 ? -5.597  -3.952  -12.029 1.00 28.13 ? 105 LEU A CD2 1 
ATOM   822  N  N   . GLN A 1 105 ? -6.403  -8.567  -11.266 1.00 30.75 ? 106 GLN A N   1 
ATOM   823  C  CA  . GLN A 1 105 ? -6.655  -9.791  -10.558 1.00 32.21 ? 106 GLN A CA  1 
ATOM   824  C  C   . GLN A 1 105 ? -6.044  -9.684  -9.175  1.00 27.88 ? 106 GLN A C   1 
ATOM   825  O  O   . GLN A 1 105 ? -4.922  -9.210  -8.992  1.00 26.13 ? 106 GLN A O   1 
ATOM   826  C  CB  . GLN A 1 105 ? -6.095  -10.966 -11.341 1.00 40.73 ? 106 GLN A CB  1 
ATOM   827  C  CG  . GLN A 1 105 ? -6.735  -11.060 -12.719 1.00 51.26 ? 106 GLN A CG  1 
ATOM   828  C  CD  . GLN A 1 105 ? -6.737  -12.464 -13.274 1.00 58.27 ? 106 GLN A CD  1 
ATOM   829  O  OE1 . GLN A 1 105 ? -7.431  -13.348 -12.759 1.00 63.89 ? 106 GLN A OE1 1 
ATOM   830  N  NE2 . GLN A 1 105 ? -5.957  -12.683 -14.332 1.00 62.52 ? 106 GLN A NE2 1 
ATOM   831  N  N   . GLU A 1 106 ? -6.809  -10.089 -8.180  1.00 28.80 ? 107 GLU A N   1 
ATOM   832  C  CA  . GLU A 1 106 ? -6.315  -10.042 -6.814  1.00 25.34 ? 107 GLU A CA  1 
ATOM   833  C  C   . GLU A 1 106 ? -5.183  -11.040 -6.638  1.00 29.33 ? 107 GLU A C   1 
ATOM   834  O  O   . GLU A 1 106 ? -5.319  -12.212 -7.023  1.00 31.15 ? 107 GLU A O   1 
ATOM   835  C  CB  . GLU A 1 106 ? -7.441  -10.393 -5.853  1.00 23.57 ? 107 GLU A CB  1 
ATOM   836  C  CG  . GLU A 1 106 ? -7.015  -10.440 -4.425  1.00 25.20 ? 107 GLU A CG  1 
ATOM   837  C  CD  . GLU A 1 106 ? -8.205  -10.592 -3.517  1.00 35.96 ? 107 GLU A CD  1 
ATOM   838  O  OE1 . GLU A 1 106 ? -8.769  -9.569  -3.056  1.00 29.98 ? 107 GLU A OE1 1 
ATOM   839  O  OE2 . GLU A 1 106 ? -8.602  -11.751 -3.282  1.00 37.45 ? 107 GLU A OE2 1 
ATOM   840  N  N   . ILE A 1 107 ? -4.076  -10.589 -6.068  1.00 25.04 ? 108 ILE A N   1 
ATOM   841  C  CA  . ILE A 1 107 ? -2.961  -11.473 -5.815  1.00 26.94 ? 108 ILE A CA  1 
ATOM   842  C  C   . ILE A 1 107 ? -2.691  -11.654 -4.346  1.00 28.24 ? 108 ILE A C   1 
ATOM   843  O  O   . ILE A 1 107 ? -2.046  -12.621 -3.944  1.00 30.22 ? 108 ILE A O   1 
ATOM   844  C  CB  . ILE A 1 107 ? -1.682  -11.034 -6.559  1.00 30.48 ? 108 ILE A CB  1 
ATOM   845  C  CG1 . ILE A 1 107 ? -1.300  -9.605  -6.184  1.00 28.81 ? 108 ILE A CG1 1 
ATOM   846  C  CG2 . ILE A 1 107 ? -1.888  -11.221 -8.054  1.00 31.27 ? 108 ILE A CG2 1 
ATOM   847  C  CD1 . ILE A 1 107 ? 0.078   -9.239  -6.702  1.00 36.01 ? 108 ILE A CD1 1 
ATOM   848  N  N   . ARG A 1 108 ? -3.192  -10.741 -3.513  1.00 25.15 ? 109 ARG A N   1 
ATOM   849  C  CA  . ARG A 1 108 ? -3.019  -10.913 -2.081  1.00 24.99 ? 109 ARG A CA  1 
ATOM   850  C  C   . ARG A 1 108 ? -4.213  -10.302 -1.364  1.00 26.93 ? 109 ARG A C   1 
ATOM   851  O  O   . ARG A 1 108 ? -4.741  -9.278  -1.780  1.00 25.64 ? 109 ARG A O   1 
ATOM   852  C  CB  . ARG A 1 108 ? -1.740  -10.225 -1.583  1.00 26.40 ? 109 ARG A CB  1 
ATOM   853  C  CG  . ARG A 1 108 ? -0.413  -10.749 -2.180  1.00 32.85 ? 109 ARG A CG  1 
ATOM   854  C  CD  . ARG A 1 108 ? 0.104   -12.005 -1.507  1.00 39.95 ? 109 ARG A CD  1 
ATOM   855  N  NE  . ARG A 1 108 ? 1.236   -12.571 -2.257  1.00 45.40 ? 109 ARG A NE  1 
ATOM   856  C  CZ  . ARG A 1 108 ? 2.009   -13.565 -1.824  1.00 49.96 ? 109 ARG A CZ  1 
ATOM   857  N  NH1 . ARG A 1 108 ? 1.783   -14.117 -0.636  1.00 54.44 ? 109 ARG A NH1 1 
ATOM   858  N  NH2 . ARG A 1 108 ? 3.007   -14.015 -2.584  1.00 47.78 ? 109 ARG A NH2 1 
ATOM   859  N  N   . GLN A 1 109 ? -4.668  -10.950 -0.306  1.00 27.87 ? 110 GLN A N   1 
ATOM   860  C  CA  . GLN A 1 109 ? -5.744  -10.376 0.494   1.00 33.53 ? 110 GLN A CA  1 
ATOM   861  C  C   . GLN A 1 109 ? -5.167  -10.390 1.890   1.00 31.48 ? 110 GLN A C   1 
ATOM   862  O  O   . GLN A 1 109 ? -4.786  -11.446 2.415   1.00 36.50 ? 110 GLN A O   1 
ATOM   863  C  CB  . GLN A 1 109 ? -7.042  -11.179 0.382   1.00 38.47 ? 110 GLN A CB  1 
ATOM   864  C  CG  . GLN A 1 109 ? -6.870  -12.658 0.257   1.00 48.02 ? 110 GLN A CG  1 
ATOM   865  C  CD  . GLN A 1 109 ? -8.190  -13.353 -0.005  1.00 53.86 ? 110 GLN A CD  1 
ATOM   866  O  OE1 . GLN A 1 109 ? -8.848  -13.110 -1.025  1.00 58.03 ? 110 GLN A OE1 1 
ATOM   867  N  NE2 . GLN A 1 109 ? -8.593  -14.216 0.916   1.00 57.14 ? 110 GLN A NE2 1 
ATOM   868  N  N   . LEU A 1 110 ? -5.079  -9.205  2.483   1.00 27.45 ? 111 LEU A N   1 
ATOM   869  C  CA  . LEU A 1 110 ? -4.459  -9.029  3.796   1.00 28.92 ? 111 LEU A CA  1 
ATOM   870  C  C   . LEU A 1 110 ? -5.441  -8.627  4.855   1.00 28.11 ? 111 LEU A C   1 
ATOM   871  O  O   . LEU A 1 110 ? -6.222  -7.714  4.657   1.00 29.37 ? 111 LEU A O   1 
ATOM   872  C  CB  . LEU A 1 110 ? -3.425  -7.898  3.754   1.00 34.51 ? 111 LEU A CB  1 
ATOM   873  C  CG  . LEU A 1 110 ? -2.430  -7.702  2.625   1.00 36.88 ? 111 LEU A CG  1 
ATOM   874  C  CD1 . LEU A 1 110 ? -1.717  -6.369  2.817   1.00 44.85 ? 111 LEU A CD1 1 
ATOM   875  C  CD2 . LEU A 1 110 ? -1.436  -8.844  2.610   1.00 44.17 ? 111 LEU A CD2 1 
ATOM   876  N  N   . GLU A 1 111 ? -5.383  -9.289  5.995   1.00 28.70 ? 112 GLU A N   1 
ATOM   877  C  CA  . GLU A 1 111 ? -6.230  -8.921  7.117   1.00 29.09 ? 112 GLU A CA  1 
ATOM   878  C  C   . GLU A 1 111 ? -5.214  -8.292  8.056   1.00 29.81 ? 112 GLU A C   1 
ATOM   879  O  O   . GLU A 1 111 ? -4.151  -8.865  8.330   1.00 32.63 ? 112 GLU A O   1 
ATOM   880  C  CB  . GLU A 1 111 ? -6.851  -10.152 7.761   1.00 38.38 ? 112 GLU A CB  1 
ATOM   881  C  CG  . GLU A 1 111 ? -7.935  -9.844  8.783   1.00 45.46 ? 112 GLU A CG  1 
ATOM   882  C  CD  . GLU A 1 111 ? -9.235  -9.396  8.125   1.00 57.21 ? 112 GLU A CD  1 
ATOM   883  O  OE1 . GLU A 1 111 ? -9.763  -10.169 7.283   1.00 60.31 ? 112 GLU A OE1 1 
ATOM   884  O  OE2 . GLU A 1 111 ? -9.726  -8.280  8.448   1.00 57.24 ? 112 GLU A OE2 1 
ATOM   885  N  N   . LEU A 1 112 ? -5.499  -7.082  8.512   1.00 24.53 ? 113 LEU A N   1 
ATOM   886  C  CA  . LEU A 1 112 ? -4.586  -6.393  9.395   1.00 23.69 ? 113 LEU A CA  1 
ATOM   887  C  C   . LEU A 1 112 ? -5.259  -6.227  10.735  1.00 21.48 ? 113 LEU A C   1 
ATOM   888  O  O   . LEU A 1 112 ? -6.394  -5.746  10.823  1.00 24.57 ? 113 LEU A O   1 
ATOM   889  C  CB  . LEU A 1 112 ? -4.243  -4.999  8.841   1.00 25.12 ? 113 LEU A CB  1 
ATOM   890  C  CG  . LEU A 1 112 ? -3.594  -5.059  7.460   1.00 24.25 ? 113 LEU A CG  1 
ATOM   891  C  CD1 . LEU A 1 112 ? -3.617  -3.684  6.848   1.00 33.09 ? 113 LEU A CD1 1 
ATOM   892  C  CD2 . LEU A 1 112 ? -2.179  -5.570  7.566   1.00 24.71 ? 113 LEU A CD2 1 
ATOM   893  N  N   . VAL A 1 113 ? -4.560  -6.648  11.791  1.00 20.17 ? 114 VAL A N   1 
ATOM   894  C  CA  . VAL A 1 113 ? -5.084  -6.506  13.143  1.00 20.19 ? 114 VAL A CA  1 
ATOM   895  C  C   . VAL A 1 113 ? -4.183  -5.545  13.899  1.00 18.52 ? 114 VAL A C   1 
ATOM   896  O  O   . VAL A 1 113 ? -3.007  -5.848  14.175  1.00 20.93 ? 114 VAL A O   1 
ATOM   897  C  CB  . VAL A 1 113 ? -5.110  -7.855  13.895  1.00 22.06 ? 114 VAL A CB  1 
ATOM   898  C  CG1 . VAL A 1 113 ? -5.537  -7.630  15.356  1.00 22.35 ? 114 VAL A CG1 1 
ATOM   899  C  CG2 . VAL A 1 113 ? -6.057  -8.790  13.180  1.00 25.38 ? 114 VAL A CG2 1 
ATOM   900  N  N   . GLU A 1 114 ? -4.721  -4.356  14.192  1.00 18.31 ? 115 GLU A N   1 
ATOM   901  C  CA  . GLU A 1 114 ? -3.982  -3.332  14.909  1.00 19.28 ? 115 GLU A CA  1 
ATOM   902  C  C   . GLU A 1 114 ? -2.522  -3.212  14.470  1.00 21.80 ? 115 GLU A C   1 
ATOM   903  O  O   . GLU A 1 114 ? -1.590  -3.286  15.293  1.00 23.19 ? 115 GLU A O   1 
ATOM   904  C  CB  . GLU A 1 114 ? -4.073  -3.580  16.423  1.00 19.87 ? 115 GLU A CB  1 
ATOM   905  C  CG  . GLU A 1 114 ? -5.505  -3.600  16.882  1.00 21.57 ? 115 GLU A CG  1 
ATOM   906  C  CD  . GLU A 1 114 ? -5.677  -3.800  18.369  1.00 24.82 ? 115 GLU A CD  1 
ATOM   907  O  OE1 . GLU A 1 114 ? -4.687  -3.724  19.113  1.00 27.03 ? 115 GLU A OE1 1 
ATOM   908  O  OE2 . GLU A 1 114 ? -6.837  -4.015  18.781  1.00 26.71 ? 115 GLU A OE2 1 
ATOM   909  N  N   . PRO A 1 115 ? -2.286  -2.991  13.173  1.00 19.10 ? 116 PRO A N   1 
ATOM   910  C  CA  . PRO A 1 115 ? -0.914  -2.853  12.687  1.00 18.46 ? 116 PRO A CA  1 
ATOM   911  C  C   . PRO A 1 115 ? -0.184  -1.665  13.352  1.00 19.06 ? 116 PRO A C   1 
ATOM   912  O  O   . PRO A 1 115 ? -0.806  -0.713  13.844  1.00 24.85 ? 116 PRO A O   1 
ATOM   913  C  CB  . PRO A 1 115 ? -1.091  -2.685  11.187  1.00 18.84 ? 116 PRO A CB  1 
ATOM   914  C  CG  . PRO A 1 115 ? -2.418  -1.947  11.089  1.00 18.44 ? 116 PRO A CG  1 
ATOM   915  C  CD  . PRO A 1 115 ? -3.264  -2.760  12.088  1.00 19.65 ? 116 PRO A CD  1 
ATOM   916  N  N   . SER A 1 116 ? 1.137   -1.736  13.371  1.00 18.97 ? 117 SER A N   1 
ATOM   917  C  CA  . SER A 1 116 ? 1.936   -0.740  14.060  1.00 22.00 ? 117 SER A CA  1 
ATOM   918  C  C   . SER A 1 116 ? 3.182   -0.383  13.297  1.00 23.76 ? 117 SER A C   1 
ATOM   919  O  O   . SER A 1 116 ? 4.250   -0.211  13.877  1.00 28.08 ? 117 SER A O   1 
ATOM   920  C  CB  . SER A 1 116 ? 2.327   -1.285  15.446  1.00 23.71 ? 117 SER A CB  1 
ATOM   921  O  OG  . SER A 1 116 ? 2.958   -2.564  15.347  1.00 27.93 ? 117 SER A OG  1 
ATOM   922  N  N   . GLY A 1 117 ? 3.077   -0.273  11.988  1.00 22.51 ? 118 GLY A N   1 
ATOM   923  C  CA  . GLY A 1 117 ? 4.275   0.056   11.257  1.00 24.97 ? 118 GLY A CA  1 
ATOM   924  C  C   . GLY A 1 117 ? 4.187   -0.386  9.820   1.00 19.57 ? 118 GLY A C   1 
ATOM   925  O  O   . GLY A 1 117 ? 3.125   -0.345  9.208   1.00 22.64 ? 118 GLY A O   1 
ATOM   926  N  N   . TRP A 1 118 ? 5.318   -0.802  9.259   1.00 21.84 ? 119 TRP A N   1 
ATOM   927  C  CA  . TRP A 1 118 ? 5.331   -1.206  7.878   1.00 19.41 ? 119 TRP A CA  1 
ATOM   928  C  C   . TRP A 1 118 ? 4.822   -2.593  7.609   1.00 24.27 ? 119 TRP A C   1 
ATOM   929  O  O   . TRP A 1 118 ? 5.206   -3.551  8.284   1.00 28.17 ? 119 TRP A O   1 
ATOM   930  C  CB  . TRP A 1 118 ? 6.746   -1.107  7.321   1.00 20.94 ? 119 TRP A CB  1 
ATOM   931  C  CG  . TRP A 1 118 ? 7.241   0.305   7.207   1.00 21.92 ? 119 TRP A CG  1 
ATOM   932  C  CD1 . TRP A 1 118 ? 8.030   0.980   8.082   1.00 23.40 ? 119 TRP A CD1 1 
ATOM   933  C  CD2 . TRP A 1 118 ? 7.015   1.181   6.097   1.00 20.52 ? 119 TRP A CD2 1 
ATOM   934  N  NE1 . TRP A 1 118 ? 8.324   2.230   7.581   1.00 24.42 ? 119 TRP A NE1 1 
ATOM   935  C  CE2 . TRP A 1 118 ? 7.718   2.373   6.361   1.00 22.81 ? 119 TRP A CE2 1 
ATOM   936  C  CE3 . TRP A 1 118 ? 6.299   1.065   4.907   1.00 23.52 ? 119 TRP A CE3 1 
ATOM   937  C  CZ2 . TRP A 1 118 ? 7.734   3.452   5.466   1.00 21.78 ? 119 TRP A CZ2 1 
ATOM   938  C  CZ3 . TRP A 1 118 ? 6.313   2.139   4.009   1.00 22.31 ? 119 TRP A CZ3 1 
ATOM   939  C  CH2 . TRP A 1 118 ? 7.036   3.315   4.299   1.00 20.02 ? 119 TRP A CH2 1 
ATOM   940  N  N   . ILE A 1 119 ? 3.967   -2.688  6.610   1.00 22.17 ? 120 ILE A N   1 
ATOM   941  C  CA  . ILE A 1 119 ? 3.384   -3.928  6.131   1.00 23.27 ? 120 ILE A CA  1 
ATOM   942  C  C   . ILE A 1 119 ? 4.071   -4.256  4.794   1.00 26.10 ? 120 ILE A C   1 
ATOM   943  O  O   . ILE A 1 119 ? 4.009   -3.458  3.859   1.00 21.97 ? 120 ILE A O   1 
ATOM   944  C  CB  . ILE A 1 119 ? 1.872   -3.715  5.894   1.00 25.15 ? 120 ILE A CB  1 
ATOM   945  C  CG1 . ILE A 1 119 ? 1.199   -3.282  7.202   1.00 29.33 ? 120 ILE A CG1 1 
ATOM   946  C  CG2 . ILE A 1 119 ? 1.249   -4.935  5.302   1.00 30.01 ? 120 ILE A CG2 1 
ATOM   947  C  CD1 . ILE A 1 119 ? -0.227  -2.701  7.030   1.00 34.27 ? 120 ILE A CD1 1 
ATOM   948  N  N   . HIS A 1 120 ? 4.768   -5.393  4.704   1.00 24.09 ? 121 HIS A N   1 
ATOM   949  C  CA  . HIS A 1 120 ? 5.429   -5.778  3.462   1.00 24.38 ? 121 HIS A CA  1 
ATOM   950  C  C   . HIS A 1 120 ? 4.544   -6.805  2.741   1.00 31.78 ? 121 HIS A C   1 
ATOM   951  O  O   . HIS A 1 120 ? 4.142   -7.833  3.334   1.00 34.35 ? 121 HIS A O   1 
ATOM   952  C  CB  . HIS A 1 120 ? 6.816   -6.407  3.733   1.00 26.65 ? 121 HIS A CB  1 
ATOM   953  C  CG  . HIS A 1 120 ? 7.878   -5.435  4.141   1.00 24.65 ? 121 HIS A CG  1 
ATOM   954  N  ND1 . HIS A 1 120 ? 7.761   -4.586  5.222   1.00 27.62 ? 121 HIS A ND1 1 
ATOM   955  C  CD2 . HIS A 1 120 ? 9.115   -5.223  3.634   1.00 22.45 ? 121 HIS A CD2 1 
ATOM   956  C  CE1 . HIS A 1 120 ? 8.879   -3.890  5.359   1.00 20.77 ? 121 HIS A CE1 1 
ATOM   957  N  NE2 . HIS A 1 120 ? 9.715   -4.258  4.407   1.00 29.56 ? 121 HIS A NE2 1 
ATOM   958  N  N   . VAL A 1 121 ? 4.244   -6.542  1.473   1.00 23.27 ? 122 VAL A N   1 
ATOM   959  C  CA  . VAL A 1 121 ? 3.401   -7.421  0.690   1.00 27.02 ? 122 VAL A CA  1 
ATOM   960  C  C   . VAL A 1 121 ? 4.151   -7.859  -0.555  1.00 28.59 ? 122 VAL A C   1 
ATOM   961  O  O   . VAL A 1 121 ? 4.478   -7.048  -1.412  1.00 27.93 ? 122 VAL A O   1 
ATOM   962  C  CB  . VAL A 1 121 ? 2.112   -6.692  0.233   1.00 26.93 ? 122 VAL A CB  1 
ATOM   963  C  CG1 . VAL A 1 121 ? 1.203   -7.648  -0.529  1.00 27.58 ? 122 VAL A CG1 1 
ATOM   964  C  CG2 . VAL A 1 121 ? 1.385   -6.101  1.442   1.00 30.31 ? 122 VAL A CG2 1 
ATOM   965  N  N   . PRO A 1 122 ? 4.482   -9.155  -0.650  1.00 31.58 ? 123 PRO A N   1 
ATOM   966  C  CA  . PRO A 1 122 ? 5.194   -9.635  -1.836  1.00 31.46 ? 123 PRO A CA  1 
ATOM   967  C  C   . PRO A 1 122 ? 4.258   -9.559  -3.029  1.00 31.33 ? 123 PRO A C   1 
ATOM   968  O  O   . PRO A 1 122 ? 3.052   -9.811  -2.902  1.00 32.70 ? 123 PRO A O   1 
ATOM   969  C  CB  . PRO A 1 122 ? 5.529   -11.084 -1.470  1.00 32.68 ? 123 PRO A CB  1 
ATOM   970  C  CG  . PRO A 1 122 ? 5.727   -11.014 0.017   1.00 36.03 ? 123 PRO A CG  1 
ATOM   971  C  CD  . PRO A 1 122 ? 4.529   -10.158 0.431   1.00 36.34 ? 123 PRO A CD  1 
ATOM   972  N  N   . LEU A 1 123 ? 4.813   -9.232  -4.190  1.00 26.04 ? 124 LEU A N   1 
ATOM   973  C  CA  . LEU A 1 123 ? 4.019   -9.101  -5.409  1.00 32.74 ? 124 LEU A CA  1 
ATOM   974  C  C   . LEU A 1 123 ? 4.399   -10.119 -6.483  1.00 39.17 ? 124 LEU A C   1 
ATOM   975  O  O   . LEU A 1 123 ? 4.476   -9.780  -7.673  1.00 41.50 ? 124 LEU A O   1 
ATOM   976  C  CB  . LEU A 1 123 ? 4.185   -7.703  -5.988  1.00 29.47 ? 124 LEU A CB  1 
ATOM   977  C  CG  . LEU A 1 123 ? 3.767   -6.544  -5.077  1.00 30.14 ? 124 LEU A CG  1 
ATOM   978  C  CD1 . LEU A 1 123 ? 4.021   -5.230  -5.801  1.00 31.89 ? 124 LEU A CD1 1 
ATOM   979  C  CD2 . LEU A 1 123 ? 2.289   -6.676  -4.700  1.00 36.39 ? 124 LEU A CD2 1 
ATOM   980  N  N   . THR A 1 124 ? 4.583   -11.365 -6.065  1.00 43.56 ? 125 THR A N   1 
ATOM   981  C  CA  . THR A 1 124 ? 4.958   -12.465 -6.962  1.00 46.62 ? 125 THR A CA  1 
ATOM   982  C  C   . THR A 1 124 ? 3.792   -13.089 -7.732  1.00 46.49 ? 125 THR A C   1 
ATOM   983  O  O   . THR A 1 124 ? 2.631   -12.980 -7.326  1.00 43.21 ? 125 THR A O   1 
ATOM   984  C  CB  . THR A 1 124 ? 5.639   -13.590 -6.170  1.00 47.32 ? 125 THR A CB  1 
ATOM   985  O  OG1 . THR A 1 124 ? 4.701   -14.146 -5.244  1.00 50.56 ? 125 THR A OG1 1 
ATOM   986  C  CG2 . THR A 1 124 ? 6.825   -13.050 -5.403  1.00 44.92 ? 125 THR A CG2 1 
ATOM   987  N  N   . ASP A 1 125 ? 4.104   -13.745 -8.849  1.00 46.54 ? 126 ASP A N   1 
ATOM   988  C  CA  . ASP A 1 125 ? 3.068   -14.387 -9.657  1.00 50.63 ? 126 ASP A CA  1 
ATOM   989  C  C   . ASP A 1 125 ? 2.872   -15.856 -9.273  1.00 54.11 ? 126 ASP A C   1 
ATOM   990  O  O   . ASP A 1 125 ? 3.327   -16.301 -8.219  1.00 54.55 ? 126 ASP A O   1 
ATOM   991  C  CB  . ASP A 1 125 ? 3.406   -14.288 -11.148 1.00 48.40 ? 126 ASP A CB  1 
ATOM   992  C  CG  . ASP A 1 125 ? 4.702   -14.998 -11.506 1.00 51.70 ? 126 ASP A CG  1 
ATOM   993  O  OD1 . ASP A 1 125 ? 5.141   -15.876 -10.732 1.00 46.92 ? 126 ASP A OD1 1 
ATOM   994  O  OD2 . ASP A 1 125 ? 5.276   -14.686 -12.578 1.00 47.43 ? 126 ASP A OD2 1 
ATOM   995  N  N   . ASN A 1 126 ? 2.195   -16.601 -10.139 1.00 57.46 ? 127 ASN A N   1 
ATOM   996  C  CA  . ASN A 1 126 ? 1.924   -18.014 -9.898  1.00 62.12 ? 127 ASN A CA  1 
ATOM   997  C  C   . ASN A 1 126 ? 3.135   -18.915 -10.102 1.00 61.95 ? 127 ASN A C   1 
ATOM   998  O  O   . ASN A 1 126 ? 3.034   -20.138 -9.970  1.00 63.94 ? 127 ASN A O   1 
ATOM   999  C  CB  . ASN A 1 126 ? 0.790   -18.480 -10.803 1.00 65.30 ? 127 ASN A CB  1 
ATOM   1000 C  CG  . ASN A 1 126 ? -0.391  -17.539 -10.771 1.00 68.84 ? 127 ASN A CG  1 
ATOM   1001 O  OD1 . ASN A 1 126 ? -0.749  -17.011 -9.710  1.00 70.09 ? 127 ASN A OD1 1 
ATOM   1002 N  ND2 . ASN A 1 126 ? -1.014  -17.325 -11.931 1.00 67.33 ? 127 ASN A ND2 1 
ATOM   1003 N  N   . HIS A 1 127 ? 4.271   -18.312 -10.439 1.00 60.89 ? 128 HIS A N   1 
ATOM   1004 C  CA  . HIS A 1 127 ? 5.512   -19.059 -10.637 1.00 59.65 ? 128 HIS A CA  1 
ATOM   1005 C  C   . HIS A 1 127 ? 6.541   -18.564 -9.619  1.00 58.63 ? 128 HIS A C   1 
ATOM   1006 O  O   . HIS A 1 127 ? 7.748   -18.746 -9.797  1.00 58.42 ? 128 HIS A O   1 
ATOM   1007 C  CB  . HIS A 1 127 ? 6.057   -18.869 -12.063 1.00 57.95 ? 128 HIS A CB  1 
ATOM   1008 C  CG  . HIS A 1 127 ? 5.074   -19.213 -13.146 1.00 59.58 ? 128 HIS A CG  1 
ATOM   1009 N  ND1 . HIS A 1 127 ? 4.399   -20.416 -13.193 1.00 59.70 ? 128 HIS A ND1 1 
ATOM   1010 C  CD2 . HIS A 1 127 ? 4.654   -18.506 -14.224 1.00 59.38 ? 128 HIS A CD2 1 
ATOM   1011 C  CE1 . HIS A 1 127 ? 3.605   -20.435 -14.249 1.00 58.92 ? 128 HIS A CE1 1 
ATOM   1012 N  NE2 . HIS A 1 127 ? 3.741   -19.289 -14.893 1.00 58.93 ? 128 HIS A NE2 1 
ATOM   1013 N  N   . LYS A 1 128 ? 6.043   -17.934 -8.558  1.00 57.47 ? 129 LYS A N   1 
ATOM   1014 C  CA  . LYS A 1 128 ? 6.879   -17.401 -7.485  1.00 56.46 ? 129 LYS A CA  1 
ATOM   1015 C  C   . LYS A 1 128 ? 7.843   -16.291 -7.891  1.00 54.78 ? 129 LYS A C   1 
ATOM   1016 O  O   . LYS A 1 128 ? 8.693   -15.902 -7.094  1.00 55.58 ? 129 LYS A O   1 
ATOM   1017 C  CB  . LYS A 1 128 ? 7.687   -18.522 -6.836  1.00 61.03 ? 129 LYS A CB  1 
ATOM   1018 C  CG  . LYS A 1 128 ? 6.884   -19.488 -5.981  1.00 64.18 ? 129 LYS A CG  1 
ATOM   1019 C  CD  . LYS A 1 128 ? 7.810   -20.572 -5.438  1.00 70.81 ? 129 LYS A CD  1 
ATOM   1020 C  CE  . LYS A 1 128 ? 7.071   -21.564 -4.559  1.00 74.47 ? 129 LYS A CE  1 
ATOM   1021 N  NZ  . LYS A 1 128 ? 7.981   -22.656 -4.098  1.00 76.91 ? 129 LYS A NZ  1 
ATOM   1022 N  N   . LYS A 1 129 ? 7.722   -15.776 -9.115  1.00 50.29 ? 130 LYS A N   1 
ATOM   1023 C  CA  . LYS A 1 129 ? 8.607   -14.712 -9.585  1.00 46.47 ? 130 LYS A CA  1 
ATOM   1024 C  C   . LYS A 1 129 ? 7.981   -13.327 -9.402  1.00 44.33 ? 130 LYS A C   1 
ATOM   1025 O  O   . LYS A 1 129 ? 6.770   -13.201 -9.251  1.00 45.85 ? 130 LYS A O   1 
ATOM   1026 C  CB  . LYS A 1 129 ? 8.942   -14.935 -11.063 1.00 46.97 ? 130 LYS A CB  1 
ATOM   1027 C  CG  . LYS A 1 129 ? 9.564   -16.305 -11.335 1.00 48.57 ? 130 LYS A CG  1 
ATOM   1028 C  CD  . LYS A 1 129 ? 10.059  -16.433 -12.774 1.00 53.34 ? 130 LYS A CD  1 
ATOM   1029 C  CE  . LYS A 1 129 ? 10.917  -17.702 -12.952 1.00 54.07 ? 130 LYS A CE  1 
ATOM   1030 N  NZ  . LYS A 1 129 ? 11.473  -17.871 -14.337 1.00 57.28 ? 130 LYS A NZ  1 
ATOM   1031 N  N   . PRO A 1 130 ? 8.805   -12.271 -9.415  1.00 44.44 ? 131 PRO A N   1 
ATOM   1032 C  CA  . PRO A 1 130 ? 8.270   -10.909 -9.248  1.00 43.53 ? 131 PRO A CA  1 
ATOM   1033 C  C   . PRO A 1 130 ? 7.295   -10.646 -10.374 1.00 41.39 ? 131 PRO A C   1 
ATOM   1034 O  O   . PRO A 1 130 ? 7.586   -10.972 -11.520 1.00 37.43 ? 131 PRO A O   1 
ATOM   1035 C  CB  . PRO A 1 130 ? 9.511   -10.027 -9.377  1.00 44.32 ? 131 PRO A CB  1 
ATOM   1036 C  CG  . PRO A 1 130 ? 10.622  -10.926 -8.872  1.00 47.45 ? 131 PRO A CG  1 
ATOM   1037 C  CD  . PRO A 1 130 ? 10.273  -12.249 -9.537  1.00 43.21 ? 131 PRO A CD  1 
ATOM   1038 N  N   . THR A 1 131 ? 6.137   -10.069 -10.088 1.00 39.71 ? 132 THR A N   1 
ATOM   1039 C  CA  . THR A 1 131 ? 5.243   -9.830  -11.203 1.00 42.13 ? 132 THR A CA  1 
ATOM   1040 C  C   . THR A 1 131 ? 5.747   -8.670  -12.059 1.00 40.76 ? 132 THR A C   1 
ATOM   1041 O  O   . THR A 1 131 ? 6.461   -7.775  -11.583 1.00 41.33 ? 132 THR A O   1 
ATOM   1042 C  CB  . THR A 1 131 ? 3.782   -9.552  -10.745 1.00 46.59 ? 132 THR A CB  1 
ATOM   1043 O  OG1 . THR A 1 131 ? 3.726   -8.360  -9.954  1.00 50.68 ? 132 THR A OG1 1 
ATOM   1044 C  CG2 . THR A 1 131 ? 3.255   -10.720 -9.928  1.00 47.63 ? 132 THR A CG2 1 
ATOM   1045 N  N   . ARG A 1 132 ? 5.428   -8.738  -13.341 1.00 37.83 ? 133 ARG A N   1 
ATOM   1046 C  CA  . ARG A 1 132 ? 5.760   -7.689  -14.300 1.00 39.47 ? 133 ARG A CA  1 
ATOM   1047 C  C   . ARG A 1 132 ? 4.352   -7.264  -14.657 1.00 33.16 ? 133 ARG A C   1 
ATOM   1048 O  O   . ARG A 1 132 ? 3.567   -8.070  -15.144 1.00 34.62 ? 133 ARG A O   1 
ATOM   1049 C  CB  . ARG A 1 132 ? 6.479   -8.241  -15.539 1.00 43.43 ? 133 ARG A CB  1 
ATOM   1050 C  CG  . ARG A 1 132 ? 7.993   -8.382  -15.386 1.00 49.57 ? 133 ARG A CG  1 
ATOM   1051 C  CD  . ARG A 1 132 ? 8.636   -8.899  -16.672 1.00 52.43 ? 133 ARG A CD  1 
ATOM   1052 N  NE  . ARG A 1 132 ? 8.357   -8.046  -17.828 1.00 57.74 ? 133 ARG A NE  1 
ATOM   1053 C  CZ  . ARG A 1 132 ? 8.553   -8.411  -19.094 1.00 58.58 ? 133 ARG A CZ  1 
ATOM   1054 N  NH1 . ARG A 1 132 ? 9.032   -9.616  -19.371 1.00 59.99 ? 133 ARG A NH1 1 
ATOM   1055 N  NH2 . ARG A 1 132 ? 8.266   -7.576  -20.085 1.00 59.27 ? 133 ARG A NH2 1 
ATOM   1056 N  N   . THR A 1 133 ? 4.023   -6.006  -14.401 1.00 30.43 ? 134 THR A N   1 
ATOM   1057 C  CA  . THR A 1 133 ? 2.668   -5.553  -14.647 1.00 27.04 ? 134 THR A CA  1 
ATOM   1058 C  C   . THR A 1 133 ? 2.618   -4.087  -15.052 1.00 22.51 ? 134 THR A C   1 
ATOM   1059 O  O   . THR A 1 133 ? 3.613   -3.388  -14.959 1.00 27.09 ? 134 THR A O   1 
ATOM   1060 C  CB  . THR A 1 133 ? 1.835   -5.731  -13.350 1.00 28.08 ? 134 THR A CB  1 
ATOM   1061 O  OG1 . THR A 1 133 ? 0.466   -5.441  -13.616 1.00 30.80 ? 134 THR A OG1 1 
ATOM   1062 C  CG2 . THR A 1 133 ? 2.330   -4.790  -12.282 1.00 29.93 ? 134 THR A CG2 1 
ATOM   1063 N  N   . PHE A 1 134 ? 1.447   -3.622  -15.477 1.00 25.41 ? 135 PHE A N   1 
ATOM   1064 C  CA  . PHE A 1 134 ? 1.286   -2.228  -15.850 1.00 26.92 ? 135 PHE A CA  1 
ATOM   1065 C  C   . PHE A 1 134 ? 0.633   -1.459  -14.720 1.00 26.02 ? 135 PHE A C   1 
ATOM   1066 O  O   . PHE A 1 134 ? 0.726   -0.240  -14.676 1.00 27.76 ? 135 PHE A O   1 
ATOM   1067 C  CB  . PHE A 1 134 ? 0.363   -2.073  -17.058 1.00 27.10 ? 135 PHE A CB  1 
ATOM   1068 C  CG  . PHE A 1 134 ? 0.990   -2.439  -18.348 1.00 32.30 ? 135 PHE A CG  1 
ATOM   1069 C  CD1 . PHE A 1 134 ? 0.976   -3.751  -18.785 1.00 32.40 ? 135 PHE A CD1 1 
ATOM   1070 C  CD2 . PHE A 1 134 ? 1.575   -1.453  -19.140 1.00 34.82 ? 135 PHE A CD2 1 
ATOM   1071 C  CE1 . PHE A 1 134 ? 1.540   -4.097  -20.013 1.00 36.36 ? 135 PHE A CE1 1 
ATOM   1072 C  CE2 . PHE A 1 134 ? 2.140   -1.786  -20.370 1.00 36.05 ? 135 PHE A CE2 1 
ATOM   1073 C  CZ  . PHE A 1 134 ? 2.118   -3.110  -20.799 1.00 30.75 ? 135 PHE A CZ  1 
ATOM   1074 N  N   . MET A 1 135 ? 0.015   -2.178  -13.791 1.00 25.47 ? 136 MET A N   1 
ATOM   1075 C  CA  . MET A 1 135 ? -0.738  -1.487  -12.752 1.00 25.05 ? 136 MET A CA  1 
ATOM   1076 C  C   . MET A 1 135 ? -0.913  -2.269  -11.476 1.00 24.79 ? 136 MET A C   1 
ATOM   1077 O  O   . MET A 1 135 ? -1.099  -3.485  -11.496 1.00 26.40 ? 136 MET A O   1 
ATOM   1078 C  CB  . MET A 1 135 ? -2.129  -1.152  -13.331 1.00 26.06 ? 136 MET A CB  1 
ATOM   1079 C  CG  . MET A 1 135 ? -3.211  -0.876  -12.338 1.00 31.53 ? 136 MET A CG  1 
ATOM   1080 S  SD  . MET A 1 135 ? -4.740  -0.355  -13.189 1.00 31.02 ? 136 MET A SD  1 
ATOM   1081 C  CE  . MET A 1 135 ? -5.617  0.369   -11.817 1.00 32.47 ? 136 MET A CE  1 
ATOM   1082 N  N   . ILE A 1 136 ? -0.854  -1.554  -10.361 1.00 22.77 ? 137 ILE A N   1 
ATOM   1083 C  CA  . ILE A 1 136 ? -1.097  -2.164  -9.071  1.00 22.57 ? 137 ILE A CA  1 
ATOM   1084 C  C   . ILE A 1 136 ? -2.259  -1.400  -8.478  1.00 20.80 ? 137 ILE A C   1 
ATOM   1085 O  O   . ILE A 1 136 ? -2.290  -0.171  -8.559  1.00 20.39 ? 137 ILE A O   1 
ATOM   1086 C  CB  . ILE A 1 136 ? 0.078   -1.965  -8.127  1.00 22.15 ? 137 ILE A CB  1 
ATOM   1087 C  CG1 . ILE A 1 136 ? 1.311   -2.701  -8.666  1.00 23.91 ? 137 ILE A CG1 1 
ATOM   1088 C  CG2 . ILE A 1 136 ? -0.277  -2.507  -6.721  1.00 24.65 ? 137 ILE A CG2 1 
ATOM   1089 C  CD1 . ILE A 1 136 ? 2.539   -2.314  -7.887  1.00 28.24 ? 137 ILE A CD1 1 
ATOM   1090 N  N   . GLN A 1 137 ? -3.237  -2.098  -7.911  1.00 17.47 ? 138 GLN A N   1 
ATOM   1091 C  CA  . GLN A 1 137 ? -4.315  -1.400  -7.234  1.00 20.38 ? 138 GLN A CA  1 
ATOM   1092 C  C   . GLN A 1 137 ? -4.362  -1.883  -5.784  1.00 20.29 ? 138 GLN A C   1 
ATOM   1093 O  O   . GLN A 1 137 ? -4.428  -3.074  -5.505  1.00 20.93 ? 138 GLN A O   1 
ATOM   1094 C  CB  . GLN A 1 137 ? -5.676  -1.654  -7.878  1.00 20.63 ? 138 GLN A CB  1 
ATOM   1095 C  CG  . GLN A 1 137 ? -6.816  -0.918  -7.177  1.00 19.45 ? 138 GLN A CG  1 
ATOM   1096 C  CD  . GLN A 1 137 ? -8.133  -1.071  -7.917  1.00 19.93 ? 138 GLN A CD  1 
ATOM   1097 O  OE1 . GLN A 1 137 ? -8.784  -2.094  -7.820  1.00 23.97 ? 138 GLN A OE1 1 
ATOM   1098 N  NE2 . GLN A 1 137 ? -8.508  -0.052  -8.686  1.00 20.42 ? 138 GLN A NE2 1 
ATOM   1099 N  N   . ILE A 1 138 ? -4.324  -0.943  -4.851  1.00 19.48 ? 139 ILE A N   1 
ATOM   1100 C  CA  . ILE A 1 138 ? -4.442  -1.285  -3.447  1.00 18.73 ? 139 ILE A CA  1 
ATOM   1101 C  C   . ILE A 1 138 ? -5.855  -0.894  -3.030  1.00 18.50 ? 139 ILE A C   1 
ATOM   1102 O  O   . ILE A 1 138 ? -6.241  0.263   -3.160  1.00 22.05 ? 139 ILE A O   1 
ATOM   1103 C  CB  . ILE A 1 138 ? -3.440  -0.513  -2.580  1.00 17.09 ? 139 ILE A CB  1 
ATOM   1104 C  CG1 . ILE A 1 138 ? -2.012  -0.760  -3.063  1.00 19.77 ? 139 ILE A CG1 1 
ATOM   1105 C  CG2 . ILE A 1 138 ? -3.574  -0.982  -1.123  1.00 18.08 ? 139 ILE A CG2 1 
ATOM   1106 C  CD1 . ILE A 1 138 ? -0.972  0.216   -2.444  1.00 21.34 ? 139 ILE A CD1 1 
ATOM   1107 N  N   . ALA A 1 139 ? -6.623  -1.854  -2.525  1.00 15.97 ? 140 ALA A N   1 
ATOM   1108 C  CA  . ALA A 1 139 ? -8.000  -1.529  -2.133  1.00 17.86 ? 140 ALA A CA  1 
ATOM   1109 C  C   . ALA A 1 139 ? -8.204  -1.732  -0.639  1.00 19.34 ? 140 ALA A C   1 
ATOM   1110 O  O   . ALA A 1 139 ? -7.980  -2.847  -0.127  1.00 20.59 ? 140 ALA A O   1 
ATOM   1111 C  CB  . ALA A 1 139 ? -9.003  -2.448  -2.910  1.00 20.76 ? 140 ALA A CB  1 
ATOM   1112 N  N   . VAL A 1 140 ? -8.603  -0.662  0.064   1.00 17.42 ? 141 VAL A N   1 
ATOM   1113 C  CA  . VAL A 1 140 ? -8.949  -0.809  1.483   1.00 17.54 ? 141 VAL A CA  1 
ATOM   1114 C  C   . VAL A 1 140 ? -10.429 -1.228  1.518   1.00 19.20 ? 141 VAL A C   1 
ATOM   1115 O  O   . VAL A 1 140 ? -11.326 -0.438  1.185   1.00 19.38 ? 141 VAL A O   1 
ATOM   1116 C  CB  . VAL A 1 140 ? -8.734  0.488   2.285   1.00 16.77 ? 141 VAL A CB  1 
ATOM   1117 C  CG1 . VAL A 1 140 ? -9.248  0.279   3.733   1.00 19.01 ? 141 VAL A CG1 1 
ATOM   1118 C  CG2 . VAL A 1 140 ? -7.223  0.847   2.264   1.00 20.14 ? 141 VAL A CG2 1 
ATOM   1119 N  N   . LEU A 1 141 ? -10.683 -2.486  1.885   1.00 18.41 ? 142 LEU A N   1 
ATOM   1120 C  CA  . LEU A 1 141 ? -12.050 -3.010  1.917   1.00 18.02 ? 142 LEU A CA  1 
ATOM   1121 C  C   . LEU A 1 141 ? -12.834 -2.706  3.200   1.00 20.14 ? 142 LEU A C   1 
ATOM   1122 O  O   . LEU A 1 141 ? -14.064 -2.747  3.214   1.00 21.77 ? 142 LEU A O   1 
ATOM   1123 C  CB  . LEU A 1 141 ? -12.018 -4.524  1.716   1.00 22.31 ? 142 LEU A CB  1 
ATOM   1124 C  CG  . LEU A 1 141 ? -11.249 -4.993  0.479   1.00 23.88 ? 142 LEU A CG  1 
ATOM   1125 C  CD1 . LEU A 1 141 ? -11.419 -6.524  0.360   1.00 24.30 ? 142 LEU A CD1 1 
ATOM   1126 C  CD2 . LEU A 1 141 ? -11.758 -4.318  -0.781  1.00 24.21 ? 142 LEU A CD2 1 
ATOM   1127 N  N   . ALA A 1 142 ? -12.099 -2.486  4.284   1.00 18.54 ? 143 ALA A N   1 
ATOM   1128 C  CA  . ALA A 1 142 ? -12.709 -2.156  5.579   1.00 19.02 ? 143 ALA A CA  1 
ATOM   1129 C  C   . ALA A 1 142 ? -11.653 -1.555  6.472   1.00 17.92 ? 143 ALA A C   1 
ATOM   1130 O  O   . ALA A 1 142 ? -10.457 -1.726  6.214   1.00 17.58 ? 143 ALA A O   1 
ATOM   1131 C  CB  . ALA A 1 142 ? -13.258 -3.421  6.235   1.00 20.94 ? 143 ALA A CB  1 
ATOM   1132 N  N   . ASN A 1 143 ? -12.117 -0.787  7.475   1.00 17.86 ? 144 ASN A N   1 
ATOM   1133 C  CA  . ASN A 1 143 ? -11.254 -0.183  8.472   1.00 15.45 ? 144 ASN A CA  1 
ATOM   1134 C  C   . ASN A 1 143 ? -11.627 -0.759  9.833   1.00 17.81 ? 144 ASN A C   1 
ATOM   1135 O  O   . ASN A 1 143 ? -12.681 -1.393  9.996   1.00 20.26 ? 144 ASN A O   1 
ATOM   1136 C  CB  . ASN A 1 143 ? -11.435 1.344   8.521   1.00 16.19 ? 144 ASN A CB  1 
ATOM   1137 C  CG  . ASN A 1 143 ? -10.931 2.006   7.265   1.00 17.83 ? 144 ASN A CG  1 
ATOM   1138 O  OD1 . ASN A 1 143 ? -9.747  1.904   6.917   1.00 20.07 ? 144 ASN A OD1 1 
ATOM   1139 N  ND2 . ASN A 1 143 ? -11.836 2.709   6.575   1.00 18.02 ? 144 ASN A ND2 1 
ATOM   1140 N  N   . HIS A 1 144 ? -10.753 -0.542  10.813  1.00 18.30 ? 145 HIS A N   1 
ATOM   1141 C  CA  . HIS A 1 144 ? -11.040 -1.018  12.172  1.00 19.33 ? 145 HIS A CA  1 
ATOM   1142 C  C   . HIS A 1 144 ? -12.220 -0.252  12.766  1.00 22.24 ? 145 HIS A C   1 
ATOM   1143 O  O   . HIS A 1 144 ? -12.480 0.896   12.398  1.00 19.17 ? 145 HIS A O   1 
ATOM   1144 C  CB  . HIS A 1 144 ? -9.848  -0.769  13.100  1.00 19.19 ? 145 HIS A CB  1 
ATOM   1145 C  CG  . HIS A 1 144 ? -8.683  -1.691  12.891  1.00 19.59 ? 145 HIS A CG  1 
ATOM   1146 N  ND1 . HIS A 1 144 ? -7.885  -1.675  11.762  1.00 18.05 ? 145 HIS A ND1 1 
ATOM   1147 C  CD2 . HIS A 1 144 ? -8.151  -2.624  13.719  1.00 20.02 ? 145 HIS A CD2 1 
ATOM   1148 C  CE1 . HIS A 1 144 ? -6.905  -2.552  11.913  1.00 18.87 ? 145 HIS A CE1 1 
ATOM   1149 N  NE2 . HIS A 1 144 ? -7.048  -3.138  13.094  1.00 18.57 ? 145 HIS A NE2 1 
ATOM   1150 N  N   . GLN A 1 145 ? -12.923 -0.913  13.680  1.00 19.51 ? 146 GLN A N   1 
ATOM   1151 C  CA  . GLN A 1 145 ? -13.989 -0.287  14.442  1.00 19.82 ? 146 GLN A CA  1 
ATOM   1152 C  C   . GLN A 1 145 ? -14.934 0.689   13.706  1.00 18.19 ? 146 GLN A C   1 
ATOM   1153 O  O   . GLN A 1 145 ? -15.087 1.872   14.082  1.00 18.86 ? 146 GLN A O   1 
ATOM   1154 C  CB  . GLN A 1 145 ? -13.363 0.442   15.628  1.00 23.06 ? 146 GLN A CB  1 
ATOM   1155 C  CG  . GLN A 1 145 ? -12.911 -0.522  16.710  1.00 33.43 ? 146 GLN A CG  1 
ATOM   1156 C  CD  . GLN A 1 145 ? -11.486 -0.306  17.118  1.00 41.34 ? 146 GLN A CD  1 
ATOM   1157 O  OE1 . GLN A 1 145 ? -10.567 -0.745  16.446  1.00 35.91 ? 146 GLN A OE1 1 
ATOM   1158 N  NE2 . GLN A 1 145 ? -11.289 0.399   18.234  1.00 50.66 ? 146 GLN A NE2 1 
ATOM   1159 N  N   . ASN A 1 146 ? -15.547 0.163   12.664  1.00 16.14 ? 147 ASN A N   1 
ATOM   1160 C  CA  . ASN A 1 146 ? -16.576 0.888   11.906  1.00 16.81 ? 147 ASN A CA  1 
ATOM   1161 C  C   . ASN A 1 146 ? -16.062 2.135   11.244  1.00 18.56 ? 147 ASN A C   1 
ATOM   1162 O  O   . ASN A 1 146 ? -16.835 3.060   11.018  1.00 18.84 ? 147 ASN A O   1 
ATOM   1163 C  CB  . ASN A 1 146 ? -17.738 1.229   12.871  1.00 17.90 ? 147 ASN A CB  1 
ATOM   1164 C  CG  . ASN A 1 146 ? -18.964 1.836   12.176  1.00 20.28 ? 147 ASN A CG  1 
ATOM   1165 O  OD1 . ASN A 1 146 ? -19.589 2.794   12.703  1.00 20.83 ? 147 ASN A OD1 1 
ATOM   1166 N  ND2 . ASN A 1 146 ? -19.347 1.278   11.051  1.00 16.44 ? 147 ASN A ND2 1 
ATOM   1167 N  N   . GLY A 1 147 ? -14.774 2.188   10.910  1.00 16.60 ? 148 GLY A N   1 
ATOM   1168 C  CA  . GLY A 1 147 ? -14.265 3.413   10.310  1.00 17.04 ? 148 GLY A CA  1 
ATOM   1169 C  C   . GLY A 1 147 ? -14.684 3.588   8.860   1.00 16.64 ? 148 GLY A C   1 
ATOM   1170 O  O   . GLY A 1 147 ? -14.544 2.658   8.062   1.00 17.45 ? 148 GLY A O   1 
ATOM   1171 N  N   . ARG A 1 148 ? -15.228 4.761   8.535   1.00 16.06 ? 149 ARG A N   1 
ATOM   1172 C  CA  . ARG A 1 148 ? -15.631 5.035   7.161   1.00 18.64 ? 149 ARG A CA  1 
ATOM   1173 C  C   . ARG A 1 148 ? -14.397 5.335   6.311   1.00 19.21 ? 149 ARG A C   1 
ATOM   1174 O  O   . ARG A 1 148 ? -14.099 4.585   5.362   1.00 19.91 ? 149 ARG A O   1 
ATOM   1175 C  CB  . ARG A 1 148 ? -16.583 6.234   7.106   1.00 19.21 ? 149 ARG A CB  1 
ATOM   1176 C  CG  . ARG A 1 148 ? -16.986 6.510   5.645   1.00 22.94 ? 149 ARG A CG  1 
ATOM   1177 C  CD  . ARG A 1 148 ? -17.390 7.941   5.406   1.00 27.64 ? 149 ARG A CD  1 
ATOM   1178 N  NE  . ARG A 1 148 ? -17.955 8.152   4.070   1.00 23.44 ? 149 ARG A NE  1 
ATOM   1179 C  CZ  . ARG A 1 148 ? -17.649 9.199   3.308   1.00 24.55 ? 149 ARG A CZ  1 
ATOM   1180 N  NH1 . ARG A 1 148 ? -16.771 10.102  3.725   1.00 21.89 ? 149 ARG A NH1 1 
ATOM   1181 N  NH2 . ARG A 1 148 ? -18.310 9.396   2.161   1.00 21.97 ? 149 ARG A NH2 1 
ATOM   1182 N  N   . ASP A 1 149 ? -13.680 6.404   6.652   1.00 16.97 ? 150 ASP A N   1 
ATOM   1183 C  CA  . ASP A 1 149 ? -12.489 6.802   5.887   1.00 16.18 ? 150 ASP A CA  1 
ATOM   1184 C  C   . ASP A 1 149 ? -11.219 6.225   6.441   1.00 19.19 ? 150 ASP A C   1 
ATOM   1185 O  O   . ASP A 1 149 ? -11.186 5.812   7.604   1.00 19.30 ? 150 ASP A O   1 
ATOM   1186 C  CB  . ASP A 1 149 ? -12.437 8.332   5.786   1.00 16.49 ? 150 ASP A CB  1 
ATOM   1187 C  CG  . ASP A 1 149 ? -13.487 8.850   4.814   1.00 18.97 ? 150 ASP A CG  1 
ATOM   1188 O  OD1 . ASP A 1 149 ? -13.474 8.384   3.645   1.00 18.90 ? 150 ASP A OD1 1 
ATOM   1189 O  OD2 . ASP A 1 149 ? -14.335 9.677   5.230   1.00 21.38 ? 150 ASP A OD2 1 
ATOM   1190 N  N   . THR A 1 150 ? -10.200 6.158   5.586   1.00 16.83 ? 151 THR A N   1 
ATOM   1191 C  CA  . THR A 1 150 ? -8.926  5.540   5.947   1.00 18.23 ? 151 THR A CA  1 
ATOM   1192 C  C   . THR A 1 150 ? -7.777  6.468   5.953   1.00 19.27 ? 151 THR A C   1 
ATOM   1193 O  O   . THR A 1 150 ? -7.829  7.541   5.383   1.00 19.33 ? 151 THR A O   1 
ATOM   1194 C  CB  . THR A 1 150 ? -8.584  4.359   4.974   1.00 21.23 ? 151 THR A CB  1 
ATOM   1195 O  OG1 . THR A 1 150 ? -8.190  4.844   3.688   1.00 32.72 ? 151 THR A OG1 1 
ATOM   1196 C  CG2 . THR A 1 150 ? -9.713  3.512   4.798   1.00 22.22 ? 151 THR A CG2 1 
ATOM   1197 N  N   . HIS A 1 151 ? -6.720  6.036   6.625   1.00 19.00 ? 152 HIS A N   1 
ATOM   1198 C  CA  . HIS A 1 151 ? -5.465  6.758   6.676   1.00 17.05 ? 152 HIS A CA  1 
ATOM   1199 C  C   . HIS A 1 151 ? -4.316  5.837   6.298   1.00 18.02 ? 152 HIS A C   1 
ATOM   1200 O  O   . HIS A 1 151 ? -4.266  4.686   6.759   1.00 20.06 ? 152 HIS A O   1 
ATOM   1201 C  CB  . HIS A 1 151 ? -5.091  7.210   8.088   1.00 19.32 ? 152 HIS A CB  1 
ATOM   1202 C  CG  . HIS A 1 151 ? -5.810  8.422   8.567   1.00 20.69 ? 152 HIS A CG  1 
ATOM   1203 N  ND1 . HIS A 1 151 ? -5.563  8.965   9.813   1.00 17.26 ? 152 HIS A ND1 1 
ATOM   1204 C  CD2 . HIS A 1 151 ? -6.740  9.215   7.978   1.00 20.96 ? 152 HIS A CD2 1 
ATOM   1205 C  CE1 . HIS A 1 151 ? -6.313  10.051  9.962   1.00 18.29 ? 152 HIS A CE1 1 
ATOM   1206 N  NE2 . HIS A 1 151 ? -7.030  10.224  8.869   1.00 19.34 ? 152 HIS A NE2 1 
ATOM   1207 N  N   . MET A 1 152 ? -3.400  6.345   5.479   1.00 19.94 ? 153 MET A N   1 
ATOM   1208 C  CA  . MET A 1 152 ? -2.152  5.606   5.215   1.00 17.97 ? 153 MET A CA  1 
ATOM   1209 C  C   . MET A 1 152 ? -1.108  6.696   5.284   1.00 20.22 ? 153 MET A C   1 
ATOM   1210 O  O   . MET A 1 152 ? -1.320  7.761   4.734   1.00 22.09 ? 153 MET A O   1 
ATOM   1211 C  CB  . MET A 1 152 ? -2.156  4.933   3.842   1.00 20.30 ? 153 MET A CB  1 
ATOM   1212 C  CG  . MET A 1 152 ? -2.923  3.623   3.858   1.00 22.28 ? 153 MET A CG  1 
ATOM   1213 S  SD  . MET A 1 152 ? -2.745  2.840   2.232   1.00 24.51 ? 153 MET A SD  1 
ATOM   1214 C  CE  . MET A 1 152 ? -3.906  1.506   2.416   1.00 23.43 ? 153 MET A CE  1 
ATOM   1215 N  N   . ARG A 1 153 ? 0.035   6.422   5.902   1.00 17.70 ? 154 ARG A N   1 
ATOM   1216 C  CA  . ARG A 1 153 ? 1.050   7.458   6.068   1.00 18.02 ? 154 ARG A CA  1 
ATOM   1217 C  C   . ARG A 1 153 ? 2.190   7.413   5.065   1.00 19.16 ? 154 ARG A C   1 
ATOM   1218 O  O   . ARG A 1 153 ? 2.942   8.380   4.963   1.00 19.80 ? 154 ARG A O   1 
ATOM   1219 C  CB  . ARG A 1 153 ? 1.578   7.359   7.504   1.00 19.87 ? 154 ARG A CB  1 
ATOM   1220 C  CG  . ARG A 1 153 ? 0.478   7.788   8.503   1.00 20.73 ? 154 ARG A CG  1 
ATOM   1221 C  CD  . ARG A 1 153 ? 0.686   7.302   9.942   1.00 19.21 ? 154 ARG A CD  1 
ATOM   1222 N  NE  . ARG A 1 153 ? -0.436  7.759   10.766  1.00 20.98 ? 154 ARG A NE  1 
ATOM   1223 C  CZ  . ARG A 1 153 ? -0.503  8.977   11.305  1.00 20.90 ? 154 ARG A CZ  1 
ATOM   1224 N  NH1 . ARG A 1 153 ? 0.494   9.847   11.132  1.00 23.78 ? 154 ARG A NH1 1 
ATOM   1225 N  NH2 . ARG A 1 153 ? -1.576  9.346   11.969  1.00 20.76 ? 154 ARG A NH2 1 
ATOM   1226 N  N   . GLN A 1 154 ? 2.343   6.290   4.370   1.00 17.17 ? 155 GLN A N   1 
ATOM   1227 C  CA  . GLN A 1 154 ? 3.389   6.161   3.373   1.00 16.09 ? 155 GLN A CA  1 
ATOM   1228 C  C   . GLN A 1 154 ? 3.222   4.877   2.599   1.00 19.22 ? 155 GLN A C   1 
ATOM   1229 O  O   . GLN A 1 154 ? 2.768   3.871   3.155   1.00 17.54 ? 155 GLN A O   1 
ATOM   1230 C  CB  . GLN A 1 154 ? 4.779   6.129   4.039   1.00 19.09 ? 155 GLN A CB  1 
ATOM   1231 C  CG  . GLN A 1 154 ? 5.915   6.533   3.095   1.00 20.65 ? 155 GLN A CG  1 
ATOM   1232 C  CD  . GLN A 1 154 ? 5.944   8.030   2.770   1.00 20.17 ? 155 GLN A CD  1 
ATOM   1233 O  OE1 . GLN A 1 154 ? 5.237   8.859   3.404   1.00 23.65 ? 155 GLN A OE1 1 
ATOM   1234 N  NE2 . GLN A 1 154 ? 6.758   8.385   1.791   1.00 18.28 ? 155 GLN A NE2 1 
ATOM   1235 N  N   . ILE A 1 155 ? 3.573   4.924   1.315   1.00 17.04 ? 156 ILE A N   1 
ATOM   1236 C  CA  . ILE A 1 155 ? 3.562   3.718   0.468   1.00 16.45 ? 156 ILE A CA  1 
ATOM   1237 C  C   . ILE A 1 155 ? 4.818   3.710   -0.380  1.00 19.67 ? 156 ILE A C   1 
ATOM   1238 O  O   . ILE A 1 155 ? 5.164   4.720   -0.976  1.00 20.27 ? 156 ILE A O   1 
ATOM   1239 C  CB  . ILE A 1 155 ? 2.348   3.681   -0.499  1.00 17.75 ? 156 ILE A CB  1 
ATOM   1240 C  CG1 . ILE A 1 155 ? 1.061   3.642   0.314   1.00 17.60 ? 156 ILE A CG1 1 
ATOM   1241 C  CG2 . ILE A 1 155 ? 2.405   2.431   -1.396  1.00 19.86 ? 156 ILE A CG2 1 
ATOM   1242 C  CD1 . ILE A 1 155 ? -0.239  3.681   -0.529  1.00 18.88 ? 156 ILE A CD1 1 
ATOM   1243 N  N   . LYS A 1 156 ? 5.522   2.568   -0.408  1.00 19.23 ? 157 LYS A N   1 
ATOM   1244 C  CA  . LYS A 1 156 ? 6.726   2.417   -1.235  1.00 19.31 ? 157 LYS A CA  1 
ATOM   1245 C  C   . LYS A 1 156 ? 6.606   1.149   -2.056  1.00 21.91 ? 157 LYS A C   1 
ATOM   1246 O  O   . LYS A 1 156 ? 5.944   0.203   -1.644  1.00 21.77 ? 157 LYS A O   1 
ATOM   1247 C  CB  . LYS A 1 156 ? 7.971   2.355   -0.362  1.00 21.90 ? 157 LYS A CB  1 
ATOM   1248 C  CG  . LYS A 1 156 ? 8.230   3.704   0.250   1.00 23.63 ? 157 LYS A CG  1 
ATOM   1249 C  CD  . LYS A 1 156 ? 9.501   3.751   1.026   1.00 30.47 ? 157 LYS A CD  1 
ATOM   1250 C  CE  . LYS A 1 156 ? 9.726   5.143   1.609   1.00 29.44 ? 157 LYS A CE  1 
ATOM   1251 N  NZ  . LYS A 1 156 ? 10.045  6.200   0.595   1.00 31.99 ? 157 LYS A NZ  1 
ATOM   1252 N  N   . ILE A 1 157 ? 7.227   1.145   -3.240  1.00 19.37 ? 158 ILE A N   1 
ATOM   1253 C  CA  . ILE A 1 157 ? 7.168   -0.002  -4.126  1.00 22.31 ? 158 ILE A CA  1 
ATOM   1254 C  C   . ILE A 1 157 ? 8.596   -0.251  -4.602  1.00 24.61 ? 158 ILE A C   1 
ATOM   1255 O  O   . ILE A 1 157 ? 9.320   0.676   -4.985  1.00 22.99 ? 158 ILE A O   1 
ATOM   1256 C  CB  . ILE A 1 157 ? 6.193   0.305   -5.280  1.00 24.02 ? 158 ILE A CB  1 
ATOM   1257 C  CG1 . ILE A 1 157 ? 6.119   -0.868  -6.246  1.00 31.87 ? 158 ILE A CG1 1 
ATOM   1258 C  CG2 . ILE A 1 157 ? 6.564   1.632   -5.914  1.00 32.66 ? 158 ILE A CG2 1 
ATOM   1259 C  CD1 . ILE A 1 157 ? 5.070   -0.633  -7.311  1.00 39.35 ? 158 ILE A CD1 1 
ATOM   1260 N  N   . TYR A 1 158 ? 9.009   -1.517  -4.542  1.00 24.73 ? 159 TYR A N   1 
ATOM   1261 C  CA  . TYR A 1 158 ? 10.375  -1.860  -4.885  1.00 26.94 ? 159 TYR A CA  1 
ATOM   1262 C  C   . TYR A 1 158 ? 10.492  -2.848  -6.009  1.00 30.49 ? 159 TYR A C   1 
ATOM   1263 O  O   . TYR A 1 158 ? 9.705   -3.784  -6.108  1.00 28.29 ? 159 TYR A O   1 
ATOM   1264 C  CB  . TYR A 1 158 ? 11.079  -2.420  -3.654  1.00 27.81 ? 159 TYR A CB  1 
ATOM   1265 C  CG  . TYR A 1 158 ? 11.267  -1.410  -2.568  1.00 23.84 ? 159 TYR A CG  1 
ATOM   1266 C  CD1 . TYR A 1 158 ? 10.320  -1.260  -1.550  1.00 24.37 ? 159 TYR A CD1 1 
ATOM   1267 C  CD2 . TYR A 1 158 ? 12.364  -0.556  -2.575  1.00 24.74 ? 159 TYR A CD2 1 
ATOM   1268 C  CE1 . TYR A 1 158 ? 10.465  -0.292  -0.574  1.00 25.77 ? 159 TYR A CE1 1 
ATOM   1269 C  CE2 . TYR A 1 158 ? 12.514  0.432   -1.611  1.00 25.08 ? 159 TYR A CE2 1 
ATOM   1270 C  CZ  . TYR A 1 158 ? 11.552  0.554   -0.610  1.00 23.98 ? 159 TYR A CZ  1 
ATOM   1271 O  OH  . TYR A 1 158 ? 11.706  1.520   0.341   1.00 29.03 ? 159 TYR A OH  1 
ATOM   1272 N  N   . THR A 1 159 ? 11.493  -2.604  -6.857  1.00 36.35 ? 160 THR A N   1 
ATOM   1273 C  CA  . THR A 1 159 ? 11.796  -3.450  -8.011  1.00 38.48 ? 160 THR A CA  1 
ATOM   1274 C  C   . THR A 1 159 ? 13.158  -4.066  -7.685  1.00 37.49 ? 160 THR A C   1 
ATOM   1275 O  O   . THR A 1 159 ? 13.975  -3.485  -6.945  1.00 31.20 ? 160 THR A O   1 
ATOM   1276 C  CB  . THR A 1 159 ? 11.876  -2.596  -9.321  1.00 39.20 ? 160 THR A CB  1 
ATOM   1277 O  OG1 . THR A 1 159 ? 11.864  -3.444  -10.480 1.00 40.83 ? 160 THR A OG1 1 
ATOM   1278 C  CG2 . THR A 1 159 ? 13.138  -1.746  -9.324  1.00 36.41 ? 160 THR A CG2 1 
ATOM   1279 N  N   . PRO A 1 160 ? 13.427  -5.266  -8.216  1.00 40.24 ? 161 PRO A N   1 
ATOM   1280 C  CA  . PRO A 1 160 ? 14.721  -5.902  -7.930  1.00 45.25 ? 161 PRO A CA  1 
ATOM   1281 C  C   . PRO A 1 160 ? 15.873  -5.164  -8.633  1.00 43.32 ? 161 PRO A C   1 
ATOM   1282 O  O   . PRO A 1 160 ? 15.721  -4.710  -9.760  1.00 44.80 ? 161 PRO A O   1 
ATOM   1283 C  CB  . PRO A 1 160 ? 14.535  -7.331  -8.458  1.00 42.44 ? 161 PRO A CB  1 
ATOM   1284 C  CG  . PRO A 1 160 ? 13.009  -7.509  -8.549  1.00 42.80 ? 161 PRO A CG  1 
ATOM   1285 C  CD  . PRO A 1 160 ? 12.546  -6.145  -9.000  1.00 38.58 ? 161 PRO A CD  1 
ATOM   1286 N  N   . VAL A 1 161 ? 17.009  -5.026  -7.960  1.00 46.97 ? 162 VAL A N   1 
ATOM   1287 C  CA  . VAL A 1 161 ? 18.150  -4.345  -8.562  1.00 50.81 ? 162 VAL A CA  1 
ATOM   1288 C  C   . VAL A 1 161 ? 19.229  -5.328  -8.991  1.00 52.32 ? 162 VAL A C   1 
ATOM   1289 O  O   . VAL A 1 161 ? 19.307  -5.678  -10.164 1.00 55.96 ? 162 VAL A O   1 
ATOM   1290 C  CB  . VAL A 1 161 ? 18.768  -3.344  -7.598  1.00 48.80 ? 162 VAL A CB  1 
ATOM   1291 C  CG1 . VAL A 1 161 ? 20.015  -2.743  -8.199  1.00 49.32 ? 162 VAL A CG1 1 
ATOM   1292 C  CG2 . VAL A 1 161 ? 17.767  -2.268  -7.290  1.00 53.52 ? 162 VAL A CG2 1 
HETATM 1293 NI NI  . NI  B 2 .   ? -4.000  -7.524  26.190  1.00 35.61 ? 320 NI  A NI  1 
HETATM 1294 O  O   . HOH C 3 .   ? 3.078   10.788  5.183   1.00 15.07 ? 321 HOH A O   1 
HETATM 1295 O  O   . HOH C 3 .   ? 8.207   9.854   12.158  1.00 42.27 ? 322 HOH A O   1 
HETATM 1296 O  O   . HOH C 3 .   ? 8.957   8.510   -1.999  1.00 38.48 ? 323 HOH A O   1 
HETATM 1297 O  O   . HOH C 3 .   ? -19.672 5.842   3.309   1.00 19.96 ? 324 HOH A O   1 
HETATM 1298 O  O   . HOH C 3 .   ? -9.613  -8.488  11.236  1.00 40.97 ? 325 HOH A O   1 
HETATM 1299 O  O   . HOH C 3 .   ? 1.014   -4.423  15.403  1.00 23.24 ? 326 HOH A O   1 
HETATM 1300 O  O   . HOH C 3 .   ? -15.250 -4.197  -1.662  1.00 32.18 ? 327 HOH A O   1 
HETATM 1301 O  O   . HOH C 3 .   ? -18.031 -2.430  0.984   1.00 31.57 ? 328 HOH A O   1 
HETATM 1302 O  O   . HOH C 3 .   ? -6.809  -12.793 22.517  1.00 36.71 ? 329 HOH A O   1 
HETATM 1303 O  O   . HOH C 3 .   ? -6.321  11.270  -8.117  1.00 27.00 ? 330 HOH A O   1 
HETATM 1304 O  O   . HOH C 3 .   ? 8.716   10.582  9.797   1.00 32.81 ? 331 HOH A O   1 
HETATM 1305 O  O   . HOH C 3 .   ? 1.353   10.659  -9.989  1.00 35.13 ? 332 HOH A O   1 
HETATM 1306 O  O   . HOH C 3 .   ? -11.224 -8.102  -3.519  1.00 32.55 ? 333 HOH A O   1 
HETATM 1307 O  O   . HOH C 3 .   ? -0.029  0.931   16.644  1.00 29.25 ? 334 HOH A O   1 
HETATM 1308 O  O   . HOH C 3 .   ? -3.116  3.706   9.367   1.00 25.93 ? 335 HOH A O   1 
HETATM 1309 O  O   . HOH C 3 .   ? -8.745  -6.074  12.286  1.00 26.65 ? 336 HOH A O   1 
HETATM 1310 O  O   . HOH C 3 .   ? -16.000 10.816  -2.657  1.00 35.65 ? 337 HOH A O   1 
HETATM 1311 O  O   . HOH C 3 .   ? -17.765 11.763  0.642   1.00 31.48 ? 338 HOH A O   1 
HETATM 1312 O  O   . HOH C 3 .   ? -17.191 8.050   -2.887  1.00 36.87 ? 339 HOH A O   1 
HETATM 1313 O  O   . HOH C 3 .   ? -13.706 -4.504  -3.912  1.00 33.30 ? 340 HOH A O   1 
HETATM 1314 O  O   . HOH C 3 .   ? -2.446  -2.187  19.586  1.00 31.73 ? 341 HOH A O   1 
HETATM 1315 O  O   . HOH C 3 .   ? 1.920   -10.092 19.142  1.00 27.02 ? 342 HOH A O   1 
HETATM 1316 O  O   . HOH C 3 .   ? -12.382 -3.669  14.311  1.00 32.66 ? 343 HOH A O   1 
HETATM 1317 O  O   . HOH C 3 .   ? -14.666 2.609   -4.530  1.00 33.06 ? 344 HOH A O   1 
HETATM 1318 O  O   . HOH C 3 .   ? 1.484   -2.246  18.794  1.00 30.04 ? 345 HOH A O   1 
HETATM 1319 O  O   . HOH C 3 .   ? -20.485 7.706   0.857   1.00 30.16 ? 346 HOH A O   1 
HETATM 1320 O  O   . HOH C 3 .   ? -12.030 13.301  -3.221  1.00 30.96 ? 347 HOH A O   1 
HETATM 1321 O  O   . HOH C 3 .   ? -5.309  5.385   20.185  1.00 31.14 ? 348 HOH A O   1 
HETATM 1322 O  O   . HOH C 3 .   ? -1.917  -10.088 10.896  1.00 33.11 ? 349 HOH A O   1 
HETATM 1323 O  O   . HOH C 3 .   ? 7.575   -1.161  10.951  1.00 31.60 ? 350 HOH A O   1 
HETATM 1324 O  O   . HOH C 3 .   ? 10.767  6.336   -6.894  1.00 37.92 ? 351 HOH A O   1 
HETATM 1325 O  O   . HOH C 3 .   ? 8.326   1.676   -14.844 1.00 38.38 ? 352 HOH A O   1 
HETATM 1326 O  O   . HOH C 3 .   ? 11.611  -2.315  -17.837 1.00 39.77 ? 353 HOH A O   1 
HETATM 1327 O  O   . HOH C 3 .   ? -3.354  -13.753 -0.276  1.00 40.34 ? 354 HOH A O   1 
HETATM 1328 O  O   . HOH C 3 .   ? -9.484  -11.082 -8.738  1.00 42.81 ? 355 HOH A O   1 
HETATM 1329 O  O   . HOH C 3 .   ? 5.602   13.929  -1.591  1.00 30.88 ? 356 HOH A O   1 
HETATM 1330 O  O   . HOH C 3 .   ? -10.196 5.053   -8.291  1.00 33.61 ? 357 HOH A O   1 
HETATM 1331 O  O   . HOH C 3 .   ? -2.830  10.489  15.689  1.00 29.99 ? 358 HOH A O   1 
HETATM 1332 O  O   . HOH C 3 .   ? -15.195 -2.424  11.251  1.00 35.94 ? 359 HOH A O   1 
HETATM 1333 O  O   . HOH C 3 .   ? -12.681 -4.850  10.014  1.00 38.39 ? 360 HOH A O   1 
HETATM 1334 O  O   . HOH C 3 .   ? 10.333  13.808  4.849   1.00 40.88 ? 361 HOH A O   1 
HETATM 1335 O  O   . HOH C 3 .   ? 3.240   -5.335  9.438   1.00 34.14 ? 362 HOH A O   1 
HETATM 1336 O  O   . HOH C 3 .   ? -13.982 11.173  -4.612  1.00 39.51 ? 363 HOH A O   1 
HETATM 1337 O  O   . HOH C 3 .   ? -3.863  13.517  -3.955  1.00 34.44 ? 364 HOH A O   1 
HETATM 1338 O  O   . HOH C 3 .   ? 8.437   -9.370  -1.160  1.00 38.81 ? 365 HOH A O   1 
HETATM 1339 O  O   . HOH C 3 .   ? -7.832  14.892  8.526   1.00 34.17 ? 366 HOH A O   1 
HETATM 1340 O  O   . HOH C 3 .   ? 9.253   6.573   4.560   1.00 32.58 ? 367 HOH A O   1 
HETATM 1341 O  O   . HOH C 3 .   ? -8.705  2.822   19.115  1.00 34.98 ? 368 HOH A O   1 
HETATM 1342 O  O   . HOH C 3 .   ? -14.976 -7.145  1.761   1.00 41.52 ? 369 HOH A O   1 
HETATM 1343 O  O   . HOH C 3 .   ? -15.409 -5.175  3.660   1.00 36.02 ? 370 HOH A O   1 
HETATM 1344 O  O   . HOH C 3 .   ? 6.675   3.467   -16.470 1.00 40.42 ? 371 HOH A O   1 
HETATM 1345 O  O   . HOH C 3 .   ? -5.104  21.724  3.977   1.00 47.28 ? 372 HOH A O   1 
HETATM 1346 O  O   . HOH C 3 .   ? -1.281  15.162  -3.278  1.00 35.17 ? 373 HOH A O   1 
HETATM 1347 O  O   . HOH C 3 .   ? -0.072  -6.629  -16.582 1.00 38.46 ? 374 HOH A O   1 
HETATM 1348 O  O   . HOH C 3 .   ? -14.458 14.187  -1.838  1.00 46.87 ? 375 HOH A O   1 
HETATM 1349 O  O   . HOH C 3 .   ? -3.260  -3.545  23.594  1.00 59.97 ? 376 HOH A O   1 
HETATM 1350 O  O   . HOH C 3 .   ? 4.761   -2.829  17.322  1.00 37.54 ? 377 HOH A O   1 
HETATM 1351 O  O   . HOH C 3 .   ? 5.130   -7.133  6.900   1.00 36.78 ? 378 HOH A O   1 
HETATM 1352 O  O   . HOH C 3 .   ? -11.161 0.092   -10.209 1.00 42.66 ? 379 HOH A O   1 
HETATM 1353 O  O   . HOH C 3 .   ? 23.433  1.063   8.358   1.00 51.85 ? 380 HOH A O   1 
HETATM 1354 O  O   . HOH C 3 .   ? 0.339   -6.282  21.999  1.00 35.95 ? 381 HOH A O   1 
HETATM 1355 O  O   . HOH C 3 .   ? 8.974   15.890  3.985   1.00 54.18 ? 382 HOH A O   1 
HETATM 1356 O  O   . HOH C 3 .   ? 12.297  5.772   -0.787  1.00 34.97 ? 383 HOH A O   1 
HETATM 1357 O  O   . HOH C 3 .   ? -0.214  2.448   23.775  1.00 49.17 ? 384 HOH A O   1 
HETATM 1358 O  O   . HOH C 3 .   ? -17.225 13.835  4.363   1.00 39.33 ? 385 HOH A O   1 
HETATM 1359 O  O   . HOH C 3 .   ? 6.311   16.160  -4.869  1.00 50.37 ? 386 HOH A O   1 
HETATM 1360 O  O   . HOH C 3 .   ? -7.763  -2.336  20.583  1.00 51.02 ? 387 HOH A O   1 
HETATM 1361 O  O   . HOH C 3 .   ? -0.431  17.560  6.117   1.00 44.90 ? 388 HOH A O   1 
HETATM 1362 O  O   . HOH C 3 .   ? 6.836   -0.352  13.954  1.00 36.96 ? 389 HOH A O   1 
HETATM 1363 O  O   . HOH C 3 .   ? -12.513 6.577   -1.477  1.00 19.56 ? 390 HOH A O   1 
HETATM 1364 O  O   . HOH C 3 .   ? -0.820  -1.678  17.341  1.00 27.66 ? 391 HOH A O   1 
HETATM 1365 O  O   . HOH C 3 .   ? -11.388 6.786   15.345  1.00 22.29 ? 392 HOH A O   1 
HETATM 1366 O  O   . HOH C 3 .   ? -14.999 10.064  7.797   1.00 24.02 ? 393 HOH A O   1 
HETATM 1367 O  O   . HOH C 3 .   ? 18.102  6.878   -9.594  1.00 43.97 ? 394 HOH A O   1 
HETATM 1368 O  O   . HOH C 3 .   ? -6.931  -15.301 14.064  1.00 32.58 ? 395 HOH A O   1 
HETATM 1369 O  O   . HOH C 3 .   ? -14.916 0.029   7.534   1.00 20.14 ? 396 HOH A O   1 
HETATM 1370 O  O   . HOH C 3 .   ? -15.262 -2.540  0.653   1.00 27.61 ? 397 HOH A O   1 
HETATM 1371 O  O   . HOH C 3 .   ? -14.771 6.083   -2.969  1.00 26.60 ? 398 HOH A O   1 
HETATM 1372 O  O   . HOH C 3 .   ? -12.928 -2.590  -5.940  1.00 32.50 ? 399 HOH A O   1 
HETATM 1373 O  O   . HOH C 3 .   ? -3.199  6.050   -11.410 1.00 27.26 ? 400 HOH A O   1 
HETATM 1374 O  O   . HOH C 3 .   ? 2.172   -4.057  12.029  1.00 27.34 ? 401 HOH A O   1 
HETATM 1375 O  O   . HOH C 3 .   ? 7.271   6.937   -0.404  1.00 27.61 ? 402 HOH A O   1 
HETATM 1376 O  O   . HOH C 3 .   ? -1.181  14.971  6.165   1.00 26.60 ? 403 HOH A O   1 
HETATM 1377 O  O   . HOH C 3 .   ? -4.110  -7.377  28.430  1.00 41.16 ? 404 HOH A O   1 
HETATM 1378 O  O   . HOH C 3 .   ? -8.063  -15.990 27.975  1.00 27.84 ? 405 HOH A O   1 
HETATM 1379 O  O   . HOH C 3 .   ? -7.453  -8.253  28.516  1.00 53.45 ? 406 HOH A O   1 
HETATM 1380 O  O   . HOH C 3 .   ? -0.262  -11.116 29.594  1.00 31.69 ? 407 HOH A O   1 
HETATM 1381 O  O   . HOH C 3 .   ? -13.257 12.012  8.816   1.00 29.44 ? 408 HOH A O   1 
HETATM 1382 O  O   . HOH C 3 .   ? -12.588 12.445  5.290   1.00 24.40 ? 409 HOH A O   1 
HETATM 1383 O  O   . HOH C 3 .   ? -17.516 10.874  8.590   1.00 26.76 ? 410 HOH A O   1 
HETATM 1384 O  O   . HOH C 3 .   ? -3.656  -14.513 29.384  1.00 31.21 ? 411 HOH A O   1 
HETATM 1385 O  O   . HOH C 3 .   ? -17.405 -1.736  15.496  1.00 34.21 ? 412 HOH A O   1 
HETATM 1386 O  O   . HOH C 3 .   ? 19.050  -0.554  -1.865  1.00 37.46 ? 413 HOH A O   1 
HETATM 1387 O  O   . HOH C 3 .   ? 11.646  -0.406  -13.517 1.00 45.40 ? 414 HOH A O   1 
HETATM 1388 O  O   . HOH C 3 .   ? -12.804 5.093   -7.688  1.00 41.37 ? 415 HOH A O   1 
HETATM 1389 O  O   . HOH C 3 .   ? -3.785  -11.426 12.883  1.00 50.34 ? 416 HOH A O   1 
HETATM 1390 O  O   . HOH C 3 .   ? -9.135  -6.037  15.258  1.00 33.96 ? 417 HOH A O   1 
HETATM 1391 O  O   . HOH C 3 .   ? -3.717  11.495  -10.018 1.00 39.25 ? 418 HOH A O   1 
HETATM 1392 O  O   . HOH C 3 .   ? -3.845  22.160  1.298   1.00 44.35 ? 419 HOH A O   1 
HETATM 1393 O  O   . HOH C 3 .   ? -10.934 -3.225  -9.309  1.00 37.83 ? 420 HOH A O   1 
HETATM 1394 O  O   . HOH C 3 .   ? -6.211  -14.178 28.762  1.00 35.08 ? 421 HOH A O   1 
HETATM 1395 O  O   . HOH C 3 .   ? -11.265 -4.994  12.352  1.00 42.75 ? 422 HOH A O   1 
HETATM 1396 O  O   . HOH C 3 .   ? -18.600 12.174  6.325   1.00 41.88 ? 423 HOH A O   1 
HETATM 1397 O  O   . HOH C 3 .   ? 15.791  3.141   -3.933  1.00 35.09 ? 424 HOH A O   1 
HETATM 1398 O  O   . HOH C 3 .   ? 1.091   -9.725  31.867  1.00 46.54 ? 425 HOH A O   1 
HETATM 1399 O  O   . HOH C 3 .   ? -7.741  -9.224  17.950  1.00 40.19 ? 426 HOH A O   1 
HETATM 1400 O  O   . HOH C 3 .   ? -5.154  -5.601  26.225  1.00 41.77 ? 427 HOH A O   1 
HETATM 1401 O  O   . HOH C 3 .   ? -9.127  -4.101  17.106  1.00 35.97 ? 428 HOH A O   1 
HETATM 1402 O  O   . HOH C 3 .   ? -14.511 4.887   -5.523  1.00 40.48 ? 429 HOH A O   1 
HETATM 1403 O  O   . HOH C 3 .   ? 11.156  -3.483  -14.400 1.00 48.20 ? 430 HOH A O   1 
HETATM 1404 O  O   . HOH C 3 .   ? -15.182 -6.747  -0.909  1.00 48.90 ? 431 HOH A O   1 
HETATM 1405 O  O   . HOH C 3 .   ? 11.248  4.486   4.626   1.00 43.23 ? 432 HOH A O   1 
HETATM 1406 O  O   . HOH C 3 .   ? -5.503  11.661  -6.248  1.00 37.47 ? 433 HOH A O   1 
HETATM 1407 O  O   . HOH C 3 .   ? 8.189   -6.119  -22.085 1.00 61.63 ? 434 HOH A O   1 
HETATM 1408 O  O   . HOH C 3 .   ? -0.667  1.415   -18.014 1.00 51.76 ? 435 HOH A O   1 
HETATM 1409 O  O   . HOH C 3 .   ? 3.924   -3.007  22.307  1.00 52.97 ? 436 HOH A O   1 
HETATM 1410 O  O   . HOH C 3 .   ? -15.543 -4.144  14.224  1.00 48.79 ? 437 HOH A O   1 
HETATM 1411 O  O   . HOH C 3 .   ? -11.268 -8.503  -6.780  1.00 47.45 ? 438 HOH A O   1 
HETATM 1412 O  O   . HOH C 3 .   ? -8.637  19.757  3.847   1.00 38.15 ? 439 HOH A O   1 
HETATM 1413 O  O   . HOH C 3 .   ? -3.234  0.563   -16.862 1.00 51.56 ? 440 HOH A O   1 
HETATM 1414 O  O   . HOH C 3 .   ? -4.986  -11.844 10.231  1.00 45.07 ? 441 HOH A O   1 
HETATM 1415 O  O   . HOH C 3 .   ? 11.621  -7.246  -0.489  1.00 43.31 ? 442 HOH A O   1 
HETATM 1416 O  O   . HOH C 3 .   ? -14.755 0.025   -6.253  1.00 50.62 ? 443 HOH A O   1 
HETATM 1417 O  O   . HOH C 3 .   ? 3.906   -0.226  19.074  1.00 49.18 ? 444 HOH A O   1 
HETATM 1418 O  O   . HOH C 3 .   ? -8.137  17.660  -3.270  1.00 54.68 ? 445 HOH A O   1 
HETATM 1419 O  O   . HOH C 3 .   ? -6.491  6.362   -13.329 0.50 37.86 ? 446 HOH A O   1 
HETATM 1420 O  O   . HOH C 3 .   ? 11.817  6.906   -3.364  1.00 53.36 ? 447 HOH A O   1 
HETATM 1421 O  O   . HOH C 3 .   ? -14.137 0.362   -8.820  1.00 51.09 ? 448 HOH A O   1 
HETATM 1422 O  O   . HOH C 3 .   ? 3.098   -8.527  16.847  1.00 50.06 ? 449 HOH A O   1 
HETATM 1423 O  O   . HOH C 3 .   ? -4.097  -11.809 6.255   1.00 43.98 ? 450 HOH A O   1 
HETATM 1424 O  O   . HOH C 3 .   ? 19.608  2.950   -2.563  1.00 50.45 ? 451 HOH A O   1 
HETATM 1425 O  O   . HOH C 3 .   ? 3.692   16.450  2.895   1.00 41.08 ? 452 HOH A O   1 
HETATM 1426 O  O   . HOH C 3 .   ? 6.653   16.599  4.983   1.00 46.66 ? 453 HOH A O   1 
HETATM 1427 O  O   . HOH C 3 .   ? -17.307 2.827   -3.990  1.00 42.43 ? 454 HOH A O   1 
HETATM 1428 O  O   . HOH C 3 .   ? -11.325 8.460   -9.568  1.00 46.64 ? 455 HOH A O   1 
HETATM 1429 O  O   . HOH C 3 .   ? -3.074  -12.874 8.164   1.00 45.59 ? 456 HOH A O   1 
HETATM 1430 O  O   . HOH C 3 .   ? 7.708   4.437   12.889  1.00 45.22 ? 457 HOH A O   1 
HETATM 1431 O  O   . HOH C 3 .   ? 5.959   13.371  -4.307  1.00 52.65 ? 458 HOH A O   1 
HETATM 1432 O  O   . HOH C 3 .   ? -12.646 15.969  0.375   1.00 41.53 ? 459 HOH A O   1 
HETATM 1433 O  O   . HOH C 3 .   ? 18.702  6.095   4.062   1.00 54.25 ? 460 HOH A O   1 
HETATM 1434 O  O   . HOH C 3 .   ? 12.127  -0.536  12.397  1.00 54.33 ? 461 HOH A O   1 
HETATM 1435 O  O   . HOH C 3 .   ? 9.953   -7.151  6.995   1.00 40.69 ? 462 HOH A O   1 
HETATM 1436 O  O   . HOH C 3 .   ? 10.512  -7.222  2.310   1.00 39.34 ? 463 HOH A O   1 
HETATM 1437 O  O   . HOH C 3 .   ? -5.488  -8.501  25.930  1.00 28.35 ? 464 HOH A O   1 
HETATM 1438 O  O   . HOH C 3 .   ? -7.388  -9.556  22.925  1.00 59.45 ? 465 HOH A O   1 
HETATM 1439 O  O   . HOH C 3 .   ? 13.998  -2.593  9.983   1.00 58.21 ? 466 HOH A O   1 
HETATM 1440 O  O   . HOH C 3 .   ? -5.341  18.178  -2.338  1.00 53.78 ? 467 HOH A O   1 
HETATM 1441 O  O   . HOH C 3 .   ? -6.986  -6.857  23.330  1.00 63.29 ? 468 HOH A O   1 
HETATM 1442 O  O   . HOH C 3 .   ? -11.234 -1.877  27.300  1.00 49.79 ? 469 HOH A O   1 
HETATM 1443 O  O   . HOH C 3 .   ? -5.134  -5.001  23.548  1.00 52.93 ? 470 HOH A O   1 
HETATM 1444 O  O   . HOH C 3 .   ? -3.038  -3.437  26.540  1.00 58.51 ? 471 HOH A O   1 
HETATM 1445 O  O   . HOH C 3 .   ? -9.700  -7.373  -8.533  1.00 50.42 ? 472 HOH A O   1 
HETATM 1446 O  O   . HOH C 3 .   ? -7.712  -13.801 -8.105  1.00 55.16 ? 473 HOH A O   1 
HETATM 1447 O  O   . HOH C 3 .   ? -16.880 -1.401  -5.710  1.00 41.14 ? 474 HOH A O   1 
HETATM 1448 O  O   . HOH C 3 .   ? 4.275   -10.719 6.254   1.00 45.47 ? 475 HOH A O   1 
HETATM 1449 O  O   . HOH C 3 .   ? 7.822   -8.205  7.064   1.00 41.43 ? 476 HOH A O   1 
HETATM 1450 O  O   . HOH C 3 .   ? 20.011  3.481   0.586   1.00 53.67 ? 477 HOH A O   1 
# 
